data_6S3S
#
_entry.id   6S3S
#
_cell.length_a   1.00
_cell.length_b   1.00
_cell.length_c   1.00
_cell.angle_alpha   90.00
_cell.angle_beta   90.00
_cell.angle_gamma   90.00
#
_symmetry.space_group_name_H-M   'P 1'
#
loop_
_entity.id
_entity.type
_entity.pdbx_description
1 polymer 'Flagellar biosynthetic protein FliP'
2 polymer 'Flagellar biosynthetic protein FliR'
3 polymer 'Flagellar biosynthetic protein FliQ'
#
loop_
_entity_poly.entity_id
_entity_poly.type
_entity_poly.pdbx_seq_one_letter_code
_entity_poly.pdbx_strand_id
1 'polypeptide(L)'
;MKRTQRLNLTSWLTTGLLTWLLSGMLGFASLAFAEEPLNTGIPSTAAGASSVTVTALEKEQGNAKTIALGSSSGGSGIPA
FTMTTNPDGSEDYSINLQILALMTMLGFLPAMVILMTSFTRIVVVMSILRQAMGLQQTPSNQVIIGIALFLTFFIMAPVF
NQINEQAVQPYLNEQISARQAFDLAQEPMKAFMLKQTRIKDLETFVEMSGSQVTAPEQVSMAVLIPAFITSELKTAFQIG
FMLFLPFLIIDLVVASVLMAMGMMMLSPMIVSLPFKLMLFVLVDGWNLILSTLAGSFAL
;
A,B,C,D,E
2 'polypeptide(L)'
;MEYPASVVLDFIANYFWPYTRIAAMLMVMTVTGARFVPARVRLYLGLALTFAVMPAIPAVPSDIALLSLQGFMITFEQIV
IGMAMGMVTQFLVQIFVMLGQILGMQSSLGFASMVDPANGQNTPLLGQMFMLLATLFFLSSDGHLKMIQLVVFSFKSLPI
GSGSLTTVDYRELALWLGIMFKASLAVSLSGIIALLTVNLSFGVMTRAAPQLNIFSLGFSFALLVGLLLCWYILSGLYTH
YEIYWQETEEQICRLIRLNCENLYFQGQFGSWSHPQFEKGGGSGGGSGGGSWSHPQFEK
;
F
3 'polypeptide(L)'
;MTPEIFVELFKESLWLVLIMVCAIIIPSLLIGLVVAIFQAATSINEQTLSFLPRLIITLLALMFFGHWMTQMLMDFFYSM
IERLPQVLY
;
G,H,I,J
#
# COMPACT_ATOMS: atom_id res chain seq x y z
N LEU A 109 -26.06 -18.88 7.25
CA LEU A 109 -27.28 -18.77 8.04
C LEU A 109 -27.23 -19.51 9.39
N PRO A 110 -26.59 -20.68 9.46
CA PRO A 110 -26.30 -21.26 10.77
C PRO A 110 -25.15 -20.60 11.48
N ALA A 111 -24.30 -19.87 10.77
CA ALA A 111 -23.12 -19.25 11.35
C ALA A 111 -23.45 -18.20 12.41
N MET A 112 -24.73 -17.94 12.66
CA MET A 112 -25.07 -17.11 13.81
C MET A 112 -24.78 -17.84 15.11
N VAL A 113 -25.03 -19.16 15.15
CA VAL A 113 -24.82 -19.93 16.36
C VAL A 113 -23.38 -19.79 16.83
N ILE A 114 -22.43 -20.04 15.93
CA ILE A 114 -21.02 -19.87 16.29
C ILE A 114 -20.73 -18.43 16.64
N LEU A 115 -21.43 -17.48 16.02
CA LEU A 115 -21.27 -16.08 16.37
C LEU A 115 -22.08 -15.68 17.58
N MET A 116 -22.92 -16.56 18.12
CA MET A 116 -23.48 -16.37 19.44
C MET A 116 -22.47 -16.66 20.53
N THR A 117 -21.39 -17.36 20.20
CA THR A 117 -20.39 -17.78 21.16
C THR A 117 -19.33 -16.71 21.39
N SER A 118 -18.23 -17.11 22.03
CA SER A 118 -17.07 -16.25 22.16
C SER A 118 -16.18 -16.33 20.93
N PHE A 119 -16.78 -16.15 19.75
CA PHE A 119 -16.07 -16.27 18.50
C PHE A 119 -15.69 -14.90 17.95
N THR A 120 -16.65 -13.99 17.92
CA THR A 120 -16.45 -12.65 17.43
C THR A 120 -15.43 -11.86 18.25
N ARG A 121 -15.16 -12.28 19.49
CA ARG A 121 -14.15 -11.57 20.25
C ARG A 121 -12.75 -12.00 19.83
N ILE A 122 -12.54 -13.31 19.71
CA ILE A 122 -11.21 -13.77 19.34
C ILE A 122 -10.88 -13.39 17.92
N VAL A 123 -11.86 -13.45 17.01
CA VAL A 123 -11.62 -12.97 15.65
C VAL A 123 -11.08 -11.55 15.69
N VAL A 124 -11.76 -10.67 16.43
CA VAL A 124 -11.37 -9.27 16.44
C VAL A 124 -10.01 -9.08 17.08
N VAL A 125 -9.74 -9.77 18.20
CA VAL A 125 -8.46 -9.57 18.85
C VAL A 125 -7.32 -10.01 17.94
N MET A 126 -7.50 -11.15 17.27
CA MET A 126 -6.47 -11.60 16.36
C MET A 126 -6.32 -10.68 15.16
N SER A 127 -7.41 -10.11 14.66
CA SER A 127 -7.27 -9.17 13.56
C SER A 127 -6.58 -7.90 13.98
N ILE A 128 -6.83 -7.41 15.19
CA ILE A 128 -6.06 -6.26 15.66
C ILE A 128 -4.60 -6.63 15.78
N LEU A 129 -4.30 -7.85 16.20
CA LEU A 129 -2.90 -8.21 16.36
C LEU A 129 -2.20 -8.32 15.02
N ARG A 130 -2.79 -9.01 14.06
CA ARG A 130 -2.13 -9.16 12.75
C ARG A 130 -1.76 -7.81 12.19
N GLN A 131 -2.60 -6.80 12.42
CA GLN A 131 -2.35 -5.45 11.94
C GLN A 131 -1.51 -4.65 12.90
N ALA A 132 -1.29 -5.17 14.11
CA ALA A 132 -0.52 -4.42 15.08
C ALA A 132 0.93 -4.31 14.66
N MET A 133 1.48 -5.37 14.06
CA MET A 133 2.89 -5.40 13.72
C MET A 133 3.05 -5.50 12.21
N GLY A 134 2.90 -4.37 11.52
CA GLY A 134 3.31 -4.29 10.13
C GLY A 134 2.45 -5.13 9.21
N LEU A 135 2.24 -6.38 9.63
CA LEU A 135 1.70 -7.44 8.80
C LEU A 135 0.33 -7.07 8.25
N GLN A 136 0.19 -7.03 6.94
CA GLN A 136 -1.13 -7.01 6.33
C GLN A 136 -1.26 -8.22 5.42
N GLN A 137 -2.42 -8.87 5.48
CA GLN A 137 -2.71 -10.06 4.68
C GLN A 137 -1.72 -11.20 4.94
N THR A 138 -0.90 -11.04 5.96
CA THR A 138 -0.31 -12.19 6.63
C THR A 138 -1.43 -12.90 7.39
N PRO A 139 -1.15 -14.01 8.10
CA PRO A 139 -1.99 -15.20 7.91
C PRO A 139 -3.42 -14.87 7.58
N SER A 140 -3.86 -15.31 6.40
CA SER A 140 -5.06 -14.80 5.77
C SER A 140 -6.23 -14.80 6.73
N ASN A 141 -7.17 -13.88 6.49
CA ASN A 141 -8.40 -13.85 7.28
C ASN A 141 -8.99 -15.25 7.45
N GLN A 142 -8.76 -16.13 6.49
CA GLN A 142 -9.14 -17.51 6.65
C GLN A 142 -8.33 -18.18 7.77
N VAL A 143 -7.05 -17.87 7.88
CA VAL A 143 -6.22 -18.46 8.93
C VAL A 143 -6.69 -18.02 10.31
N ILE A 144 -6.97 -16.73 10.48
CA ILE A 144 -7.43 -16.25 11.77
C ILE A 144 -8.83 -16.75 12.07
N ILE A 145 -9.66 -16.88 11.04
CA ILE A 145 -10.95 -17.53 11.27
C ILE A 145 -10.72 -18.93 11.80
N GLY A 146 -9.72 -19.63 11.28
CA GLY A 146 -9.40 -20.95 11.80
C GLY A 146 -8.95 -20.95 13.25
N ILE A 147 -7.99 -20.09 13.57
CA ILE A 147 -7.48 -20.03 14.94
C ILE A 147 -8.60 -19.69 15.92
N ALA A 148 -9.53 -18.84 15.48
CA ALA A 148 -10.66 -18.52 16.34
C ALA A 148 -11.62 -19.67 16.46
N LEU A 149 -11.90 -20.38 15.36
CA LEU A 149 -12.79 -21.52 15.44
C LEU A 149 -12.22 -22.62 16.31
N PHE A 150 -10.91 -22.66 16.48
CA PHE A 150 -10.32 -23.62 17.42
C PHE A 150 -10.36 -23.14 18.86
N LEU A 151 -9.94 -21.90 19.11
CA LEU A 151 -10.03 -21.39 20.48
C LEU A 151 -11.47 -21.40 20.98
N THR A 152 -12.45 -21.28 20.09
CA THR A 152 -13.83 -21.33 20.54
C THR A 152 -14.22 -22.74 20.96
N PHE A 153 -13.84 -23.75 20.19
CA PHE A 153 -14.07 -25.11 20.63
C PHE A 153 -13.36 -25.39 21.95
N PHE A 154 -12.23 -24.74 22.20
CA PHE A 154 -11.53 -24.94 23.46
C PHE A 154 -12.25 -24.24 24.61
N ILE A 155 -12.82 -23.06 24.36
CA ILE A 155 -13.43 -22.29 25.43
C ILE A 155 -14.83 -22.82 25.74
N MET A 156 -15.69 -22.87 24.73
CA MET A 156 -17.09 -23.20 24.94
C MET A 156 -17.33 -24.67 25.23
N ALA A 157 -16.26 -25.43 25.51
CA ALA A 157 -16.44 -26.85 25.81
C ALA A 157 -17.46 -27.13 26.91
N PRO A 158 -17.46 -26.44 28.06
CA PRO A 158 -18.52 -26.72 29.05
C PRO A 158 -19.91 -26.49 28.51
N VAL A 159 -20.11 -25.44 27.71
CA VAL A 159 -21.43 -25.17 27.16
C VAL A 159 -21.85 -26.28 26.22
N PHE A 160 -21.00 -26.64 25.26
CA PHE A 160 -21.34 -27.72 24.36
C PHE A 160 -21.52 -29.03 25.11
N ASN A 161 -20.87 -29.19 26.25
CA ASN A 161 -21.10 -30.38 27.07
C ASN A 161 -22.50 -30.37 27.67
N GLN A 162 -22.88 -29.25 28.28
CA GLN A 162 -24.25 -29.10 28.76
C GLN A 162 -25.25 -29.41 27.67
N ILE A 163 -24.97 -28.95 26.46
CA ILE A 163 -25.87 -29.20 25.35
C ILE A 163 -25.91 -30.68 25.01
N ASN A 164 -24.75 -31.29 24.81
CA ASN A 164 -24.69 -32.66 24.33
C ASN A 164 -25.25 -33.64 25.36
N GLU A 165 -24.65 -33.68 26.54
CA GLU A 165 -25.00 -34.68 27.53
C GLU A 165 -26.31 -34.40 28.24
N GLN A 166 -27.10 -33.43 27.77
CA GLN A 166 -28.36 -33.14 28.41
C GLN A 166 -29.53 -32.96 27.43
N ALA A 167 -29.28 -32.59 26.18
CA ALA A 167 -30.38 -32.40 25.25
C ALA A 167 -30.14 -33.10 23.93
N VAL A 168 -28.88 -33.27 23.55
CA VAL A 168 -28.55 -33.83 22.24
C VAL A 168 -28.80 -35.32 22.20
N GLN A 169 -28.09 -36.08 23.04
CA GLN A 169 -28.24 -37.52 23.08
C GLN A 169 -29.66 -37.92 23.43
N PRO A 170 -30.31 -37.31 24.44
CA PRO A 170 -31.73 -37.62 24.66
C PRO A 170 -32.62 -37.26 23.50
N TYR A 171 -32.14 -36.45 22.55
CA TYR A 171 -32.90 -36.24 21.33
C TYR A 171 -32.60 -37.30 20.28
N LEU A 172 -31.39 -37.86 20.28
CA LEU A 172 -31.16 -39.06 19.48
C LEU A 172 -31.88 -40.27 20.05
N ASN A 173 -32.38 -40.14 21.28
CA ASN A 173 -33.22 -41.11 21.96
C ASN A 173 -34.54 -40.41 22.23
N GLU A 174 -35.14 -39.83 21.18
CA GLU A 174 -35.89 -38.58 21.25
C GLU A 174 -36.76 -38.46 22.49
N GLN A 175 -37.77 -39.33 22.63
CA GLN A 175 -38.70 -39.35 23.76
C GLN A 175 -39.11 -37.94 24.18
N ILE A 176 -39.15 -37.02 23.22
CA ILE A 176 -39.35 -35.60 23.51
C ILE A 176 -39.72 -34.90 22.20
N SER A 177 -40.32 -33.73 22.30
CA SER A 177 -40.52 -32.91 21.13
C SER A 177 -39.21 -32.29 20.67
N ALA A 178 -39.04 -32.21 19.35
CA ALA A 178 -37.79 -31.68 18.80
C ALA A 178 -37.52 -30.27 19.29
N ARG A 179 -38.56 -29.44 19.35
CA ARG A 179 -38.40 -28.07 19.83
C ARG A 179 -38.07 -28.02 21.32
N GLN A 180 -38.44 -29.05 22.09
CA GLN A 180 -38.03 -29.09 23.49
C GLN A 180 -36.52 -29.11 23.63
N ALA A 181 -35.83 -29.76 22.69
CA ALA A 181 -34.37 -29.77 22.72
C ALA A 181 -33.82 -28.36 22.61
N PHE A 182 -34.28 -27.59 21.62
CA PHE A 182 -33.87 -26.20 21.53
C PHE A 182 -34.23 -25.42 22.78
N ASP A 183 -35.44 -25.63 23.30
CA ASP A 183 -35.90 -24.94 24.50
C ASP A 183 -34.99 -25.18 25.70
N LEU A 184 -34.56 -26.41 25.91
CA LEU A 184 -33.65 -26.73 26.99
C LEU A 184 -32.21 -26.35 26.68
N ALA A 185 -31.88 -26.20 25.40
CA ALA A 185 -30.56 -25.73 25.01
C ALA A 185 -30.49 -24.21 24.89
N GLN A 186 -31.64 -23.57 24.68
CA GLN A 186 -31.68 -22.12 24.67
C GLN A 186 -31.30 -21.54 26.03
N GLU A 187 -31.45 -22.34 27.09
CA GLU A 187 -31.20 -21.81 28.43
C GLU A 187 -29.71 -21.76 28.78
N PRO A 188 -28.92 -22.82 28.61
CA PRO A 188 -27.50 -22.72 29.00
C PRO A 188 -26.72 -21.73 28.18
N MET A 189 -26.95 -21.67 26.87
CA MET A 189 -26.27 -20.67 26.06
C MET A 189 -26.63 -19.27 26.54
N LYS A 190 -27.90 -19.06 26.87
CA LYS A 190 -28.33 -17.81 27.50
C LYS A 190 -27.52 -17.53 28.76
N ALA A 191 -27.50 -18.47 29.70
CA ALA A 191 -26.77 -18.28 30.94
C ALA A 191 -25.31 -17.97 30.69
N PHE A 192 -24.71 -18.52 29.64
CA PHE A 192 -23.34 -18.17 29.34
C PHE A 192 -23.22 -16.70 28.98
N MET A 193 -24.05 -16.23 28.05
CA MET A 193 -23.99 -14.83 27.64
C MET A 193 -24.20 -13.90 28.83
N LEU A 194 -25.20 -14.21 29.67
CA LEU A 194 -25.53 -13.31 30.76
C LEU A 194 -24.38 -13.09 31.72
N LYS A 195 -23.40 -13.99 31.74
CA LYS A 195 -22.19 -13.77 32.50
C LYS A 195 -21.23 -12.84 31.79
N GLN A 196 -21.49 -12.52 30.52
CA GLN A 196 -20.59 -11.69 29.74
C GLN A 196 -21.14 -10.33 29.39
N THR A 197 -22.43 -10.21 29.10
CA THR A 197 -22.99 -8.94 28.68
C THR A 197 -22.91 -7.93 29.80
N ARG A 198 -22.63 -6.68 29.44
CA ARG A 198 -22.64 -5.62 30.42
C ARG A 198 -24.06 -5.34 30.88
N ILE A 199 -24.18 -4.69 32.03
CA ILE A 199 -25.50 -4.34 32.52
C ILE A 199 -26.08 -3.17 31.74
N LYS A 200 -25.26 -2.16 31.46
CA LYS A 200 -25.72 -1.01 30.70
C LYS A 200 -26.28 -1.43 29.36
N ASP A 201 -25.56 -2.30 28.64
CA ASP A 201 -26.04 -2.77 27.34
C ASP A 201 -27.38 -3.47 27.49
N LEU A 202 -27.51 -4.32 28.50
CA LEU A 202 -28.74 -5.06 28.69
C LEU A 202 -29.92 -4.16 28.97
N GLU A 203 -29.79 -3.23 29.92
CA GLU A 203 -30.89 -2.32 30.22
C GLU A 203 -31.21 -1.39 29.05
N THR A 204 -30.19 -0.92 28.33
CA THR A 204 -30.43 -0.05 27.19
C THR A 204 -31.17 -0.78 26.09
N PHE A 205 -30.82 -2.03 25.84
CA PHE A 205 -31.56 -2.79 24.84
C PHE A 205 -32.93 -3.22 25.33
N VAL A 206 -33.14 -3.34 26.63
CA VAL A 206 -34.49 -3.51 27.15
C VAL A 206 -35.33 -2.28 26.89
N GLU A 207 -34.78 -1.09 27.15
CA GLU A 207 -35.44 0.14 26.73
C GLU A 207 -35.78 0.10 25.25
N MET A 208 -34.76 -0.11 24.41
CA MET A 208 -34.93 -0.02 22.96
C MET A 208 -35.92 -1.06 22.45
N SER A 209 -36.01 -2.20 23.11
CA SER A 209 -36.98 -3.22 22.72
C SER A 209 -38.41 -2.75 22.89
N GLY A 210 -38.63 -1.74 23.73
CA GLY A 210 -39.97 -1.31 24.07
C GLY A 210 -40.62 -2.12 25.17
N SER A 211 -40.16 -3.34 25.42
CA SER A 211 -40.68 -4.12 26.53
C SER A 211 -40.30 -3.46 27.85
N GLN A 212 -41.10 -3.75 28.87
CA GLN A 212 -40.84 -3.21 30.20
C GLN A 212 -39.52 -3.73 30.73
N VAL A 213 -38.93 -2.97 31.66
CA VAL A 213 -37.68 -3.38 32.27
C VAL A 213 -37.99 -4.55 33.20
N THR A 214 -37.72 -5.76 32.75
CA THR A 214 -37.95 -6.95 33.54
C THR A 214 -36.63 -7.47 34.08
N ALA A 215 -36.72 -8.41 35.00
CA ALA A 215 -35.53 -8.95 35.63
C ALA A 215 -34.64 -9.64 34.59
N PRO A 216 -33.33 -9.63 34.79
CA PRO A 216 -32.44 -10.45 33.96
C PRO A 216 -32.81 -11.93 34.10
N GLU A 217 -32.15 -12.75 33.31
CA GLU A 217 -32.43 -14.18 33.23
C GLU A 217 -33.86 -14.44 32.81
N GLN A 218 -34.53 -13.43 32.27
CA GLN A 218 -35.93 -13.50 31.89
C GLN A 218 -36.18 -12.95 30.50
N VAL A 219 -35.29 -12.11 29.99
CA VAL A 219 -35.48 -11.52 28.66
C VAL A 219 -35.21 -12.57 27.59
N SER A 220 -35.96 -12.47 26.49
CA SER A 220 -35.84 -13.44 25.42
C SER A 220 -34.44 -13.43 24.82
N MET A 221 -34.11 -14.50 24.11
CA MET A 221 -32.80 -14.62 23.48
C MET A 221 -32.58 -13.54 22.43
N ALA A 222 -33.64 -13.13 21.75
CA ALA A 222 -33.54 -12.18 20.66
C ALA A 222 -32.97 -10.83 21.11
N VAL A 223 -33.17 -10.44 22.35
CA VAL A 223 -32.61 -9.20 22.84
C VAL A 223 -31.22 -9.49 23.38
N LEU A 224 -30.99 -10.75 23.77
CA LEU A 224 -29.70 -11.12 24.32
C LEU A 224 -28.62 -11.11 23.24
N ILE A 225 -28.96 -11.59 22.04
CA ILE A 225 -27.95 -11.73 20.99
C ILE A 225 -27.23 -10.42 20.72
N PRO A 226 -27.89 -9.33 20.31
CA PRO A 226 -27.13 -8.12 19.99
C PRO A 226 -26.54 -7.46 21.21
N ALA A 227 -27.23 -7.48 22.35
CA ALA A 227 -26.64 -7.02 23.58
C ALA A 227 -25.39 -7.81 23.93
N PHE A 228 -25.36 -9.09 23.57
CA PHE A 228 -24.15 -9.86 23.79
C PHE A 228 -23.05 -9.43 22.84
N ILE A 229 -23.37 -9.28 21.56
CA ILE A 229 -22.34 -9.05 20.57
C ILE A 229 -21.73 -7.66 20.75
N THR A 230 -22.55 -6.68 21.11
CA THR A 230 -22.03 -5.34 21.33
C THR A 230 -21.14 -5.26 22.55
N SER A 231 -21.52 -5.94 23.63
CA SER A 231 -20.65 -6.07 24.79
C SER A 231 -19.35 -6.77 24.44
N GLU A 232 -19.41 -7.83 23.65
CA GLU A 232 -18.22 -8.50 23.18
C GLU A 232 -17.32 -7.59 22.37
N LEU A 233 -17.87 -6.86 21.42
CA LEU A 233 -17.09 -5.91 20.65
C LEU A 233 -16.46 -4.85 21.53
N LYS A 234 -17.20 -4.33 22.51
CA LYS A 234 -16.61 -3.40 23.45
C LYS A 234 -15.41 -4.02 24.14
N THR A 235 -15.58 -5.19 24.73
CA THR A 235 -14.47 -5.84 25.43
C THR A 235 -13.30 -6.08 24.49
N ALA A 236 -13.58 -6.49 23.26
CA ALA A 236 -12.51 -6.87 22.35
C ALA A 236 -11.72 -5.68 21.86
N PHE A 237 -12.40 -4.61 21.46
CA PHE A 237 -11.69 -3.43 21.01
C PHE A 237 -10.89 -2.78 22.12
N GLN A 238 -11.24 -3.02 23.38
CA GLN A 238 -10.42 -2.56 24.49
C GLN A 238 -9.23 -3.45 24.74
N ILE A 239 -9.45 -4.76 24.85
CA ILE A 239 -8.35 -5.68 25.05
C ILE A 239 -7.32 -5.51 23.94
N GLY A 240 -7.75 -5.59 22.69
CA GLY A 240 -6.82 -5.49 21.58
C GLY A 240 -6.05 -4.18 21.60
N PHE A 241 -6.75 -3.07 21.73
CA PHE A 241 -6.07 -1.78 21.72
C PHE A 241 -5.13 -1.62 22.91
N MET A 242 -5.31 -2.39 23.97
CA MET A 242 -4.31 -2.38 25.04
C MET A 242 -3.19 -3.39 24.81
N LEU A 243 -3.42 -4.40 23.97
CA LEU A 243 -2.33 -5.19 23.43
C LEU A 243 -1.70 -4.53 22.22
N PHE A 244 -2.48 -3.76 21.47
CA PHE A 244 -1.96 -3.00 20.36
C PHE A 244 -0.93 -1.98 20.80
N LEU A 245 -1.25 -1.22 21.83
CA LEU A 245 -0.44 -0.09 22.29
C LEU A 245 1.04 -0.42 22.41
N PRO A 246 1.43 -1.54 23.03
CA PRO A 246 2.86 -1.84 23.10
C PRO A 246 3.51 -1.95 21.74
N PHE A 247 2.95 -2.72 20.82
CA PHE A 247 3.51 -2.85 19.48
C PHE A 247 3.61 -1.53 18.75
N LEU A 248 2.90 -0.52 19.22
CA LEU A 248 3.05 0.82 18.68
C LEU A 248 4.13 1.61 19.38
N ILE A 249 4.43 1.29 20.65
CA ILE A 249 5.59 1.89 21.30
C ILE A 249 6.84 1.63 20.49
N ILE A 250 7.02 0.39 20.04
CA ILE A 250 8.22 0.04 19.28
C ILE A 250 8.26 0.84 17.99
N ASP A 251 7.10 0.97 17.32
CA ASP A 251 7.05 1.71 16.07
C ASP A 251 7.49 3.15 16.28
N LEU A 252 6.90 3.81 17.27
CA LEU A 252 7.30 5.19 17.52
C LEU A 252 8.77 5.29 17.89
N VAL A 253 9.26 4.38 18.73
CA VAL A 253 10.65 4.42 19.15
C VAL A 253 11.56 4.34 17.94
N VAL A 254 11.34 3.36 17.08
CA VAL A 254 12.26 3.13 15.98
C VAL A 254 12.14 4.21 14.93
N ALA A 255 10.92 4.71 14.69
CA ALA A 255 10.80 5.82 13.76
C ALA A 255 11.51 7.06 14.26
N SER A 256 11.39 7.36 15.55
CA SER A 256 12.14 8.46 16.14
C SER A 256 13.64 8.24 16.04
N VAL A 257 14.12 7.03 16.30
CA VAL A 257 15.56 6.79 16.22
C VAL A 257 16.05 6.97 14.79
N LEU A 258 15.27 6.48 13.82
CA LEU A 258 15.60 6.73 12.42
C LEU A 258 15.72 8.22 12.17
N MET A 259 14.62 8.94 12.37
CA MET A 259 14.65 10.39 12.14
C MET A 259 15.79 11.07 12.87
N ALA A 260 16.25 10.48 13.99
CA ALA A 260 17.37 11.07 14.71
C ALA A 260 18.61 11.15 13.86
N MET A 261 19.18 10.01 13.51
CA MET A 261 20.23 10.02 12.51
C MET A 261 19.71 10.45 11.15
N GLY A 262 18.40 10.50 10.97
CA GLY A 262 17.79 11.00 9.76
C GLY A 262 17.29 9.91 8.85
N MET A 263 17.77 9.94 7.61
CA MET A 263 17.51 8.95 6.59
C MET A 263 16.09 9.03 6.04
N MET A 264 15.19 9.67 6.78
CA MET A 264 13.99 10.30 6.22
C MET A 264 13.10 9.36 5.41
N MET A 265 13.58 8.17 5.08
CA MET A 265 12.96 7.37 4.04
C MET A 265 12.86 5.90 4.35
N LEU A 266 13.71 5.37 5.21
CA LEU A 266 13.68 3.96 5.51
C LEU A 266 12.36 3.65 6.19
N SER A 267 11.44 3.02 5.45
CA SER A 267 10.06 2.87 5.94
C SER A 267 10.04 2.16 7.28
N PRO A 268 9.77 2.87 8.38
CA PRO A 268 9.84 2.26 9.70
C PRO A 268 8.77 1.23 10.00
N MET A 269 7.94 0.87 9.02
CA MET A 269 7.02 -0.24 9.21
C MET A 269 7.62 -1.58 8.81
N ILE A 270 8.88 -1.61 8.36
CA ILE A 270 9.59 -2.86 8.19
C ILE A 270 10.84 -2.93 9.04
N VAL A 271 11.60 -1.85 9.17
CA VAL A 271 12.78 -1.87 10.01
C VAL A 271 12.42 -2.13 11.46
N SER A 272 11.14 -2.04 11.81
CA SER A 272 10.69 -2.34 13.16
C SER A 272 10.08 -3.73 13.29
N LEU A 273 9.84 -4.42 12.20
CA LEU A 273 9.13 -5.68 12.31
C LEU A 273 9.99 -6.75 12.96
N PRO A 274 11.30 -6.77 12.75
CA PRO A 274 12.13 -7.65 13.60
C PRO A 274 11.96 -7.38 15.07
N PHE A 275 12.06 -6.13 15.49
CA PHE A 275 11.88 -5.83 16.91
C PHE A 275 10.51 -6.26 17.39
N LYS A 276 9.47 -6.00 16.60
CA LYS A 276 8.13 -6.39 16.99
C LYS A 276 8.04 -7.88 17.23
N LEU A 277 8.56 -8.68 16.31
CA LEU A 277 8.44 -10.13 16.49
C LEU A 277 9.31 -10.62 17.65
N MET A 278 10.52 -10.11 17.76
CA MET A 278 11.38 -10.51 18.88
C MET A 278 10.70 -10.21 20.20
N LEU A 279 10.10 -9.03 20.32
CA LEU A 279 9.48 -8.64 21.57
C LEU A 279 8.14 -9.31 21.80
N PHE A 280 7.46 -9.71 20.74
CA PHE A 280 6.24 -10.48 20.90
C PHE A 280 6.52 -11.92 21.29
N VAL A 281 7.68 -12.46 20.91
CA VAL A 281 8.00 -13.83 21.28
C VAL A 281 8.73 -13.90 22.61
N LEU A 282 9.44 -12.84 22.99
CA LEU A 282 10.07 -12.82 24.30
C LEU A 282 9.08 -12.93 25.44
N VAL A 283 7.85 -12.48 25.23
CA VAL A 283 6.79 -12.69 26.19
C VAL A 283 5.98 -13.93 25.89
N ASP A 284 6.33 -14.65 24.82
CA ASP A 284 5.69 -15.87 24.35
C ASP A 284 4.31 -15.57 23.79
N GLY A 285 3.81 -14.37 24.04
CA GLY A 285 2.75 -13.80 23.25
C GLY A 285 1.48 -14.62 23.34
N TRP A 286 1.50 -15.74 22.65
CA TRP A 286 0.28 -16.50 22.48
C TRP A 286 -0.11 -17.24 23.74
N ASN A 287 0.86 -17.80 24.45
CA ASN A 287 0.60 -18.38 25.76
C ASN A 287 0.18 -17.34 26.77
N LEU A 288 0.30 -16.05 26.44
CA LEU A 288 -0.31 -15.01 27.24
C LEU A 288 -1.55 -14.42 26.61
N ILE A 289 -1.57 -14.23 25.29
CA ILE A 289 -2.72 -13.65 24.64
C ILE A 289 -3.82 -14.67 24.44
N LEU A 290 -3.49 -15.84 23.89
CA LEU A 290 -4.51 -16.85 23.70
C LEU A 290 -4.95 -17.48 25.01
N SER A 291 -4.19 -17.31 26.08
CA SER A 291 -4.63 -17.79 27.39
C SER A 291 -5.58 -16.82 28.05
N THR A 292 -5.20 -15.55 28.17
CA THR A 292 -6.06 -14.54 28.76
C THR A 292 -7.41 -14.46 28.10
N LEU A 293 -7.48 -14.67 26.79
CA LEU A 293 -8.77 -14.73 26.12
C LEU A 293 -9.57 -15.95 26.55
N ALA A 294 -8.91 -17.02 26.96
CA ALA A 294 -9.61 -18.15 27.51
C ALA A 294 -9.92 -17.99 28.99
N GLY A 295 -9.11 -17.22 29.71
CA GLY A 295 -9.39 -16.88 31.09
C GLY A 295 -10.31 -15.71 31.26
N SER A 296 -10.62 -14.98 30.18
CA SER A 296 -11.56 -13.87 30.22
C SER A 296 -13.00 -14.32 30.06
N PHE A 297 -13.31 -15.57 30.38
CA PHE A 297 -14.66 -16.08 30.27
C PHE A 297 -14.97 -16.96 31.47
N ALA A 298 -15.53 -16.36 32.51
CA ALA A 298 -16.08 -17.08 33.64
C ALA A 298 -17.50 -17.51 33.26
N LEU A 299 -17.72 -18.81 33.16
CA LEU A 299 -19.01 -19.33 32.76
C LEU A 299 -19.46 -20.48 33.65
N MET B 105 -20.73 -25.26 8.19
CA MET B 105 -19.37 -25.65 8.58
C MET B 105 -18.44 -25.72 7.39
N LEU B 106 -19.02 -25.86 6.19
CA LEU B 106 -18.21 -25.94 4.98
C LEU B 106 -17.40 -24.68 4.76
N GLY B 107 -17.92 -23.53 5.19
CA GLY B 107 -17.22 -22.27 5.05
C GLY B 107 -15.97 -22.14 5.88
N PHE B 108 -15.64 -23.15 6.69
CA PHE B 108 -14.46 -23.11 7.53
C PHE B 108 -13.59 -24.34 7.41
N LEU B 109 -14.15 -25.49 7.02
CA LEU B 109 -13.36 -26.73 6.94
C LEU B 109 -12.03 -26.56 6.21
N PRO B 110 -11.92 -25.78 5.12
CA PRO B 110 -10.60 -25.55 4.54
C PRO B 110 -9.61 -24.93 5.52
N ALA B 111 -10.04 -23.96 6.32
CA ALA B 111 -9.16 -23.40 7.34
C ALA B 111 -9.03 -24.28 8.56
N MET B 112 -10.02 -25.12 8.84
CA MET B 112 -9.91 -26.04 9.96
C MET B 112 -8.89 -27.13 9.72
N VAL B 113 -8.92 -27.75 8.54
CA VAL B 113 -8.03 -28.87 8.28
C VAL B 113 -6.61 -28.42 7.93
N ILE B 114 -6.44 -27.20 7.41
CA ILE B 114 -5.11 -26.76 7.03
C ILE B 114 -4.28 -26.43 8.26
N LEU B 115 -4.96 -26.10 9.36
CA LEU B 115 -4.29 -25.75 10.60
C LEU B 115 -3.77 -26.95 11.38
N MET B 116 -4.26 -28.15 11.11
CA MET B 116 -3.72 -29.31 11.80
C MET B 116 -2.29 -29.60 11.36
N THR B 117 -1.89 -29.06 10.22
CA THR B 117 -0.56 -29.29 9.69
C THR B 117 0.40 -28.19 10.14
N SER B 118 1.60 -28.21 9.58
CA SER B 118 2.55 -27.12 9.74
C SER B 118 2.45 -26.10 8.62
N PHE B 119 1.27 -25.97 8.01
CA PHE B 119 1.06 -24.99 6.96
C PHE B 119 1.33 -23.59 7.46
N THR B 120 0.82 -23.25 8.64
CA THR B 120 0.86 -21.88 9.12
C THR B 120 2.29 -21.40 9.31
N ARG B 121 3.17 -22.25 9.84
CA ARG B 121 4.54 -21.82 10.07
C ARG B 121 5.19 -21.40 8.76
N ILE B 122 5.05 -22.23 7.72
CA ILE B 122 5.66 -21.90 6.44
C ILE B 122 5.04 -20.62 5.88
N VAL B 123 3.72 -20.49 6.00
CA VAL B 123 3.05 -19.30 5.50
C VAL B 123 3.62 -18.05 6.14
N VAL B 124 3.64 -18.03 7.47
CA VAL B 124 4.09 -16.84 8.19
C VAL B 124 5.55 -16.56 7.88
N VAL B 125 6.37 -17.61 7.78
CA VAL B 125 7.79 -17.39 7.54
C VAL B 125 8.00 -16.79 6.16
N MET B 126 7.37 -17.37 5.14
CA MET B 126 7.55 -16.83 3.80
C MET B 126 6.95 -15.44 3.68
N SER B 127 5.92 -15.14 4.47
CA SER B 127 5.35 -13.79 4.45
C SER B 127 6.32 -12.80 5.06
N ILE B 128 6.88 -13.12 6.21
CA ILE B 128 7.88 -12.25 6.81
C ILE B 128 9.04 -12.05 5.86
N LEU B 129 9.39 -13.09 5.11
CA LEU B 129 10.47 -12.94 4.14
C LEU B 129 10.07 -12.00 3.01
N ARG B 130 8.88 -12.22 2.44
CA ARG B 130 8.38 -11.36 1.38
C ARG B 130 8.39 -9.90 1.78
N GLN B 131 8.08 -9.61 3.03
CA GLN B 131 8.17 -8.23 3.47
C GLN B 131 9.58 -7.82 3.85
N ALA B 132 10.45 -8.79 4.13
CA ALA B 132 11.84 -8.46 4.39
C ALA B 132 12.51 -7.96 3.14
N MET B 133 12.24 -8.60 2.01
CA MET B 133 12.80 -8.14 0.75
C MET B 133 12.26 -6.77 0.37
N GLY B 134 11.32 -6.22 1.14
CA GLY B 134 10.66 -5.00 0.80
C GLY B 134 9.69 -5.11 -0.36
N LEU B 135 9.60 -6.29 -0.96
CA LEU B 135 8.80 -6.48 -2.16
C LEU B 135 7.33 -6.30 -1.83
N GLN B 136 6.68 -5.39 -2.57
CA GLN B 136 5.28 -5.05 -2.34
C GLN B 136 4.39 -6.11 -2.99
N GLN B 137 4.20 -7.20 -2.23
CA GLN B 137 3.35 -8.30 -2.66
C GLN B 137 3.76 -8.83 -4.03
N THR B 138 5.06 -9.00 -4.24
CA THR B 138 5.43 -9.45 -5.57
C THR B 138 5.08 -10.93 -5.73
N PRO B 139 5.48 -11.83 -4.83
CA PRO B 139 4.85 -13.15 -4.87
C PRO B 139 3.49 -13.04 -4.20
N SER B 140 2.44 -13.00 -5.02
CA SER B 140 1.12 -12.70 -4.50
C SER B 140 0.65 -13.82 -3.57
N ASN B 141 -0.50 -13.58 -2.95
CA ASN B 141 -1.06 -14.56 -2.04
C ASN B 141 -1.24 -15.91 -2.74
N GLN B 142 -1.66 -15.90 -4.00
CA GLN B 142 -1.77 -17.15 -4.73
C GLN B 142 -0.43 -17.78 -5.03
N VAL B 143 0.67 -17.11 -4.69
CA VAL B 143 1.99 -17.72 -4.81
C VAL B 143 2.42 -18.33 -3.49
N ILE B 144 2.28 -17.57 -2.40
CA ILE B 144 2.74 -18.04 -1.11
C ILE B 144 1.84 -19.14 -0.57
N ILE B 145 0.52 -18.96 -0.65
CA ILE B 145 -0.36 -20.03 -0.17
C ILE B 145 -0.32 -21.23 -1.09
N GLY B 146 0.43 -21.17 -2.18
CA GLY B 146 0.67 -22.33 -3.02
C GLY B 146 1.97 -23.02 -2.65
N ILE B 147 3.04 -22.23 -2.49
CA ILE B 147 4.32 -22.84 -2.14
C ILE B 147 4.26 -23.45 -0.75
N ALA B 148 3.71 -22.72 0.22
CA ALA B 148 3.58 -23.28 1.56
C ALA B 148 2.54 -24.38 1.61
N LEU B 149 1.63 -24.44 0.65
CA LEU B 149 0.77 -25.60 0.54
C LEU B 149 1.52 -26.82 0.03
N PHE B 150 2.40 -26.65 -0.96
CA PHE B 150 3.17 -27.79 -1.44
C PHE B 150 4.11 -28.33 -0.39
N LEU B 151 4.81 -27.45 0.33
CA LEU B 151 5.71 -27.96 1.36
C LEU B 151 4.98 -28.74 2.43
N THR B 152 3.69 -28.50 2.61
CA THR B 152 2.96 -29.35 3.54
C THR B 152 2.90 -30.79 3.06
N PHE B 153 2.39 -31.00 1.84
CA PHE B 153 2.37 -32.36 1.30
C PHE B 153 3.75 -32.97 1.25
N PHE B 154 4.78 -32.15 1.10
CA PHE B 154 6.14 -32.67 1.17
C PHE B 154 6.51 -33.12 2.57
N ILE B 155 6.09 -32.36 3.59
CA ILE B 155 6.40 -32.72 4.97
C ILE B 155 5.42 -33.75 5.49
N MET B 156 4.14 -33.50 5.32
CA MET B 156 3.12 -34.35 5.90
C MET B 156 2.96 -35.68 5.18
N ALA B 157 3.91 -36.02 4.32
CA ALA B 157 3.87 -37.30 3.64
C ALA B 157 3.68 -38.49 4.58
N PRO B 158 4.44 -38.64 5.67
CA PRO B 158 4.21 -39.81 6.54
C PRO B 158 2.82 -39.82 7.15
N VAL B 159 2.40 -38.70 7.72
CA VAL B 159 1.09 -38.62 8.33
C VAL B 159 0.00 -38.90 7.31
N PHE B 160 0.13 -38.33 6.11
CA PHE B 160 -0.87 -38.57 5.07
C PHE B 160 -0.91 -40.02 4.65
N ASN B 161 0.26 -40.65 4.52
CA ASN B 161 0.28 -42.05 4.13
C ASN B 161 -0.40 -42.92 5.18
N GLN B 162 -0.08 -42.69 6.45
CA GLN B 162 -0.76 -43.43 7.51
C GLN B 162 -2.25 -43.17 7.52
N ILE B 163 -2.66 -41.94 7.26
CA ILE B 163 -4.08 -41.64 7.11
C ILE B 163 -4.70 -42.52 6.04
N ASN B 164 -4.11 -42.50 4.84
CA ASN B 164 -4.70 -43.23 3.72
C ASN B 164 -4.76 -44.71 4.00
N GLU B 165 -3.69 -45.29 4.53
CA GLU B 165 -3.68 -46.71 4.81
C GLU B 165 -4.65 -47.10 5.91
N GLN B 166 -4.77 -46.26 6.94
CA GLN B 166 -5.57 -46.59 8.11
C GLN B 166 -6.95 -45.97 8.12
N ALA B 167 -7.20 -44.96 7.28
CA ALA B 167 -8.52 -44.37 7.17
C ALA B 167 -9.09 -44.45 5.77
N VAL B 168 -8.33 -44.05 4.76
CA VAL B 168 -8.86 -44.01 3.41
C VAL B 168 -8.88 -45.40 2.78
N GLN B 169 -7.89 -46.22 3.10
CA GLN B 169 -7.97 -47.60 2.64
C GLN B 169 -9.14 -48.31 3.28
N PRO B 170 -9.36 -48.16 4.60
CA PRO B 170 -10.61 -48.71 5.18
C PRO B 170 -11.87 -48.06 4.67
N TYR B 171 -11.81 -46.83 4.19
CA TYR B 171 -12.99 -46.18 3.66
C TYR B 171 -13.33 -46.62 2.26
N LEU B 172 -12.33 -46.88 1.42
CA LEU B 172 -12.61 -47.36 0.07
C LEU B 172 -13.09 -48.81 0.11
N ASN B 173 -12.56 -49.60 1.02
CA ASN B 173 -13.02 -50.97 1.21
C ASN B 173 -14.15 -51.05 2.23
N GLU B 174 -14.51 -49.92 2.85
CA GLU B 174 -15.73 -49.79 3.63
C GLU B 174 -15.77 -50.78 4.80
N GLN B 175 -14.65 -50.90 5.50
CA GLN B 175 -14.63 -51.69 6.73
C GLN B 175 -15.51 -51.04 7.79
N ILE B 176 -15.14 -49.84 8.23
CA ILE B 176 -15.95 -49.05 9.13
C ILE B 176 -15.55 -47.58 8.96
N SER B 177 -16.55 -46.72 8.81
CA SER B 177 -16.29 -45.35 8.42
C SER B 177 -17.18 -44.38 9.18
N ALA B 178 -16.69 -43.13 9.27
CA ALA B 178 -17.44 -41.96 9.71
C ALA B 178 -17.72 -42.02 11.21
N ARG B 179 -17.46 -43.16 11.83
CA ARG B 179 -17.47 -43.29 13.28
C ARG B 179 -16.14 -43.80 13.80
N GLN B 180 -15.66 -44.91 13.26
CA GLN B 180 -14.37 -45.47 13.65
C GLN B 180 -13.23 -44.94 12.80
N ALA B 181 -13.47 -44.76 11.50
CA ALA B 181 -12.42 -44.24 10.63
C ALA B 181 -12.00 -42.83 11.03
N PHE B 182 -12.97 -41.98 11.36
CA PHE B 182 -12.64 -40.65 11.84
C PHE B 182 -11.76 -40.70 13.09
N ASP B 183 -12.09 -41.58 14.04
CA ASP B 183 -11.25 -41.70 15.23
C ASP B 183 -9.86 -42.19 14.88
N LEU B 184 -9.77 -43.25 14.07
CA LEU B 184 -8.46 -43.75 13.66
C LEU B 184 -7.63 -42.70 12.94
N ALA B 185 -8.27 -41.78 12.22
CA ALA B 185 -7.56 -40.66 11.63
C ALA B 185 -7.16 -39.63 12.67
N GLN B 186 -7.95 -39.50 13.74
CA GLN B 186 -7.61 -38.57 14.80
C GLN B 186 -6.28 -38.92 15.48
N GLU B 187 -5.90 -40.19 15.45
CA GLU B 187 -4.73 -40.66 16.19
C GLU B 187 -3.41 -40.11 15.62
N PRO B 188 -3.05 -40.41 14.36
CA PRO B 188 -1.72 -40.01 13.91
C PRO B 188 -1.55 -38.51 13.87
N MET B 189 -2.64 -37.76 13.72
CA MET B 189 -2.53 -36.31 13.81
C MET B 189 -2.05 -35.89 15.18
N LYS B 190 -2.63 -36.46 16.24
CA LYS B 190 -2.13 -36.21 17.58
C LYS B 190 -0.70 -36.66 17.72
N ALA B 191 -0.37 -37.81 17.15
CA ALA B 191 1.01 -38.29 17.23
C ALA B 191 1.98 -37.29 16.61
N PHE B 192 1.59 -36.67 15.50
CA PHE B 192 2.46 -35.71 14.83
C PHE B 192 2.55 -34.42 15.61
N MET B 193 1.42 -33.75 15.81
CA MET B 193 1.43 -32.46 16.47
C MET B 193 2.05 -32.53 17.85
N LEU B 194 1.70 -33.57 18.61
CA LEU B 194 2.18 -33.69 19.99
C LEU B 194 3.69 -33.71 20.06
N LYS B 195 4.37 -34.17 19.02
CA LYS B 195 5.82 -34.20 19.03
C LYS B 195 6.44 -32.87 18.70
N GLN B 196 5.63 -31.86 18.37
CA GLN B 196 6.15 -30.55 18.00
C GLN B 196 5.83 -29.44 18.98
N THR B 197 4.73 -29.54 19.72
CA THR B 197 4.42 -28.54 20.72
C THR B 197 5.43 -28.60 21.85
N ARG B 198 5.67 -27.46 22.49
CA ARG B 198 6.45 -27.48 23.72
C ARG B 198 5.63 -28.12 24.84
N ILE B 199 6.30 -28.38 25.96
CA ILE B 199 5.57 -28.84 27.13
C ILE B 199 4.75 -27.71 27.73
N LYS B 200 5.36 -26.53 27.87
CA LYS B 200 4.77 -25.46 28.66
C LYS B 200 3.43 -25.01 28.10
N ASP B 201 3.35 -24.80 26.79
CA ASP B 201 2.07 -24.42 26.22
C ASP B 201 1.01 -25.48 26.43
N LEU B 202 1.38 -26.76 26.32
CA LEU B 202 0.39 -27.82 26.45
C LEU B 202 -0.13 -27.90 27.86
N GLU B 203 0.76 -27.87 28.86
CA GLU B 203 0.30 -27.84 30.23
C GLU B 203 -0.54 -26.60 30.51
N THR B 204 -0.19 -25.46 29.91
CA THR B 204 -1.01 -24.27 30.05
C THR B 204 -2.45 -24.52 29.64
N PHE B 205 -2.65 -24.94 28.40
CA PHE B 205 -4.00 -25.18 27.91
C PHE B 205 -4.71 -26.32 28.63
N VAL B 206 -3.99 -27.33 29.11
CA VAL B 206 -4.68 -28.43 29.75
C VAL B 206 -5.10 -28.07 31.16
N GLU B 207 -4.35 -27.17 31.81
CA GLU B 207 -4.83 -26.63 33.07
C GLU B 207 -5.95 -25.63 32.86
N MET B 208 -5.96 -24.94 31.72
CA MET B 208 -7.06 -24.03 31.43
C MET B 208 -8.34 -24.81 31.16
N SER B 209 -8.24 -25.92 30.45
CA SER B 209 -9.43 -26.68 30.08
C SER B 209 -10.13 -27.26 31.30
N GLY B 210 -9.46 -27.30 32.44
CA GLY B 210 -10.02 -27.86 33.66
C GLY B 210 -10.01 -29.37 33.73
N SER B 211 -10.05 -30.06 32.59
CA SER B 211 -9.92 -31.50 32.60
C SER B 211 -8.45 -31.88 32.79
N GLN B 212 -8.17 -32.59 33.88
CA GLN B 212 -6.78 -32.89 34.22
C GLN B 212 -6.26 -34.05 33.40
N VAL B 213 -4.97 -34.02 33.08
CA VAL B 213 -4.31 -35.06 32.30
C VAL B 213 -3.18 -35.64 33.13
N THR B 214 -2.91 -36.93 32.94
CA THR B 214 -1.74 -37.57 33.49
C THR B 214 -0.77 -38.05 32.42
N ALA B 215 -1.27 -38.43 31.25
CA ALA B 215 -0.44 -38.87 30.14
C ALA B 215 -0.59 -37.86 29.02
N PRO B 216 0.46 -37.11 28.67
CA PRO B 216 0.32 -36.07 27.63
C PRO B 216 -0.26 -36.60 26.33
N GLU B 217 -0.04 -37.87 26.02
CA GLU B 217 -0.69 -38.47 24.86
C GLU B 217 -2.20 -38.48 24.97
N GLN B 218 -2.76 -38.28 26.16
CA GLN B 218 -4.19 -38.41 26.37
C GLN B 218 -4.89 -37.07 26.57
N VAL B 219 -4.43 -36.03 25.88
CA VAL B 219 -5.24 -34.81 25.76
C VAL B 219 -6.22 -34.99 24.61
N SER B 220 -7.42 -34.44 24.79
CA SER B 220 -8.38 -34.48 23.70
C SER B 220 -7.94 -33.53 22.59
N MET B 221 -8.35 -33.88 21.36
CA MET B 221 -7.95 -33.09 20.21
C MET B 221 -8.32 -31.62 20.37
N ALA B 222 -9.53 -31.34 20.85
CA ALA B 222 -10.01 -29.98 21.01
C ALA B 222 -9.15 -29.18 21.99
N VAL B 223 -8.39 -29.83 22.85
CA VAL B 223 -7.45 -29.10 23.69
C VAL B 223 -6.02 -29.28 23.19
N LEU B 224 -5.77 -30.34 22.42
CA LEU B 224 -4.46 -30.52 21.83
C LEU B 224 -4.13 -29.43 20.82
N ILE B 225 -5.01 -29.22 19.85
CA ILE B 225 -4.80 -28.27 18.76
C ILE B 225 -4.50 -26.87 19.28
N PRO B 226 -5.37 -26.26 20.09
CA PRO B 226 -5.14 -24.86 20.48
C PRO B 226 -3.84 -24.66 21.22
N ALA B 227 -3.25 -25.71 21.76
CA ALA B 227 -1.88 -25.64 22.24
C ALA B 227 -0.87 -25.83 21.12
N PHE B 228 -1.24 -26.50 20.05
CA PHE B 228 -0.30 -26.67 18.96
C PHE B 228 -0.11 -25.37 18.20
N ILE B 229 -1.20 -24.69 17.91
CA ILE B 229 -1.12 -23.46 17.13
C ILE B 229 -0.28 -22.41 17.83
N THR B 230 -0.46 -22.24 19.14
CA THR B 230 0.33 -21.27 19.86
C THR B 230 1.80 -21.64 19.91
N SER B 231 2.13 -22.93 19.98
CA SER B 231 3.52 -23.35 19.98
C SER B 231 4.10 -23.41 18.59
N GLU B 232 3.27 -23.38 17.55
CA GLU B 232 3.72 -23.27 16.18
C GLU B 232 4.05 -21.84 15.79
N LEU B 233 3.07 -20.94 15.93
CA LEU B 233 3.28 -19.55 15.55
C LEU B 233 4.46 -18.94 16.29
N LYS B 234 4.62 -19.24 17.57
CA LYS B 234 5.77 -18.74 18.31
C LYS B 234 7.08 -19.19 17.65
N THR B 235 7.15 -20.44 17.25
CA THR B 235 8.30 -20.90 16.50
C THR B 235 8.41 -20.18 15.16
N ALA B 236 7.28 -19.94 14.51
CA ALA B 236 7.30 -19.22 13.25
C ALA B 236 7.93 -17.85 13.39
N PHE B 237 7.53 -17.07 14.38
CA PHE B 237 8.13 -15.78 14.63
C PHE B 237 9.59 -15.88 15.02
N GLN B 238 9.97 -16.85 15.84
CA GLN B 238 11.39 -17.03 16.13
C GLN B 238 12.18 -17.21 14.84
N ILE B 239 11.75 -18.15 14.00
CA ILE B 239 12.43 -18.38 12.74
C ILE B 239 12.49 -17.09 11.93
N GLY B 240 11.34 -16.44 11.75
CA GLY B 240 11.28 -15.23 10.96
C GLY B 240 12.25 -14.16 11.42
N PHE B 241 12.31 -13.91 12.73
CA PHE B 241 13.30 -12.95 13.21
C PHE B 241 14.71 -13.45 12.95
N MET B 242 14.93 -14.75 13.04
CA MET B 242 16.28 -15.28 12.85
C MET B 242 16.71 -15.26 11.39
N LEU B 243 15.76 -15.30 10.46
CA LEU B 243 16.07 -15.09 9.05
C LEU B 243 16.10 -13.63 8.66
N PHE B 244 15.38 -12.78 9.38
CA PHE B 244 15.20 -11.40 8.95
C PHE B 244 16.51 -10.63 9.06
N LEU B 245 17.13 -10.65 10.24
CA LEU B 245 18.25 -9.79 10.57
C LEU B 245 19.28 -9.58 9.46
N PRO B 246 19.78 -10.62 8.80
CA PRO B 246 20.75 -10.38 7.72
C PRO B 246 20.25 -9.41 6.69
N PHE B 247 18.99 -9.47 6.30
CA PHE B 247 18.41 -8.48 5.41
C PHE B 247 18.39 -7.11 6.03
N LEU B 248 17.96 -6.99 7.28
CA LEU B 248 18.00 -5.71 7.96
C LEU B 248 19.40 -5.12 7.97
N ILE B 249 20.42 -5.94 8.24
CA ILE B 249 21.80 -5.45 8.14
C ILE B 249 22.02 -4.78 6.79
N ILE B 250 21.51 -5.37 5.72
CA ILE B 250 21.69 -4.80 4.40
C ILE B 250 21.02 -3.45 4.30
N ASP B 251 19.80 -3.33 4.81
CA ASP B 251 19.08 -2.08 4.66
C ASP B 251 19.77 -0.94 5.40
N LEU B 252 20.05 -1.13 6.68
CA LEU B 252 20.60 -0.05 7.50
C LEU B 252 21.96 0.41 7.04
N VAL B 253 22.78 -0.46 6.45
CA VAL B 253 24.05 0.04 5.92
C VAL B 253 23.82 0.85 4.64
N VAL B 254 23.01 0.31 3.72
CA VAL B 254 22.65 1.07 2.53
C VAL B 254 22.01 2.39 2.91
N ALA B 255 21.00 2.35 3.77
CA ALA B 255 20.32 3.55 4.22
C ALA B 255 21.22 4.48 4.99
N SER B 256 22.47 4.12 5.21
CA SER B 256 23.41 5.02 5.84
C SER B 256 24.47 5.55 4.89
N VAL B 257 24.93 4.74 3.94
CA VAL B 257 25.87 5.24 2.95
C VAL B 257 25.26 6.39 2.17
N LEU B 258 23.96 6.30 1.87
CA LEU B 258 23.31 7.37 1.14
C LEU B 258 23.37 8.68 1.91
N MET B 259 22.86 8.70 3.14
CA MET B 259 22.93 9.91 3.93
C MET B 259 24.36 10.40 4.14
N ALA B 260 25.33 9.49 4.10
CA ALA B 260 26.72 9.92 4.24
C ALA B 260 27.15 10.80 3.08
N MET B 261 26.63 10.55 1.88
CA MET B 261 26.97 11.38 0.74
C MET B 261 26.02 12.58 0.62
N GLY B 262 24.85 12.51 1.23
CA GLY B 262 23.93 13.63 1.23
C GLY B 262 22.59 13.31 0.58
N MET B 263 22.51 12.16 -0.08
CA MET B 263 21.33 11.81 -0.86
C MET B 263 20.20 11.46 0.11
N MET B 264 19.56 12.49 0.65
CA MET B 264 18.48 12.26 1.61
C MET B 264 17.35 11.46 0.98
N MET B 265 16.99 11.79 -0.25
CA MET B 265 15.97 11.06 -0.99
C MET B 265 16.60 9.81 -1.62
N LEU B 266 15.95 9.24 -2.63
CA LEU B 266 16.37 7.97 -3.21
C LEU B 266 16.25 6.87 -2.18
N SER B 267 15.02 6.55 -1.81
CA SER B 267 14.65 5.52 -0.84
C SER B 267 15.56 4.30 -0.97
N PRO B 268 16.29 3.97 0.09
CA PRO B 268 17.07 2.73 0.08
C PRO B 268 16.26 1.52 -0.34
N MET B 269 14.94 1.53 -0.14
CA MET B 269 14.13 0.43 -0.61
C MET B 269 14.09 0.31 -2.12
N ILE B 270 14.77 1.18 -2.86
CA ILE B 270 14.95 0.92 -4.28
C ILE B 270 16.41 0.62 -4.61
N VAL B 271 17.35 1.23 -3.88
CA VAL B 271 18.75 1.00 -4.17
C VAL B 271 19.29 -0.19 -3.40
N SER B 272 18.57 -0.66 -2.38
CA SER B 272 19.03 -1.82 -1.62
C SER B 272 18.34 -3.10 -2.01
N LEU B 273 17.55 -3.10 -3.07
CA LEU B 273 17.01 -4.35 -3.57
C LEU B 273 18.09 -5.23 -4.22
N PRO B 274 19.02 -4.67 -5.02
CA PRO B 274 20.01 -5.54 -5.65
C PRO B 274 20.92 -6.20 -4.65
N PHE B 275 21.35 -5.46 -3.64
CA PHE B 275 22.19 -6.04 -2.60
C PHE B 275 21.49 -7.23 -1.96
N LYS B 276 20.22 -7.05 -1.58
CA LYS B 276 19.49 -8.12 -0.93
C LYS B 276 19.33 -9.31 -1.85
N LEU B 277 19.06 -9.09 -3.12
CA LEU B 277 18.90 -10.23 -4.02
C LEU B 277 20.22 -10.96 -4.25
N MET B 278 21.31 -10.21 -4.45
CA MET B 278 22.62 -10.84 -4.60
C MET B 278 22.97 -11.65 -3.38
N LEU B 279 22.82 -11.07 -2.18
CA LEU B 279 23.01 -11.83 -0.95
C LEU B 279 22.18 -13.10 -0.96
N PHE B 280 20.88 -12.95 -1.13
CA PHE B 280 19.98 -14.09 -1.06
C PHE B 280 20.32 -15.19 -2.03
N VAL B 281 20.85 -14.87 -3.20
CA VAL B 281 21.20 -15.95 -4.12
C VAL B 281 22.58 -16.52 -3.81
N LEU B 282 23.48 -15.70 -3.28
CA LEU B 282 24.81 -16.20 -2.93
C LEU B 282 24.76 -17.20 -1.78
N VAL B 283 23.84 -17.02 -0.85
CA VAL B 283 23.69 -17.95 0.26
C VAL B 283 22.71 -19.05 -0.16
N ASP B 284 22.42 -19.09 -1.45
CA ASP B 284 21.58 -20.12 -2.05
C ASP B 284 20.13 -20.00 -1.59
N GLY B 285 19.88 -19.08 -0.66
CA GLY B 285 18.53 -18.67 -0.34
C GLY B 285 17.54 -19.80 -0.13
N TRP B 286 16.59 -19.92 -1.05
CA TRP B 286 15.50 -20.86 -0.93
C TRP B 286 15.96 -22.29 -0.71
N ASN B 287 17.23 -22.59 -0.97
CA ASN B 287 17.73 -23.90 -0.61
C ASN B 287 17.84 -24.07 0.90
N LEU B 288 18.67 -23.26 1.54
CA LEU B 288 18.87 -23.41 2.98
C LEU B 288 17.59 -23.13 3.74
N ILE B 289 16.89 -22.06 3.37
CA ILE B 289 15.71 -21.65 4.12
C ILE B 289 14.67 -22.75 4.13
N LEU B 290 14.29 -23.23 2.95
CA LEU B 290 13.21 -24.20 2.88
C LEU B 290 13.62 -25.56 3.39
N SER B 291 14.91 -25.81 3.56
CA SER B 291 15.36 -27.04 4.19
C SER B 291 15.18 -27.00 5.70
N THR B 292 15.63 -25.92 6.34
CA THR B 292 15.40 -25.78 7.78
C THR B 292 13.93 -25.76 8.12
N LEU B 293 13.12 -25.03 7.36
CA LEU B 293 11.68 -25.09 7.52
C LEU B 293 11.13 -26.48 7.29
N ALA B 294 11.89 -27.36 6.66
CA ALA B 294 11.52 -28.75 6.53
C ALA B 294 12.23 -29.65 7.53
N GLY B 295 13.37 -29.22 8.05
CA GLY B 295 14.08 -29.99 9.04
C GLY B 295 13.72 -29.66 10.47
N SER B 296 12.97 -28.58 10.69
CA SER B 296 12.64 -28.19 12.05
C SER B 296 11.72 -29.21 12.73
N PHE B 297 11.00 -29.99 11.95
CA PHE B 297 9.98 -30.88 12.51
C PHE B 297 10.61 -32.18 12.99
N ALA B 298 9.93 -32.82 13.94
CA ALA B 298 10.34 -34.13 14.43
C ALA B 298 9.78 -35.28 13.59
N LEU B 299 8.85 -34.99 12.67
CA LEU B 299 8.26 -36.03 11.83
C LEU B 299 9.29 -36.57 10.84
N THR C 104 -13.19 -28.21 -0.23
CA THR C 104 -11.96 -27.59 0.25
C THR C 104 -10.94 -27.47 -0.88
N MET C 105 -10.99 -28.40 -1.82
CA MET C 105 -10.19 -28.32 -3.03
C MET C 105 -10.90 -27.49 -4.09
N LEU C 106 -11.31 -26.29 -3.69
CA LEU C 106 -12.01 -25.36 -4.57
C LEU C 106 -11.38 -23.98 -4.63
N GLY C 107 -10.82 -23.49 -3.53
CA GLY C 107 -10.22 -22.16 -3.49
C GLY C 107 -8.72 -22.13 -3.60
N PHE C 108 -8.06 -23.29 -3.64
CA PHE C 108 -6.62 -23.34 -3.76
C PHE C 108 -6.14 -23.89 -5.10
N LEU C 109 -7.04 -24.44 -5.91
CA LEU C 109 -6.66 -24.87 -7.25
C LEU C 109 -5.98 -23.77 -8.07
N PRO C 110 -6.48 -22.53 -8.11
CA PRO C 110 -5.79 -21.49 -8.89
C PRO C 110 -4.38 -21.22 -8.41
N ALA C 111 -4.05 -21.55 -7.17
CA ALA C 111 -2.70 -21.34 -6.67
C ALA C 111 -1.77 -22.51 -6.95
N MET C 112 -2.29 -23.67 -7.33
CA MET C 112 -1.46 -24.83 -7.61
C MET C 112 -1.34 -25.14 -9.10
N VAL C 113 -2.43 -25.05 -9.84
CA VAL C 113 -2.37 -25.35 -11.27
C VAL C 113 -1.42 -24.41 -11.97
N ILE C 114 -1.24 -23.20 -11.44
CA ILE C 114 -0.24 -22.28 -11.98
C ILE C 114 1.16 -22.62 -11.53
N LEU C 115 1.33 -23.10 -10.29
CA LEU C 115 2.64 -23.28 -9.73
C LEU C 115 3.32 -24.56 -10.20
N MET C 116 2.54 -25.59 -10.52
CA MET C 116 3.12 -26.76 -11.17
C MET C 116 3.81 -26.37 -12.47
N THR C 117 3.36 -25.28 -13.09
CA THR C 117 3.90 -24.80 -14.35
C THR C 117 5.12 -23.92 -14.11
N SER C 118 5.72 -23.47 -15.21
CA SER C 118 6.88 -22.58 -15.18
C SER C 118 6.36 -21.15 -15.25
N PHE C 119 5.46 -20.83 -14.33
CA PHE C 119 4.77 -19.56 -14.35
C PHE C 119 5.34 -18.56 -13.36
N THR C 120 5.66 -18.98 -12.16
CA THR C 120 6.08 -18.07 -11.09
C THR C 120 7.41 -17.40 -11.38
N ARG C 121 8.11 -17.78 -12.44
CA ARG C 121 9.34 -17.09 -12.75
C ARG C 121 9.08 -15.74 -13.40
N ILE C 122 8.27 -15.72 -14.45
CA ILE C 122 8.02 -14.48 -15.16
C ILE C 122 7.33 -13.48 -14.27
N VAL C 123 6.46 -13.96 -13.36
CA VAL C 123 5.81 -13.07 -12.41
C VAL C 123 6.83 -12.32 -11.58
N VAL C 124 7.71 -13.04 -10.90
CA VAL C 124 8.68 -12.39 -10.04
C VAL C 124 9.62 -11.51 -10.87
N VAL C 125 9.97 -11.93 -12.08
CA VAL C 125 10.87 -11.13 -12.90
C VAL C 125 10.22 -9.79 -13.24
N MET C 126 9.04 -9.83 -13.85
CA MET C 126 8.39 -8.59 -14.22
C MET C 126 7.99 -7.77 -13.01
N SER C 127 7.76 -8.40 -11.86
CA SER C 127 7.43 -7.65 -10.66
C SER C 127 8.66 -6.99 -10.04
N ILE C 128 9.83 -7.58 -10.20
CA ILE C 128 11.05 -6.89 -9.80
C ILE C 128 11.31 -5.73 -10.72
N LEU C 129 11.06 -5.91 -12.02
CA LEU C 129 11.20 -4.79 -12.94
C LEU C 129 10.22 -3.68 -12.61
N ARG C 130 8.97 -4.05 -12.34
CA ARG C 130 7.91 -3.08 -12.08
C ARG C 130 8.29 -2.14 -10.95
N GLN C 131 9.06 -2.62 -9.99
CA GLN C 131 9.59 -1.73 -8.97
C GLN C 131 10.89 -1.08 -9.42
N ALA C 132 11.65 -1.77 -10.28
CA ALA C 132 12.94 -1.25 -10.72
C ALA C 132 12.82 0.07 -11.44
N MET C 133 11.69 0.34 -12.07
CA MET C 133 11.53 1.55 -12.87
C MET C 133 11.46 2.81 -12.03
N GLY C 134 11.73 2.74 -10.72
CA GLY C 134 11.54 3.89 -9.86
C GLY C 134 10.12 4.41 -9.90
N LEU C 135 9.16 3.50 -9.94
CA LEU C 135 7.86 3.77 -10.52
C LEU C 135 6.82 2.91 -9.84
N GLN C 136 5.86 3.55 -9.18
CA GLN C 136 4.70 2.84 -8.68
C GLN C 136 4.13 2.00 -9.81
N GLN C 137 3.49 0.90 -9.42
CA GLN C 137 3.45 -0.30 -10.27
C GLN C 137 3.28 0.02 -11.75
N THR C 138 2.13 0.50 -12.11
CA THR C 138 1.69 0.96 -13.41
C THR C 138 2.04 0.12 -14.63
N PRO C 139 2.10 -1.19 -14.53
CA PRO C 139 1.12 -2.00 -15.24
C PRO C 139 0.08 -2.40 -14.21
N SER C 140 -1.12 -2.77 -14.63
CA SER C 140 -2.01 -3.35 -13.65
C SER C 140 -1.41 -4.64 -13.11
N ASN C 141 -1.69 -4.93 -11.84
CA ASN C 141 -1.41 -6.26 -11.34
C ASN C 141 -2.01 -7.30 -12.27
N GLN C 142 -3.22 -7.05 -12.74
CA GLN C 142 -3.82 -7.91 -13.76
C GLN C 142 -3.01 -7.90 -15.05
N VAL C 143 -2.36 -6.78 -15.39
CA VAL C 143 -1.51 -6.79 -16.57
C VAL C 143 -0.34 -7.73 -16.38
N ILE C 144 0.31 -7.66 -15.22
CA ILE C 144 1.42 -8.56 -14.93
C ILE C 144 0.97 -10.00 -15.01
N ILE C 145 -0.11 -10.34 -14.31
CA ILE C 145 -0.59 -11.72 -14.32
C ILE C 145 -1.04 -12.17 -15.69
N GLY C 146 -1.56 -11.28 -16.52
CA GLY C 146 -2.02 -11.67 -17.83
C GLY C 146 -0.90 -11.89 -18.81
N ILE C 147 0.07 -10.97 -18.83
CA ILE C 147 1.23 -11.17 -19.67
C ILE C 147 2.01 -12.40 -19.23
N ALA C 148 2.00 -12.70 -17.94
CA ALA C 148 2.61 -13.95 -17.49
C ALA C 148 1.75 -15.16 -17.83
N LEU C 149 0.44 -15.05 -17.67
CA LEU C 149 -0.44 -16.16 -18.04
C LEU C 149 -0.29 -16.54 -19.50
N PHE C 150 -0.17 -15.56 -20.39
CA PHE C 150 -0.03 -15.86 -21.80
C PHE C 150 1.37 -16.33 -22.15
N LEU C 151 2.39 -15.74 -21.55
CA LEU C 151 3.73 -16.27 -21.74
C LEU C 151 3.81 -17.73 -21.33
N THR C 152 3.07 -18.13 -20.30
CA THR C 152 3.09 -19.53 -19.91
C THR C 152 2.34 -20.41 -20.89
N PHE C 153 1.14 -20.00 -21.29
CA PHE C 153 0.40 -20.73 -22.31
C PHE C 153 1.18 -20.82 -23.62
N PHE C 154 2.14 -19.91 -23.80
CA PHE C 154 3.04 -19.89 -24.93
C PHE C 154 4.26 -20.79 -24.76
N ILE C 155 4.82 -20.86 -23.55
CA ILE C 155 6.02 -21.63 -23.29
C ILE C 155 5.71 -23.11 -23.11
N MET C 156 4.74 -23.41 -22.25
CA MET C 156 4.38 -24.78 -21.93
C MET C 156 3.59 -25.46 -23.03
N ALA C 157 3.52 -24.86 -24.21
CA ALA C 157 2.81 -25.48 -25.32
C ALA C 157 3.20 -26.92 -25.58
N PRO C 158 4.49 -27.32 -25.54
CA PRO C 158 4.80 -28.75 -25.67
C PRO C 158 4.16 -29.60 -24.59
N VAL C 159 3.87 -29.04 -23.43
CA VAL C 159 3.30 -29.81 -22.33
C VAL C 159 1.79 -29.79 -22.38
N PHE C 160 1.18 -28.65 -22.71
CA PHE C 160 -0.27 -28.61 -22.81
C PHE C 160 -0.76 -29.36 -24.04
N ASN C 161 -0.01 -29.28 -25.14
CA ASN C 161 -0.24 -30.07 -26.33
C ASN C 161 -0.12 -31.56 -26.07
N GLN C 162 0.37 -31.95 -24.90
CA GLN C 162 0.51 -33.36 -24.56
C GLN C 162 -0.54 -33.71 -23.53
N ILE C 163 -0.86 -32.74 -22.67
CA ILE C 163 -1.95 -32.94 -21.73
C ILE C 163 -3.26 -33.16 -22.48
N ASN C 164 -3.61 -32.21 -23.35
CA ASN C 164 -4.87 -32.33 -24.09
C ASN C 164 -4.85 -33.52 -25.03
N GLU C 165 -3.69 -33.82 -25.62
CA GLU C 165 -3.64 -34.85 -26.64
C GLU C 165 -3.67 -36.25 -26.03
N GLN C 166 -3.00 -36.44 -24.90
CA GLN C 166 -2.91 -37.75 -24.28
C GLN C 166 -3.94 -37.98 -23.18
N ALA C 167 -4.50 -36.92 -22.60
CA ALA C 167 -5.39 -37.10 -21.46
C ALA C 167 -6.78 -36.52 -21.67
N VAL C 168 -6.88 -35.32 -22.24
CA VAL C 168 -8.17 -34.64 -22.28
C VAL C 168 -9.01 -35.13 -23.46
N GLN C 169 -8.45 -35.05 -24.66
CA GLN C 169 -9.17 -35.53 -25.84
C GLN C 169 -9.40 -37.04 -25.74
N PRO C 170 -8.45 -37.83 -25.24
CA PRO C 170 -8.79 -39.22 -24.92
C PRO C 170 -9.88 -39.33 -23.87
N TYR C 171 -10.11 -38.27 -23.11
CA TYR C 171 -11.22 -38.28 -22.17
C TYR C 171 -12.48 -37.66 -22.75
N LEU C 172 -12.61 -37.61 -24.09
CA LEU C 172 -13.87 -37.24 -24.71
C LEU C 172 -14.75 -38.47 -24.97
N ASN C 173 -14.23 -39.45 -25.70
CA ASN C 173 -14.76 -40.81 -25.61
C ASN C 173 -14.56 -41.37 -24.21
N GLU C 174 -13.59 -40.81 -23.48
CA GLU C 174 -13.28 -41.00 -22.07
C GLU C 174 -12.64 -42.34 -21.78
N GLN C 175 -12.89 -43.35 -22.62
CA GLN C 175 -12.09 -44.57 -22.79
C GLN C 175 -11.68 -45.26 -21.48
N ILE C 176 -11.98 -44.65 -20.34
CA ILE C 176 -11.49 -45.10 -19.04
C ILE C 176 -12.20 -44.28 -17.96
N SER C 177 -12.42 -44.85 -16.80
CA SER C 177 -13.10 -44.16 -15.71
C SER C 177 -12.10 -43.28 -14.96
N ALA C 178 -11.76 -42.14 -15.54
CA ALA C 178 -10.98 -41.07 -14.90
C ALA C 178 -9.68 -41.56 -14.28
N ARG C 179 -9.04 -42.57 -14.86
CA ARG C 179 -7.80 -43.10 -14.32
C ARG C 179 -6.60 -42.75 -15.19
N GLN C 180 -6.78 -42.67 -16.50
CA GLN C 180 -5.68 -42.39 -17.40
C GLN C 180 -5.05 -41.04 -17.10
N ALA C 181 -5.85 -39.97 -17.09
CA ALA C 181 -5.32 -38.62 -16.96
C ALA C 181 -4.65 -38.39 -15.61
N PHE C 182 -5.20 -38.96 -14.55
CA PHE C 182 -4.60 -38.81 -13.23
C PHE C 182 -3.20 -39.39 -13.14
N ASP C 183 -2.84 -40.27 -14.08
CA ASP C 183 -1.56 -40.97 -14.02
C ASP C 183 -0.69 -40.69 -15.23
N LEU C 184 -1.27 -40.29 -16.37
CA LEU C 184 -0.51 -40.01 -17.56
C LEU C 184 -0.01 -38.59 -17.64
N ALA C 185 -0.79 -37.62 -17.14
CA ALA C 185 -0.40 -36.22 -17.21
C ALA C 185 0.78 -35.89 -16.31
N GLN C 186 1.23 -36.82 -15.48
CA GLN C 186 2.26 -36.49 -14.51
C GLN C 186 3.66 -36.65 -15.09
N GLU C 187 3.86 -37.64 -15.95
CA GLU C 187 5.18 -37.86 -16.51
C GLU C 187 5.67 -36.72 -17.41
N PRO C 188 4.81 -36.07 -18.26
CA PRO C 188 5.37 -35.03 -19.12
C PRO C 188 5.77 -33.80 -18.32
N MET C 189 4.95 -33.43 -17.34
CA MET C 189 5.31 -32.30 -16.49
C MET C 189 6.56 -32.61 -15.66
N LYS C 190 6.67 -33.85 -15.15
CA LYS C 190 7.88 -34.21 -14.43
C LYS C 190 9.11 -34.10 -15.31
N ALA C 191 9.04 -34.63 -16.52
CA ALA C 191 10.15 -34.50 -17.45
C ALA C 191 10.42 -33.05 -17.81
N PHE C 192 9.39 -32.20 -17.79
CA PHE C 192 9.61 -30.79 -18.05
C PHE C 192 10.38 -30.13 -16.92
N MET C 193 9.83 -30.15 -15.73
CA MET C 193 10.44 -29.45 -14.61
C MET C 193 11.85 -29.95 -14.34
N LEU C 194 12.06 -31.26 -14.48
CA LEU C 194 13.34 -31.84 -14.11
C LEU C 194 14.49 -31.25 -14.91
N LYS C 195 14.21 -30.68 -16.09
CA LYS C 195 15.26 -30.01 -16.83
C LYS C 195 15.60 -28.65 -16.26
N GLN C 196 14.70 -28.04 -15.48
CA GLN C 196 14.97 -26.75 -14.85
C GLN C 196 15.37 -26.87 -13.40
N THR C 197 15.02 -27.96 -12.72
CA THR C 197 15.40 -28.16 -11.35
C THR C 197 16.88 -28.48 -11.27
N ARG C 198 17.62 -27.65 -10.54
CA ARG C 198 19.02 -27.96 -10.28
C ARG C 198 19.13 -29.28 -9.53
N ILE C 199 20.22 -30.00 -9.79
CA ILE C 199 20.45 -31.23 -9.05
C ILE C 199 20.91 -30.93 -7.63
N LYS C 200 21.68 -29.84 -7.47
CA LYS C 200 22.13 -29.45 -6.14
C LYS C 200 20.98 -29.16 -5.21
N ASP C 201 19.93 -28.52 -5.70
CA ASP C 201 18.75 -28.27 -4.89
C ASP C 201 17.92 -29.53 -4.68
N LEU C 202 17.86 -30.40 -5.68
CA LEU C 202 17.11 -31.64 -5.52
C LEU C 202 17.75 -32.57 -4.49
N GLU C 203 19.07 -32.56 -4.38
CA GLU C 203 19.75 -33.47 -3.47
C GLU C 203 19.26 -33.31 -2.04
N THR C 204 19.02 -32.07 -1.60
CA THR C 204 18.48 -31.89 -0.27
C THR C 204 17.05 -32.37 -0.17
N PHE C 205 16.22 -32.04 -1.16
CA PHE C 205 14.81 -32.39 -1.10
C PHE C 205 14.57 -33.89 -1.18
N VAL C 206 15.51 -34.67 -1.69
CA VAL C 206 15.31 -36.11 -1.69
C VAL C 206 15.83 -36.74 -0.40
N GLU C 207 17.03 -36.35 0.03
CA GLU C 207 17.61 -36.94 1.24
C GLU C 207 16.81 -36.62 2.49
N MET C 208 16.01 -35.54 2.48
CA MET C 208 15.16 -35.24 3.60
C MET C 208 13.77 -35.83 3.46
N SER C 209 13.42 -36.33 2.27
CA SER C 209 12.20 -37.12 2.12
C SER C 209 12.44 -38.58 2.46
N GLY C 210 13.69 -39.04 2.42
CA GLY C 210 14.04 -40.39 2.79
C GLY C 210 14.01 -41.41 1.68
N SER C 211 12.99 -41.39 0.83
CA SER C 211 12.83 -42.37 -0.24
C SER C 211 13.84 -42.02 -1.32
N GLN C 212 15.09 -42.42 -1.10
CA GLN C 212 16.21 -42.08 -1.98
C GLN C 212 16.19 -42.99 -3.19
N VAL C 213 15.96 -42.40 -4.37
CA VAL C 213 15.90 -43.16 -5.61
C VAL C 213 17.06 -42.73 -6.49
N THR C 214 17.65 -43.71 -7.17
CA THR C 214 18.75 -43.45 -8.09
C THR C 214 18.27 -42.75 -9.35
N ALA C 215 17.16 -43.21 -9.91
CA ALA C 215 16.59 -42.58 -11.09
C ALA C 215 15.80 -41.34 -10.67
N PRO C 216 16.28 -40.13 -11.00
CA PRO C 216 15.54 -38.92 -10.58
C PRO C 216 14.13 -38.88 -11.09
N GLU C 217 13.88 -39.35 -12.31
CA GLU C 217 12.53 -39.36 -12.85
C GLU C 217 11.59 -40.24 -12.03
N GLN C 218 12.13 -41.14 -11.21
CA GLN C 218 11.33 -41.96 -10.33
C GLN C 218 11.09 -41.29 -8.97
N VAL C 219 11.41 -40.01 -8.85
CA VAL C 219 11.10 -39.30 -7.61
C VAL C 219 9.60 -39.04 -7.55
N SER C 220 9.08 -39.02 -6.33
CA SER C 220 7.67 -38.70 -6.15
C SER C 220 7.41 -37.26 -6.59
N MET C 221 6.27 -37.07 -7.25
CA MET C 221 5.91 -35.75 -7.74
C MET C 221 5.91 -34.71 -6.64
N ALA C 222 5.36 -35.06 -5.47
CA ALA C 222 5.35 -34.18 -4.32
C ALA C 222 6.73 -33.91 -3.76
N VAL C 223 7.77 -34.55 -4.29
CA VAL C 223 9.13 -34.21 -3.91
C VAL C 223 9.80 -33.38 -4.99
N LEU C 224 9.47 -33.62 -6.25
CA LEU C 224 10.05 -32.84 -7.33
C LEU C 224 9.50 -31.43 -7.33
N ILE C 225 8.19 -31.28 -7.19
CA ILE C 225 7.53 -29.97 -7.25
C ILE C 225 8.17 -29.00 -6.27
N PRO C 226 8.30 -29.33 -4.98
CA PRO C 226 8.96 -28.38 -4.06
C PRO C 226 10.40 -28.15 -4.40
N ALA C 227 11.06 -29.12 -5.03
CA ALA C 227 12.40 -28.89 -5.54
C ALA C 227 12.38 -28.00 -6.77
N PHE C 228 11.32 -28.09 -7.57
CA PHE C 228 11.21 -27.24 -8.74
C PHE C 228 10.99 -25.79 -8.35
N ILE C 229 10.17 -25.55 -7.31
CA ILE C 229 9.88 -24.18 -6.91
C ILE C 229 11.12 -23.51 -6.36
N THR C 230 11.79 -24.14 -5.39
CA THR C 230 12.98 -23.55 -4.81
C THR C 230 14.09 -23.40 -5.84
N SER C 231 13.99 -24.05 -6.99
CA SER C 231 14.95 -23.86 -8.07
C SER C 231 14.52 -22.72 -8.98
N GLU C 232 13.22 -22.49 -9.13
CA GLU C 232 12.72 -21.39 -9.92
C GLU C 232 13.07 -20.04 -9.33
N LEU C 233 12.62 -19.78 -8.11
CA LEU C 233 12.87 -18.49 -7.49
C LEU C 233 14.34 -18.11 -7.46
N LYS C 234 15.24 -19.08 -7.36
CA LYS C 234 16.65 -18.75 -7.47
C LYS C 234 16.97 -18.22 -8.88
N THR C 235 16.52 -18.93 -9.91
CA THR C 235 16.69 -18.43 -11.27
C THR C 235 16.02 -17.08 -11.45
N ALA C 236 14.81 -16.92 -10.90
CA ALA C 236 14.10 -15.66 -11.08
C ALA C 236 14.86 -14.51 -10.45
N PHE C 237 15.39 -14.70 -9.25
CA PHE C 237 16.16 -13.65 -8.63
C PHE C 237 17.47 -13.39 -9.36
N GLN C 238 18.09 -14.41 -9.92
CA GLN C 238 19.28 -14.15 -10.74
C GLN C 238 18.93 -13.27 -11.93
N ILE C 239 17.91 -13.65 -12.70
CA ILE C 239 17.50 -12.85 -13.84
C ILE C 239 17.15 -11.44 -13.41
N GLY C 240 16.51 -11.31 -12.24
CA GLY C 240 16.22 -9.99 -11.73
C GLY C 240 17.45 -9.16 -11.48
N PHE C 241 18.38 -9.67 -10.68
CA PHE C 241 19.60 -8.93 -10.40
C PHE C 241 20.37 -8.61 -11.66
N MET C 242 20.22 -9.44 -12.70
CA MET C 242 20.80 -9.07 -14.00
C MET C 242 20.08 -7.86 -14.58
N LEU C 243 18.76 -7.97 -14.75
CA LEU C 243 17.96 -6.91 -15.37
C LEU C 243 17.87 -5.66 -14.51
N PHE C 244 18.21 -5.75 -13.23
CA PHE C 244 17.95 -4.63 -12.33
C PHE C 244 19.05 -3.59 -12.40
N LEU C 245 20.30 -4.03 -12.54
CA LEU C 245 21.41 -3.11 -12.34
C LEU C 245 21.39 -1.86 -13.22
N PRO C 246 21.09 -1.92 -14.52
CA PRO C 246 21.08 -0.68 -15.30
C PRO C 246 20.18 0.39 -14.72
N PHE C 247 18.95 0.05 -14.36
CA PHE C 247 18.01 1.00 -13.78
C PHE C 247 18.50 1.59 -12.47
N LEU C 248 19.44 0.93 -11.81
CA LEU C 248 20.05 1.47 -10.61
C LEU C 248 21.25 2.35 -10.91
N ILE C 249 22.02 2.03 -11.95
CA ILE C 249 23.08 2.93 -12.38
C ILE C 249 22.51 4.29 -12.71
N ILE C 250 21.40 4.32 -13.45
CA ILE C 250 20.74 5.57 -13.77
C ILE C 250 20.40 6.34 -12.51
N ASP C 251 19.83 5.66 -11.52
CA ASP C 251 19.35 6.36 -10.34
C ASP C 251 20.52 6.90 -9.54
N LEU C 252 21.57 6.11 -9.37
CA LEU C 252 22.74 6.62 -8.66
C LEU C 252 23.35 7.82 -9.36
N VAL C 253 23.53 7.75 -10.68
CA VAL C 253 24.15 8.87 -11.36
C VAL C 253 23.24 10.10 -11.31
N VAL C 254 21.93 9.89 -11.39
CA VAL C 254 21.00 11.01 -11.33
C VAL C 254 21.03 11.66 -9.95
N ALA C 255 20.94 10.85 -8.90
CA ALA C 255 20.99 11.40 -7.55
C ALA C 255 22.29 12.14 -7.32
N SER C 256 23.41 11.59 -7.80
CA SER C 256 24.68 12.27 -7.62
C SER C 256 24.75 13.59 -8.36
N VAL C 257 24.38 13.61 -9.64
CA VAL C 257 24.46 14.88 -10.38
C VAL C 257 23.52 15.90 -9.75
N LEU C 258 22.38 15.45 -9.24
CA LEU C 258 21.49 16.37 -8.55
C LEU C 258 22.15 16.95 -7.31
N MET C 259 22.70 16.09 -6.46
CA MET C 259 23.40 16.57 -5.28
C MET C 259 24.57 17.47 -5.64
N ALA C 260 25.12 17.33 -6.84
CA ALA C 260 26.28 18.11 -7.22
C ALA C 260 25.99 19.61 -7.25
N MET C 261 24.77 20.01 -7.61
CA MET C 261 24.40 21.41 -7.57
C MET C 261 23.80 21.82 -6.23
N GLY C 262 23.67 20.89 -5.29
CA GLY C 262 23.01 21.17 -4.03
C GLY C 262 21.52 20.90 -4.03
N MET C 263 20.97 20.39 -5.13
CA MET C 263 19.53 20.17 -5.24
C MET C 263 19.15 18.99 -4.35
N MET C 264 19.26 19.22 -3.05
CA MET C 264 19.16 18.15 -2.08
C MET C 264 17.76 17.59 -1.92
N MET C 265 16.73 18.33 -2.35
CA MET C 265 15.35 17.97 -2.08
C MET C 265 14.60 17.57 -3.34
N LEU C 266 15.26 17.51 -4.49
CA LEU C 266 14.54 17.38 -5.74
C LEU C 266 13.85 16.03 -5.90
N SER C 267 14.00 15.13 -4.93
CA SER C 267 13.40 13.80 -4.94
C SER C 267 13.77 13.06 -6.22
N PRO C 268 15.00 12.57 -6.33
CA PRO C 268 15.43 11.92 -7.56
C PRO C 268 14.73 10.60 -7.84
N MET C 269 13.41 10.64 -7.85
CA MET C 269 12.60 9.57 -8.38
C MET C 269 11.54 10.07 -9.35
N ILE C 270 11.27 11.37 -9.35
CA ILE C 270 10.53 11.99 -10.43
C ILE C 270 11.43 12.29 -11.62
N VAL C 271 12.55 12.97 -11.39
CA VAL C 271 13.39 13.41 -12.49
C VAL C 271 14.05 12.25 -13.21
N SER C 272 14.21 11.12 -12.54
CA SER C 272 14.95 10.02 -13.14
C SER C 272 14.05 9.00 -13.81
N LEU C 273 12.74 9.21 -13.82
CA LEU C 273 11.88 8.25 -14.50
C LEU C 273 12.00 8.36 -16.02
N PRO C 274 12.02 9.57 -16.59
CA PRO C 274 12.20 9.66 -18.04
C PRO C 274 13.46 8.97 -18.51
N PHE C 275 14.56 9.08 -17.77
CA PHE C 275 15.79 8.44 -18.21
C PHE C 275 15.64 6.93 -18.25
N LYS C 276 15.08 6.32 -17.21
CA LYS C 276 14.89 4.88 -17.26
C LYS C 276 13.97 4.47 -18.39
N LEU C 277 12.85 5.18 -18.56
CA LEU C 277 11.94 4.78 -19.63
C LEU C 277 12.57 4.98 -20.99
N MET C 278 13.45 5.97 -21.11
CA MET C 278 14.18 6.17 -22.37
C MET C 278 15.11 5.00 -22.63
N LEU C 279 15.91 4.63 -21.63
CA LEU C 279 16.80 3.47 -21.77
C LEU C 279 16.02 2.23 -22.14
N PHE C 280 14.90 1.99 -21.46
CA PHE C 280 14.14 0.77 -21.69
C PHE C 280 13.53 0.77 -23.08
N VAL C 281 13.26 1.96 -23.64
CA VAL C 281 12.74 2.02 -24.99
C VAL C 281 13.84 1.79 -26.01
N LEU C 282 15.02 2.38 -25.77
CA LEU C 282 16.13 2.27 -26.71
C LEU C 282 16.48 0.82 -26.98
N VAL C 283 16.46 -0.03 -25.96
CA VAL C 283 16.99 -1.37 -26.07
C VAL C 283 15.95 -2.39 -26.50
N ASP C 284 14.79 -1.94 -26.99
CA ASP C 284 13.64 -2.74 -27.36
C ASP C 284 12.99 -3.36 -26.13
N GLY C 285 13.60 -3.18 -24.96
CA GLY C 285 12.97 -3.56 -23.70
C GLY C 285 12.40 -4.96 -23.72
N TRP C 286 11.07 -5.02 -23.63
CA TRP C 286 10.38 -6.28 -23.42
C TRP C 286 10.78 -7.33 -24.44
N ASN C 287 10.93 -6.93 -25.71
CA ASN C 287 11.32 -7.88 -26.74
C ASN C 287 12.54 -8.69 -26.31
N LEU C 288 13.59 -7.99 -25.86
CA LEU C 288 14.75 -8.70 -25.35
C LEU C 288 14.43 -9.41 -24.05
N ILE C 289 13.68 -8.76 -23.18
CA ILE C 289 13.38 -9.35 -21.88
C ILE C 289 12.52 -10.58 -22.04
N LEU C 290 11.34 -10.45 -22.63
CA LEU C 290 10.41 -11.56 -22.73
C LEU C 290 10.90 -12.63 -23.68
N SER C 291 12.01 -12.42 -24.36
CA SER C 291 12.70 -13.48 -25.07
C SER C 291 13.71 -14.20 -24.20
N THR C 292 14.43 -13.46 -23.35
CA THR C 292 15.35 -14.09 -22.41
C THR C 292 14.63 -15.00 -21.43
N LEU C 293 13.53 -14.55 -20.84
CA LEU C 293 12.72 -15.44 -20.02
C LEU C 293 12.21 -16.60 -20.85
N ALA C 294 11.77 -16.32 -22.08
CA ALA C 294 11.41 -17.41 -22.98
C ALA C 294 12.62 -18.26 -23.32
N GLY C 295 13.80 -17.66 -23.37
CA GLY C 295 15.01 -18.41 -23.63
C GLY C 295 15.63 -19.04 -22.40
N SER C 296 15.31 -18.54 -21.21
CA SER C 296 15.85 -19.15 -20.01
C SER C 296 15.22 -20.50 -19.72
N PHE C 297 13.98 -20.71 -20.14
CA PHE C 297 13.37 -22.04 -20.10
C PHE C 297 13.97 -22.92 -21.19
N ALA C 298 15.19 -23.40 -20.92
CA ALA C 298 15.83 -24.32 -21.84
C ALA C 298 15.08 -25.65 -21.81
N LEU C 299 14.25 -25.88 -22.83
CA LEU C 299 13.50 -27.12 -22.94
C LEU C 299 13.46 -27.59 -24.39
N THR D 104 -12.73 -22.28 -11.85
CA THR D 104 -11.41 -22.04 -11.27
C THR D 104 -10.77 -20.81 -11.89
N MET D 105 -11.48 -20.17 -12.81
CA MET D 105 -10.97 -18.99 -13.51
C MET D 105 -11.71 -17.72 -13.08
N LEU D 106 -12.21 -17.67 -11.85
CA LEU D 106 -12.88 -16.48 -11.36
C LEU D 106 -11.92 -15.34 -11.07
N GLY D 107 -10.61 -15.61 -11.07
CA GLY D 107 -9.63 -14.57 -10.80
C GLY D 107 -8.85 -14.16 -12.02
N PHE D 108 -8.55 -15.12 -12.90
CA PHE D 108 -7.71 -14.83 -14.05
C PHE D 108 -8.49 -14.17 -15.18
N LEU D 109 -9.67 -14.71 -15.49
CA LEU D 109 -10.55 -14.23 -16.55
C LEU D 109 -10.73 -12.71 -16.53
N PRO D 110 -10.97 -12.06 -15.38
CA PRO D 110 -11.10 -10.61 -15.38
C PRO D 110 -9.92 -9.87 -15.99
N ALA D 111 -8.75 -10.51 -16.07
CA ALA D 111 -7.58 -9.86 -16.65
C ALA D 111 -7.48 -10.03 -18.16
N MET D 112 -8.14 -11.05 -18.72
CA MET D 112 -8.02 -11.27 -20.15
C MET D 112 -8.71 -10.16 -20.95
N VAL D 113 -9.91 -9.76 -20.53
CA VAL D 113 -10.72 -8.83 -21.30
C VAL D 113 -9.97 -7.53 -21.57
N ILE D 114 -9.18 -7.05 -20.61
CA ILE D 114 -8.47 -5.78 -20.82
C ILE D 114 -7.27 -5.99 -21.74
N LEU D 115 -6.65 -7.16 -21.69
CA LEU D 115 -5.51 -7.41 -22.55
C LEU D 115 -5.94 -7.66 -23.99
N MET D 116 -7.05 -8.39 -24.17
CA MET D 116 -7.61 -8.55 -25.50
C MET D 116 -7.81 -7.20 -26.17
N THR D 117 -8.45 -6.27 -25.50
CA THR D 117 -8.57 -4.93 -26.05
C THR D 117 -7.30 -4.14 -25.79
N SER D 118 -7.28 -2.91 -26.30
CA SER D 118 -6.18 -1.98 -26.06
C SER D 118 -6.51 -1.06 -24.90
N PHE D 119 -6.92 -1.68 -23.80
CA PHE D 119 -7.17 -0.94 -22.57
C PHE D 119 -5.88 -0.54 -21.88
N THR D 120 -4.80 -1.28 -22.13
CA THR D 120 -3.60 -1.14 -21.32
C THR D 120 -2.87 0.16 -21.62
N ARG D 121 -2.78 0.55 -22.89
CA ARG D 121 -1.93 1.68 -23.24
C ARG D 121 -2.39 2.95 -22.54
N ILE D 122 -3.70 3.21 -22.55
CA ILE D 122 -4.19 4.43 -21.93
C ILE D 122 -3.93 4.41 -20.44
N VAL D 123 -4.18 3.29 -19.78
CA VAL D 123 -3.90 3.20 -18.36
C VAL D 123 -2.44 3.50 -18.09
N VAL D 124 -1.54 2.88 -18.85
CA VAL D 124 -0.13 3.04 -18.58
C VAL D 124 0.31 4.48 -18.80
N VAL D 125 -0.13 5.10 -19.89
CA VAL D 125 0.33 6.46 -20.17
C VAL D 125 -0.26 7.43 -19.16
N MET D 126 -1.54 7.30 -18.86
CA MET D 126 -2.14 8.22 -17.91
C MET D 126 -1.63 8.01 -16.50
N SER D 127 -1.26 6.79 -16.12
CA SER D 127 -0.67 6.57 -14.83
C SER D 127 0.77 7.04 -14.75
N ILE D 128 1.51 6.99 -15.85
CA ILE D 128 2.79 7.69 -15.88
C ILE D 128 2.56 9.18 -15.71
N LEU D 129 1.52 9.71 -16.36
CA LEU D 129 1.26 11.14 -16.27
C LEU D 129 0.83 11.53 -14.87
N ARG D 130 0.09 10.66 -14.18
CA ARG D 130 -0.32 10.95 -12.82
C ARG D 130 0.89 11.16 -11.92
N GLN D 131 1.88 10.30 -12.04
CA GLN D 131 3.13 10.51 -11.32
C GLN D 131 3.86 11.73 -11.87
N ALA D 132 3.68 12.02 -13.15
CA ALA D 132 4.35 13.16 -13.74
C ALA D 132 3.90 14.46 -13.10
N MET D 133 2.58 14.60 -12.90
CA MET D 133 2.07 15.79 -12.23
C MET D 133 2.57 15.89 -10.81
N GLY D 134 3.30 14.88 -10.35
CA GLY D 134 3.62 14.75 -8.95
C GLY D 134 2.41 14.55 -8.08
N LEU D 135 1.29 14.18 -8.67
CA LEU D 135 0.01 14.07 -7.99
C LEU D 135 -0.22 12.61 -7.62
N GLN D 136 -0.06 12.28 -6.34
CA GLN D 136 -0.39 10.96 -5.84
C GLN D 136 -1.81 10.99 -5.31
N GLN D 137 -2.71 10.34 -6.03
CA GLN D 137 -4.09 10.20 -5.60
C GLN D 137 -4.57 8.79 -5.90
N THR D 138 -4.83 8.03 -4.83
CA THR D 138 -5.72 6.90 -4.99
C THR D 138 -7.06 7.30 -5.62
N PRO D 139 -7.61 8.49 -5.38
CA PRO D 139 -8.76 8.92 -6.20
C PRO D 139 -8.41 9.09 -7.67
N SER D 140 -7.34 9.82 -7.99
CA SER D 140 -6.95 9.91 -9.40
C SER D 140 -6.55 8.55 -9.94
N ASN D 141 -5.91 7.72 -9.11
CA ASN D 141 -5.59 6.37 -9.55
C ASN D 141 -6.83 5.59 -9.92
N GLN D 142 -7.91 5.74 -9.15
CA GLN D 142 -9.16 5.05 -9.47
C GLN D 142 -9.79 5.62 -10.73
N VAL D 143 -9.83 6.95 -10.85
CA VAL D 143 -10.54 7.54 -11.98
C VAL D 143 -9.78 7.30 -13.27
N ILE D 144 -8.48 7.01 -13.18
CA ILE D 144 -7.73 6.62 -14.37
C ILE D 144 -8.40 5.46 -15.06
N ILE D 145 -8.86 4.48 -14.28
CA ILE D 145 -9.53 3.32 -14.86
C ILE D 145 -10.80 3.76 -15.59
N GLY D 146 -11.56 4.66 -15.00
CA GLY D 146 -12.78 5.12 -15.68
C GLY D 146 -12.47 5.82 -16.99
N ILE D 147 -11.50 6.74 -16.96
CA ILE D 147 -11.14 7.49 -18.17
C ILE D 147 -10.71 6.54 -19.26
N ALA D 148 -9.72 5.69 -18.96
CA ALA D 148 -9.22 4.77 -19.96
C ALA D 148 -10.29 3.81 -20.41
N LEU D 149 -11.21 3.44 -19.51
CA LEU D 149 -12.25 2.49 -19.87
C LEU D 149 -13.20 3.07 -20.89
N PHE D 150 -13.67 4.29 -20.67
CA PHE D 150 -14.60 4.87 -21.63
C PHE D 150 -13.88 5.28 -22.91
N LEU D 151 -12.60 5.63 -22.81
CA LEU D 151 -11.84 5.81 -24.04
C LEU D 151 -11.79 4.53 -24.85
N THR D 152 -11.57 3.40 -24.18
CA THR D 152 -11.52 2.13 -24.89
C THR D 152 -12.89 1.77 -25.46
N PHE D 153 -13.95 2.09 -24.73
CA PHE D 153 -15.29 1.97 -25.31
C PHE D 153 -15.38 2.72 -26.63
N PHE D 154 -15.04 4.01 -26.61
CA PHE D 154 -15.14 4.82 -27.80
C PHE D 154 -14.23 4.29 -28.92
N ILE D 155 -13.10 3.69 -28.54
CA ILE D 155 -12.14 3.24 -29.55
C ILE D 155 -12.61 1.95 -30.19
N MET D 156 -13.04 0.98 -29.40
CA MET D 156 -13.49 -0.31 -29.92
C MET D 156 -14.95 -0.31 -30.32
N ALA D 157 -15.63 0.82 -30.24
CA ALA D 157 -16.98 0.90 -30.78
C ALA D 157 -17.09 0.32 -32.18
N PRO D 158 -16.18 0.60 -33.12
CA PRO D 158 -16.25 -0.11 -34.40
C PRO D 158 -16.14 -1.60 -34.27
N VAL D 159 -15.11 -2.09 -33.57
CA VAL D 159 -14.89 -3.53 -33.51
C VAL D 159 -15.92 -4.21 -32.63
N PHE D 160 -16.24 -3.60 -31.48
CA PHE D 160 -17.29 -4.18 -30.65
C PHE D 160 -18.62 -4.21 -31.38
N ASN D 161 -18.94 -3.16 -32.13
CA ASN D 161 -20.20 -3.11 -32.84
C ASN D 161 -20.23 -4.14 -33.96
N GLN D 162 -19.11 -4.33 -34.65
CA GLN D 162 -19.04 -5.34 -35.67
C GLN D 162 -19.19 -6.74 -35.08
N ILE D 163 -18.55 -6.99 -33.94
CA ILE D 163 -18.68 -8.29 -33.28
C ILE D 163 -20.11 -8.51 -32.82
N ASN D 164 -20.76 -7.45 -32.32
CA ASN D 164 -22.17 -7.55 -32.00
C ASN D 164 -22.97 -7.96 -33.23
N GLU D 165 -22.79 -7.26 -34.35
CA GLU D 165 -23.54 -7.59 -35.55
C GLU D 165 -23.24 -9.00 -36.04
N GLN D 166 -22.06 -9.53 -35.74
CA GLN D 166 -21.71 -10.85 -36.25
C GLN D 166 -22.20 -11.96 -35.33
N ALA D 167 -22.30 -11.70 -34.03
CA ALA D 167 -22.64 -12.75 -33.07
C ALA D 167 -23.92 -12.48 -32.30
N VAL D 168 -24.02 -11.31 -31.66
CA VAL D 168 -25.10 -11.06 -30.71
C VAL D 168 -26.42 -10.87 -31.44
N GLN D 169 -26.43 -10.03 -32.47
CA GLN D 169 -27.64 -9.92 -33.29
C GLN D 169 -28.02 -11.25 -33.90
N PRO D 170 -27.09 -12.07 -34.43
CA PRO D 170 -27.46 -13.45 -34.75
C PRO D 170 -27.81 -14.27 -33.53
N TYR D 171 -27.38 -13.85 -32.34
CA TYR D 171 -27.68 -14.62 -31.13
C TYR D 171 -29.11 -14.39 -30.67
N LEU D 172 -29.95 -13.84 -31.56
CA LEU D 172 -31.39 -13.88 -31.32
C LEU D 172 -31.92 -15.30 -31.50
N ASN D 173 -31.77 -15.85 -32.71
CA ASN D 173 -32.01 -17.28 -32.90
C ASN D 173 -30.77 -18.09 -32.58
N GLU D 174 -29.60 -17.47 -32.61
CA GLU D 174 -28.29 -17.96 -32.17
C GLU D 174 -27.71 -19.02 -33.11
N GLN D 175 -28.57 -19.68 -33.89
CA GLN D 175 -28.27 -20.52 -35.06
C GLN D 175 -27.10 -21.48 -34.88
N ILE D 176 -26.43 -21.46 -33.73
CA ILE D 176 -25.12 -22.10 -33.64
C ILE D 176 -24.64 -22.12 -32.18
N SER D 177 -23.74 -23.05 -31.85
CA SER D 177 -23.25 -23.13 -30.47
C SER D 177 -21.74 -23.37 -30.46
N ALA D 178 -20.99 -22.32 -30.10
CA ALA D 178 -19.63 -22.40 -29.57
C ALA D 178 -18.59 -22.97 -30.52
N ARG D 179 -18.96 -23.26 -31.78
CA ARG D 179 -18.00 -23.77 -32.75
C ARG D 179 -17.64 -22.76 -33.81
N GLN D 180 -18.61 -22.26 -34.57
CA GLN D 180 -18.38 -21.12 -35.44
C GLN D 180 -19.03 -19.87 -34.86
N ALA D 181 -19.38 -19.91 -33.57
CA ALA D 181 -19.79 -18.73 -32.82
C ALA D 181 -18.65 -18.12 -32.03
N PHE D 182 -17.84 -18.96 -31.38
CA PHE D 182 -16.64 -18.46 -30.71
C PHE D 182 -15.57 -18.06 -31.72
N ASP D 183 -15.27 -18.96 -32.66
CA ASP D 183 -14.30 -18.66 -33.71
C ASP D 183 -14.76 -17.56 -34.64
N LEU D 184 -16.07 -17.24 -34.64
CA LEU D 184 -16.53 -16.05 -35.35
C LEU D 184 -15.98 -14.79 -34.70
N ALA D 185 -16.16 -14.65 -33.39
CA ALA D 185 -15.67 -13.48 -32.69
C ALA D 185 -14.16 -13.46 -32.56
N GLN D 186 -13.52 -14.63 -32.67
CA GLN D 186 -12.07 -14.67 -32.58
C GLN D 186 -11.40 -13.87 -33.70
N GLU D 187 -12.09 -13.64 -34.81
CA GLU D 187 -11.51 -13.05 -36.00
C GLU D 187 -11.32 -11.53 -35.92
N PRO D 188 -12.35 -10.73 -35.65
CA PRO D 188 -12.18 -9.28 -35.71
C PRO D 188 -11.20 -8.72 -34.71
N MET D 189 -11.11 -9.32 -33.52
CA MET D 189 -10.10 -8.91 -32.56
C MET D 189 -8.70 -9.17 -33.08
N LYS D 190 -8.49 -10.32 -33.73
CA LYS D 190 -7.18 -10.60 -34.30
C LYS D 190 -6.86 -9.65 -35.43
N ALA D 191 -7.86 -9.30 -36.25
CA ALA D 191 -7.64 -8.27 -37.26
C ALA D 191 -7.24 -6.95 -36.61
N PHE D 192 -7.92 -6.58 -35.54
CA PHE D 192 -7.68 -5.26 -34.94
C PHE D 192 -6.30 -5.18 -34.31
N MET D 193 -5.96 -6.12 -33.41
CA MET D 193 -4.67 -6.01 -32.74
C MET D 193 -3.51 -5.98 -33.73
N LEU D 194 -3.65 -6.69 -34.84
CA LEU D 194 -2.57 -6.81 -35.79
C LEU D 194 -2.15 -5.47 -36.40
N LYS D 195 -3.06 -4.50 -36.44
CA LYS D 195 -2.75 -3.22 -37.04
C LYS D 195 -1.97 -2.30 -36.11
N GLN D 196 -1.84 -2.63 -34.83
CA GLN D 196 -1.18 -1.76 -33.87
C GLN D 196 0.12 -2.33 -33.35
N THR D 197 0.36 -3.63 -33.50
CA THR D 197 1.63 -4.21 -33.11
C THR D 197 2.70 -3.88 -34.12
N ARG D 198 3.96 -3.97 -33.68
CA ARG D 198 5.06 -3.96 -34.62
C ARG D 198 5.15 -5.31 -35.32
N ILE D 199 6.03 -5.38 -36.32
CA ILE D 199 6.25 -6.65 -37.00
C ILE D 199 7.47 -7.35 -36.44
N LYS D 200 8.52 -6.58 -36.14
CA LYS D 200 9.69 -7.14 -35.49
C LYS D 200 9.33 -7.85 -34.19
N ASP D 201 8.39 -7.28 -33.43
CA ASP D 201 7.96 -7.92 -32.20
C ASP D 201 7.30 -9.25 -32.50
N LEU D 202 6.38 -9.27 -33.47
CA LEU D 202 5.66 -10.50 -33.76
C LEU D 202 6.57 -11.59 -34.32
N GLU D 203 7.61 -11.22 -35.07
CA GLU D 203 8.48 -12.25 -35.63
C GLU D 203 9.46 -12.81 -34.61
N THR D 204 9.87 -12.03 -33.61
CA THR D 204 10.67 -12.57 -32.52
C THR D 204 9.86 -13.48 -31.62
N PHE D 205 8.54 -13.42 -31.68
CA PHE D 205 7.68 -14.32 -30.94
C PHE D 205 7.30 -15.56 -31.71
N VAL D 206 6.93 -15.43 -32.99
CA VAL D 206 6.54 -16.60 -33.74
C VAL D 206 7.72 -17.56 -33.89
N GLU D 207 8.93 -17.03 -33.91
CA GLU D 207 10.12 -17.87 -33.92
C GLU D 207 10.29 -18.63 -32.61
N MET D 208 9.88 -18.04 -31.49
CA MET D 208 9.87 -18.77 -30.23
C MET D 208 8.79 -19.84 -30.21
N SER D 209 7.63 -19.53 -30.79
CA SER D 209 6.59 -20.55 -30.91
C SER D 209 6.99 -21.64 -31.88
N GLY D 210 7.85 -21.33 -32.85
CA GLY D 210 8.22 -22.29 -33.87
C GLY D 210 7.14 -22.58 -34.90
N SER D 211 5.89 -22.30 -34.58
CA SER D 211 4.78 -22.53 -35.52
C SER D 211 4.78 -21.38 -36.52
N GLN D 212 5.61 -21.50 -37.55
CA GLN D 212 5.74 -20.45 -38.54
C GLN D 212 4.58 -20.50 -39.52
N VAL D 213 4.04 -19.31 -39.83
CA VAL D 213 2.95 -19.18 -40.79
C VAL D 213 3.35 -18.13 -41.81
N THR D 214 3.07 -18.41 -43.09
CA THR D 214 3.36 -17.46 -44.14
C THR D 214 2.55 -16.17 -44.00
N ALA D 215 1.36 -16.26 -43.41
CA ALA D 215 0.46 -15.11 -43.33
C ALA D 215 0.39 -14.63 -41.88
N PRO D 216 0.82 -13.40 -41.59
CA PRO D 216 0.59 -12.85 -40.24
C PRO D 216 -0.88 -12.78 -39.87
N GLU D 217 -1.78 -12.78 -40.86
CA GLU D 217 -3.20 -12.84 -40.57
C GLU D 217 -3.62 -14.21 -40.06
N GLN D 218 -2.98 -15.27 -40.55
CA GLN D 218 -3.21 -16.62 -40.02
C GLN D 218 -2.21 -16.96 -38.93
N VAL D 219 -2.09 -16.10 -37.95
CA VAL D 219 -1.17 -16.31 -36.84
C VAL D 219 -1.97 -16.83 -35.66
N SER D 220 -1.32 -17.68 -34.85
CA SER D 220 -1.99 -18.20 -33.67
C SER D 220 -2.24 -17.09 -32.66
N MET D 221 -3.45 -17.07 -32.13
CA MET D 221 -3.82 -16.06 -31.15
C MET D 221 -2.87 -16.06 -29.96
N ALA D 222 -2.41 -17.24 -29.54
CA ALA D 222 -1.58 -17.37 -28.34
C ALA D 222 -0.15 -16.86 -28.56
N VAL D 223 0.14 -16.22 -29.68
CA VAL D 223 1.45 -15.61 -29.87
C VAL D 223 1.34 -14.16 -30.30
N LEU D 224 0.20 -13.74 -30.85
CA LEU D 224 0.02 -12.33 -31.15
C LEU D 224 -0.14 -11.51 -29.88
N ILE D 225 -0.98 -11.97 -28.95
CA ILE D 225 -1.25 -11.24 -27.71
C ILE D 225 0.03 -11.08 -26.91
N PRO D 226 0.84 -12.12 -26.72
CA PRO D 226 2.15 -11.90 -26.09
C PRO D 226 3.03 -10.96 -26.87
N ALA D 227 2.84 -10.88 -28.19
CA ALA D 227 3.52 -9.87 -28.99
C ALA D 227 2.76 -8.55 -29.01
N PHE D 228 1.44 -8.59 -28.82
CA PHE D 228 0.66 -7.37 -28.75
C PHE D 228 0.96 -6.55 -27.51
N ILE D 229 1.14 -7.22 -26.38
CA ILE D 229 1.42 -6.51 -25.13
C ILE D 229 2.79 -5.89 -25.11
N THR D 230 3.83 -6.63 -25.50
CA THR D 230 5.15 -6.03 -25.59
C THR D 230 5.19 -4.85 -26.55
N SER D 231 4.28 -4.81 -27.52
CA SER D 231 4.16 -3.66 -28.41
C SER D 231 3.42 -2.51 -27.78
N GLU D 232 2.28 -2.80 -27.13
CA GLU D 232 1.54 -1.73 -26.48
C GLU D 232 2.35 -1.06 -25.40
N LEU D 233 3.05 -1.84 -24.58
CA LEU D 233 3.85 -1.25 -23.51
C LEU D 233 4.96 -0.39 -24.08
N LYS D 234 5.58 -0.83 -25.17
CA LYS D 234 6.64 -0.04 -25.77
C LYS D 234 6.10 1.27 -26.34
N THR D 235 4.99 1.20 -27.08
CA THR D 235 4.37 2.43 -27.59
C THR D 235 3.97 3.33 -26.44
N ALA D 236 3.47 2.76 -25.34
CA ALA D 236 3.03 3.54 -24.21
C ALA D 236 4.18 4.24 -23.51
N PHE D 237 5.27 3.53 -23.26
CA PHE D 237 6.45 4.18 -22.71
C PHE D 237 6.99 5.25 -23.64
N GLN D 238 6.92 5.05 -24.95
CA GLN D 238 7.31 6.13 -25.85
C GLN D 238 6.43 7.36 -25.67
N ILE D 239 5.11 7.17 -25.66
CA ILE D 239 4.20 8.29 -25.45
C ILE D 239 4.48 8.96 -24.12
N GLY D 240 4.79 8.16 -23.09
CA GLY D 240 5.07 8.71 -21.79
C GLY D 240 6.32 9.55 -21.74
N PHE D 241 7.41 9.05 -22.33
CA PHE D 241 8.62 9.86 -22.39
C PHE D 241 8.41 11.10 -23.24
N MET D 242 7.46 11.05 -24.17
CA MET D 242 7.10 12.25 -24.91
C MET D 242 6.41 13.27 -24.01
N LEU D 243 5.35 12.84 -23.32
CA LEU D 243 4.54 13.76 -22.53
C LEU D 243 5.25 14.22 -21.27
N PHE D 244 6.22 13.46 -20.77
CA PHE D 244 6.78 13.75 -19.47
C PHE D 244 7.66 14.98 -19.49
N LEU D 245 8.45 15.13 -20.55
CA LEU D 245 9.53 16.11 -20.52
C LEU D 245 9.13 17.52 -20.11
N PRO D 246 8.01 18.10 -20.55
CA PRO D 246 7.69 19.46 -20.11
C PRO D 246 7.57 19.57 -18.61
N PHE D 247 6.90 18.61 -17.96
CA PHE D 247 6.80 18.67 -16.51
C PHE D 247 8.13 18.54 -15.82
N LEU D 248 8.99 17.61 -16.23
CA LEU D 248 10.34 17.57 -15.71
C LEU D 248 11.06 18.88 -15.87
N ILE D 249 10.85 19.56 -17.00
CA ILE D 249 11.44 20.87 -17.19
C ILE D 249 10.92 21.85 -16.15
N ILE D 250 9.61 21.82 -15.90
CA ILE D 250 9.06 22.65 -14.84
C ILE D 250 9.74 22.35 -13.52
N ASP D 251 9.91 21.07 -13.19
CA ASP D 251 10.50 20.71 -11.91
C ASP D 251 11.92 21.20 -11.81
N LEU D 252 12.72 21.00 -12.85
CA LEU D 252 14.09 21.48 -12.85
C LEU D 252 14.18 22.99 -12.71
N VAL D 253 13.37 23.74 -13.47
CA VAL D 253 13.36 25.19 -13.34
C VAL D 253 12.98 25.58 -11.92
N VAL D 254 11.98 24.91 -11.35
CA VAL D 254 11.49 25.28 -10.04
C VAL D 254 12.56 25.04 -8.99
N ALA D 255 13.08 23.82 -8.91
CA ALA D 255 14.14 23.53 -7.97
C ALA D 255 15.35 24.42 -8.17
N SER D 256 15.68 24.73 -9.42
CA SER D 256 16.83 25.57 -9.70
C SER D 256 16.65 26.99 -9.22
N VAL D 257 15.50 27.61 -9.48
CA VAL D 257 15.30 28.97 -9.00
C VAL D 257 15.23 28.98 -7.49
N LEU D 258 14.62 27.95 -6.89
CA LEU D 258 14.57 27.88 -5.44
C LEU D 258 15.96 27.80 -4.85
N MET D 259 16.81 26.94 -5.41
CA MET D 259 18.17 26.82 -4.91
C MET D 259 18.96 28.09 -5.17
N ALA D 260 18.72 28.74 -6.31
CA ALA D 260 19.46 29.94 -6.67
C ALA D 260 19.14 31.07 -5.71
N MET D 261 17.87 31.29 -5.42
CA MET D 261 17.49 32.37 -4.51
C MET D 261 17.94 32.08 -3.08
N GLY D 262 18.40 30.86 -2.82
CA GLY D 262 18.92 30.50 -1.51
C GLY D 262 18.01 29.60 -0.70
N MET D 263 16.74 29.48 -1.06
CA MET D 263 15.79 28.68 -0.29
C MET D 263 16.08 27.19 -0.51
N MET D 264 17.16 26.74 0.15
CA MET D 264 17.64 25.39 -0.08
C MET D 264 16.68 24.36 0.50
N MET D 265 16.25 24.54 1.75
CA MET D 265 15.54 23.47 2.45
C MET D 265 14.12 23.31 1.92
N LEU D 266 13.57 24.35 1.29
CA LEU D 266 12.23 24.25 0.74
C LEU D 266 12.16 23.12 -0.28
N SER D 267 11.07 22.37 -0.25
CA SER D 267 10.98 21.18 -1.08
C SER D 267 10.39 21.55 -2.44
N PRO D 268 11.17 21.47 -3.50
CA PRO D 268 10.63 21.82 -4.83
C PRO D 268 9.77 20.71 -5.38
N MET D 269 8.90 20.19 -4.53
CA MET D 269 7.86 19.26 -4.95
C MET D 269 6.48 19.67 -4.47
N ILE D 270 6.38 20.45 -3.39
CA ILE D 270 5.10 21.01 -2.99
C ILE D 270 4.80 22.32 -3.67
N VAL D 271 5.78 22.94 -4.33
CA VAL D 271 5.58 24.26 -4.93
C VAL D 271 5.54 24.13 -6.44
N SER D 272 6.09 23.06 -6.97
CA SER D 272 6.06 22.82 -8.40
C SER D 272 4.69 22.39 -8.89
N LEU D 273 3.80 22.02 -8.00
CA LEU D 273 2.52 21.47 -8.41
C LEU D 273 1.58 22.53 -8.98
N PRO D 274 1.50 23.74 -8.41
CA PRO D 274 0.68 24.76 -9.06
C PRO D 274 1.13 25.09 -10.46
N PHE D 275 2.43 25.21 -10.70
CA PHE D 275 2.87 25.48 -12.06
C PHE D 275 2.67 24.28 -12.96
N LYS D 276 2.83 23.07 -12.44
CA LYS D 276 2.50 21.89 -13.22
C LYS D 276 1.05 21.88 -13.66
N LEU D 277 0.14 22.38 -12.83
CA LEU D 277 -1.25 22.52 -13.24
C LEU D 277 -1.48 23.66 -14.22
N MET D 278 -0.82 24.81 -13.99
CA MET D 278 -0.92 25.90 -14.95
C MET D 278 -0.53 25.45 -16.34
N LEU D 279 0.66 24.85 -16.46
CA LEU D 279 1.11 24.41 -17.77
C LEU D 279 0.19 23.33 -18.33
N PHE D 280 -0.43 22.54 -17.46
CA PHE D 280 -1.33 21.51 -17.94
C PHE D 280 -2.58 22.12 -18.55
N VAL D 281 -3.16 23.12 -17.89
CA VAL D 281 -4.42 23.68 -18.38
C VAL D 281 -4.19 24.62 -19.56
N LEU D 282 -3.07 25.36 -19.53
CA LEU D 282 -2.75 26.26 -20.64
C LEU D 282 -2.68 25.49 -21.94
N VAL D 283 -2.21 24.24 -21.89
CA VAL D 283 -2.16 23.38 -23.06
C VAL D 283 -3.49 22.67 -23.28
N ASP D 284 -4.54 23.09 -22.59
CA ASP D 284 -5.89 22.54 -22.70
C ASP D 284 -5.93 21.12 -22.17
N GLY D 285 -4.86 20.66 -21.54
CA GLY D 285 -4.92 19.44 -20.76
C GLY D 285 -5.33 18.23 -21.56
N TRP D 286 -6.27 17.49 -21.00
CA TRP D 286 -6.64 16.18 -21.54
C TRP D 286 -7.13 16.27 -22.97
N ASN D 287 -7.77 17.39 -23.33
CA ASN D 287 -8.34 17.54 -24.66
C ASN D 287 -7.34 17.14 -25.74
N LEU D 288 -6.11 17.65 -25.64
CA LEU D 288 -5.07 17.22 -26.57
C LEU D 288 -4.64 15.80 -26.27
N ILE D 289 -4.32 15.51 -25.01
CA ILE D 289 -3.70 14.26 -24.65
C ILE D 289 -4.51 13.08 -25.17
N LEU D 290 -5.75 12.97 -24.72
CA LEU D 290 -6.62 11.89 -25.19
C LEU D 290 -6.71 11.90 -26.71
N SER D 291 -6.86 13.09 -27.29
CA SER D 291 -6.84 13.20 -28.75
C SER D 291 -5.59 12.54 -29.31
N THR D 292 -4.41 12.92 -28.82
CA THR D 292 -3.19 12.28 -29.26
C THR D 292 -3.27 10.78 -29.07
N LEU D 293 -3.79 10.32 -27.93
CA LEU D 293 -3.98 8.90 -27.74
C LEU D 293 -4.88 8.32 -28.81
N ALA D 294 -6.01 8.96 -29.08
CA ALA D 294 -6.88 8.51 -30.15
C ALA D 294 -6.15 8.55 -31.49
N GLY D 295 -5.19 9.46 -31.64
CA GLY D 295 -4.42 9.50 -32.86
C GLY D 295 -3.48 8.33 -32.98
N SER D 296 -3.01 7.80 -31.85
CA SER D 296 -2.04 6.72 -31.89
C SER D 296 -2.65 5.44 -32.45
N PHE D 297 -3.94 5.23 -32.21
CA PHE D 297 -4.62 4.03 -32.70
C PHE D 297 -5.19 4.32 -34.09
N ALA D 298 -4.29 4.63 -35.01
CA ALA D 298 -4.70 4.84 -36.39
C ALA D 298 -4.92 3.51 -37.08
N LEU D 299 -6.18 3.23 -37.42
CA LEU D 299 -6.53 1.97 -38.06
C LEU D 299 -6.56 2.14 -39.58
N VAL E 113 -22.90 5.49 -12.95
CA VAL E 113 -23.81 6.63 -12.83
C VAL E 113 -23.15 7.73 -12.02
N ILE E 114 -22.33 7.32 -11.04
CA ILE E 114 -21.65 8.28 -10.18
C ILE E 114 -20.77 9.21 -11.01
N LEU E 115 -20.28 8.73 -12.15
CA LEU E 115 -19.52 9.60 -13.05
C LEU E 115 -20.43 10.59 -13.78
N MET E 116 -21.66 10.19 -14.11
CA MET E 116 -22.60 11.13 -14.69
C MET E 116 -22.89 12.28 -13.77
N THR E 117 -22.69 12.10 -12.47
CA THR E 117 -22.85 13.15 -11.49
C THR E 117 -21.65 14.08 -11.56
N SER E 118 -21.55 15.01 -10.61
CA SER E 118 -20.42 15.92 -10.53
C SER E 118 -19.31 15.39 -9.62
N PHE E 119 -19.59 14.33 -8.86
CA PHE E 119 -18.64 13.84 -7.87
C PHE E 119 -17.24 13.71 -8.43
N THR E 120 -17.13 13.39 -9.72
CA THR E 120 -15.83 13.31 -10.37
C THR E 120 -15.01 14.56 -10.13
N ARG E 121 -15.56 15.73 -10.45
CA ARG E 121 -14.85 16.98 -10.19
C ARG E 121 -14.64 17.19 -8.71
N ILE E 122 -15.67 16.89 -7.91
CA ILE E 122 -15.66 17.26 -6.51
C ILE E 122 -14.50 16.59 -5.79
N VAL E 123 -14.37 15.27 -5.93
CA VAL E 123 -13.33 14.57 -5.19
C VAL E 123 -11.94 14.99 -5.63
N VAL E 124 -11.77 15.31 -6.91
CA VAL E 124 -10.48 15.78 -7.37
C VAL E 124 -10.13 17.11 -6.70
N VAL E 125 -11.11 18.01 -6.62
CA VAL E 125 -10.89 19.25 -5.88
C VAL E 125 -10.55 18.96 -4.42
N MET E 126 -11.27 18.03 -3.82
CA MET E 126 -10.99 17.62 -2.44
C MET E 126 -9.53 17.25 -2.29
N SER E 127 -9.08 16.27 -3.07
CA SER E 127 -7.73 15.76 -2.91
C SER E 127 -6.69 16.81 -3.25
N ILE E 128 -6.95 17.65 -4.26
CA ILE E 128 -6.10 18.80 -4.52
C ILE E 128 -5.91 19.62 -3.25
N LEU E 129 -7.02 19.94 -2.58
CA LEU E 129 -6.92 20.63 -1.31
C LEU E 129 -6.08 19.88 -0.31
N ARG E 130 -6.34 18.57 -0.15
CA ARG E 130 -5.61 17.79 0.85
C ARG E 130 -4.10 17.92 0.68
N GLN E 131 -3.61 17.75 -0.54
CA GLN E 131 -2.19 17.90 -0.79
C GLN E 131 -1.72 19.33 -0.70
N ALA E 132 -2.62 20.30 -0.91
CA ALA E 132 -2.22 21.67 -0.70
C ALA E 132 -1.85 21.94 0.75
N MET E 133 -2.56 21.31 1.68
CA MET E 133 -2.30 21.56 3.10
C MET E 133 -0.92 21.08 3.52
N GLY E 134 -0.33 20.18 2.75
CA GLY E 134 0.83 19.45 3.22
C GLY E 134 0.49 18.34 4.17
N LEU E 135 -0.79 18.05 4.38
CA LEU E 135 -1.25 16.98 5.25
C LEU E 135 -1.79 15.82 4.40
N GLN E 136 -0.87 14.96 3.98
CA GLN E 136 -1.21 13.94 3.01
C GLN E 136 -2.00 12.81 3.64
N GLN E 137 -3.10 12.43 3.01
CA GLN E 137 -3.96 11.36 3.44
C GLN E 137 -4.45 11.56 4.87
N THR E 138 -4.45 12.81 5.33
CA THR E 138 -4.88 13.08 6.69
C THR E 138 -6.41 13.07 6.82
N PRO E 139 -7.18 13.57 5.85
CA PRO E 139 -8.63 13.39 5.92
C PRO E 139 -9.13 12.02 5.49
N SER E 140 -8.27 10.99 5.43
CA SER E 140 -8.78 9.63 5.42
C SER E 140 -9.69 9.35 4.23
N ASN E 141 -9.10 9.16 3.05
CA ASN E 141 -9.78 9.18 1.76
C ASN E 141 -11.19 8.60 1.79
N GLN E 142 -11.46 7.68 2.72
CA GLN E 142 -12.83 7.28 2.98
C GLN E 142 -13.71 8.48 3.32
N VAL E 143 -13.24 9.35 4.24
CA VAL E 143 -13.99 10.53 4.62
C VAL E 143 -14.12 11.51 3.47
N ILE E 144 -13.05 11.70 2.70
CA ILE E 144 -13.13 12.57 1.54
C ILE E 144 -14.21 12.09 0.59
N ILE E 145 -14.24 10.79 0.32
CA ILE E 145 -15.28 10.26 -0.54
C ILE E 145 -16.65 10.53 0.08
N GLY E 146 -16.76 10.44 1.40
CA GLY E 146 -18.05 10.70 2.02
C GLY E 146 -18.52 12.13 1.81
N ILE E 147 -17.68 13.10 2.13
CA ILE E 147 -18.07 14.49 1.99
C ILE E 147 -18.36 14.83 0.53
N ALA E 148 -17.52 14.35 -0.39
CA ALA E 148 -17.77 14.61 -1.80
C ALA E 148 -19.05 13.94 -2.27
N LEU E 149 -19.39 12.78 -1.73
CA LEU E 149 -20.64 12.15 -2.09
C LEU E 149 -21.82 12.96 -1.59
N PHE E 150 -21.67 13.58 -0.43
CA PHE E 150 -22.77 14.39 0.09
C PHE E 150 -22.96 15.68 -0.67
N LEU E 151 -21.88 16.36 -1.04
CA LEU E 151 -22.05 17.54 -1.89
C LEU E 151 -22.82 17.24 -3.16
N THR E 152 -22.50 16.13 -3.81
CA THR E 152 -23.15 15.78 -5.06
C THR E 152 -24.67 15.81 -4.96
N PHE E 153 -25.23 15.42 -3.82
CA PHE E 153 -26.66 15.56 -3.64
C PHE E 153 -27.07 17.01 -3.41
N PHE E 154 -26.22 17.82 -2.79
CA PHE E 154 -26.53 19.22 -2.60
C PHE E 154 -26.43 19.98 -3.92
N ILE E 155 -25.67 19.45 -4.87
CA ILE E 155 -25.58 20.08 -6.19
C ILE E 155 -26.67 19.55 -7.10
N MET E 156 -26.79 18.24 -7.22
CA MET E 156 -27.71 17.62 -8.16
C MET E 156 -29.17 17.72 -7.72
N ALA E 157 -29.43 18.20 -6.51
CA ALA E 157 -30.80 18.20 -6.00
C ALA E 157 -31.81 18.84 -6.95
N PRO E 158 -31.57 20.04 -7.49
CA PRO E 158 -32.55 20.58 -8.44
C PRO E 158 -32.73 19.68 -9.65
N VAL E 159 -31.64 19.06 -10.12
CA VAL E 159 -31.74 18.17 -11.26
C VAL E 159 -32.58 16.96 -10.91
N PHE E 160 -32.33 16.36 -9.74
CA PHE E 160 -33.09 15.17 -9.37
C PHE E 160 -34.56 15.50 -9.16
N ASN E 161 -34.86 16.74 -8.76
CA ASN E 161 -36.25 17.15 -8.68
C ASN E 161 -36.94 16.98 -10.02
N GLN E 162 -36.37 17.56 -11.07
CA GLN E 162 -36.94 17.42 -12.40
C GLN E 162 -36.95 15.96 -12.85
N ILE E 163 -35.92 15.21 -12.47
CA ILE E 163 -35.86 13.81 -12.87
C ILE E 163 -37.04 13.05 -12.29
N ASN E 164 -37.38 13.33 -11.04
CA ASN E 164 -38.54 12.69 -10.42
C ASN E 164 -39.83 13.18 -11.08
N GLU E 165 -39.91 14.48 -11.37
CA GLU E 165 -41.15 15.05 -11.88
C GLU E 165 -41.46 14.51 -13.27
N GLN E 166 -40.46 14.48 -14.15
CA GLN E 166 -40.72 14.21 -15.56
C GLN E 166 -41.41 12.87 -15.77
N ALA E 167 -40.78 11.80 -15.34
CA ALA E 167 -41.36 10.49 -15.66
C ALA E 167 -41.55 9.63 -14.43
N VAL E 168 -40.75 9.81 -13.38
CA VAL E 168 -40.80 8.93 -12.23
C VAL E 168 -42.20 8.85 -11.66
N GLN E 169 -42.74 10.01 -11.23
CA GLN E 169 -44.12 10.03 -10.76
C GLN E 169 -45.09 9.62 -11.86
N PRO E 170 -45.01 10.16 -13.08
CA PRO E 170 -45.93 9.68 -14.13
C PRO E 170 -45.80 8.21 -14.43
N TYR E 171 -44.58 7.67 -14.47
CA TYR E 171 -44.44 6.24 -14.68
C TYR E 171 -45.11 5.46 -13.56
N LEU E 172 -44.95 5.92 -12.32
CA LEU E 172 -45.66 5.29 -11.22
C LEU E 172 -47.15 5.62 -11.24
N ASN E 173 -47.55 6.70 -11.90
CA ASN E 173 -48.95 6.95 -12.20
C ASN E 173 -49.36 6.29 -13.50
N GLU E 174 -48.48 5.46 -14.07
CA GLU E 174 -48.70 4.79 -15.35
C GLU E 174 -49.13 5.77 -16.43
N GLN E 175 -48.22 6.69 -16.71
CA GLN E 175 -48.42 7.68 -17.76
C GLN E 175 -47.35 7.61 -18.84
N ILE E 176 -46.52 6.56 -18.85
CA ILE E 176 -45.46 6.42 -19.84
C ILE E 176 -44.97 4.99 -19.76
N SER E 177 -44.53 4.44 -20.88
CA SER E 177 -44.05 3.07 -20.89
C SER E 177 -42.67 3.02 -20.23
N ALA E 178 -42.12 1.81 -20.12
CA ALA E 178 -40.81 1.63 -19.49
C ALA E 178 -39.69 2.25 -20.32
N ARG E 179 -39.53 1.80 -21.56
CA ARG E 179 -38.44 2.31 -22.39
C ARG E 179 -38.61 3.79 -22.68
N GLN E 180 -39.85 4.25 -22.87
CA GLN E 180 -40.07 5.67 -23.10
C GLN E 180 -39.74 6.50 -21.88
N ALA E 181 -40.13 6.04 -20.69
CA ALA E 181 -39.72 6.72 -19.47
C ALA E 181 -38.21 6.73 -19.30
N PHE E 182 -37.55 5.61 -19.59
CA PHE E 182 -36.10 5.56 -19.48
C PHE E 182 -35.43 6.53 -20.44
N ASP E 183 -35.96 6.65 -21.66
CA ASP E 183 -35.42 7.59 -22.61
C ASP E 183 -35.67 9.03 -22.18
N LEU E 184 -36.82 9.28 -21.56
CA LEU E 184 -37.09 10.61 -21.05
C LEU E 184 -36.21 10.96 -19.86
N ALA E 185 -35.80 9.96 -19.08
CA ALA E 185 -35.01 10.22 -17.89
C ALA E 185 -33.67 10.86 -18.20
N GLN E 186 -33.03 10.45 -19.30
CA GLN E 186 -31.72 10.97 -19.62
C GLN E 186 -31.76 12.42 -20.05
N GLU E 187 -32.88 12.88 -20.58
CA GLU E 187 -32.94 14.22 -21.16
C GLU E 187 -32.48 15.32 -20.22
N PRO E 188 -33.03 15.48 -19.01
CA PRO E 188 -32.57 16.59 -18.16
C PRO E 188 -31.12 16.43 -17.78
N MET E 189 -30.65 15.19 -17.70
CA MET E 189 -29.23 14.95 -17.45
C MET E 189 -28.39 15.49 -18.59
N LYS E 190 -28.77 15.17 -19.83
CA LYS E 190 -28.04 15.71 -20.97
C LYS E 190 -28.06 17.23 -20.98
N ALA E 191 -29.22 17.82 -20.70
CA ALA E 191 -29.31 19.28 -20.64
C ALA E 191 -28.37 19.84 -19.60
N PHE E 192 -28.36 19.26 -18.41
CA PHE E 192 -27.47 19.71 -17.35
C PHE E 192 -26.02 19.63 -17.78
N MET E 193 -25.60 18.48 -18.27
CA MET E 193 -24.20 18.31 -18.65
C MET E 193 -23.80 19.25 -19.78
N LEU E 194 -24.71 19.56 -20.70
CA LEU E 194 -24.35 20.38 -21.84
C LEU E 194 -23.94 21.79 -21.46
N LYS E 195 -24.26 22.24 -20.24
CA LYS E 195 -23.84 23.56 -19.82
C LYS E 195 -22.45 23.55 -19.18
N GLN E 196 -21.92 22.37 -18.87
CA GLN E 196 -20.58 22.27 -18.31
C GLN E 196 -19.52 21.97 -19.34
N THR E 197 -19.81 21.13 -20.32
CA THR E 197 -18.85 20.79 -21.34
C THR E 197 -18.44 22.04 -22.12
N ARG E 198 -17.22 22.01 -22.64
CA ARG E 198 -16.72 23.10 -23.46
C ARG E 198 -16.92 22.77 -24.93
N ILE E 199 -17.10 23.84 -25.73
CA ILE E 199 -17.45 23.66 -27.13
C ILE E 199 -16.36 22.89 -27.86
N LYS E 200 -15.11 23.34 -27.72
CA LYS E 200 -14.01 22.71 -28.43
C LYS E 200 -13.84 21.25 -28.02
N ASP E 201 -13.97 20.98 -26.72
CA ASP E 201 -13.73 19.63 -26.22
C ASP E 201 -14.83 18.68 -26.66
N LEU E 202 -16.09 19.12 -26.57
CA LEU E 202 -17.17 18.32 -27.11
C LEU E 202 -17.00 18.09 -28.60
N GLU E 203 -16.53 19.13 -29.31
CA GLU E 203 -16.33 19.03 -30.74
C GLU E 203 -15.32 17.96 -31.10
N THR E 204 -14.19 17.96 -30.40
CA THR E 204 -13.15 16.97 -30.66
C THR E 204 -13.71 15.56 -30.62
N PHE E 205 -14.50 15.26 -29.58
CA PHE E 205 -14.96 13.89 -29.41
C PHE E 205 -16.11 13.55 -30.36
N VAL E 206 -17.00 14.51 -30.62
CA VAL E 206 -18.10 14.22 -31.53
C VAL E 206 -17.54 13.98 -32.93
N GLU E 207 -16.44 14.65 -33.28
CA GLU E 207 -15.78 14.34 -34.53
C GLU E 207 -15.07 13.00 -34.46
N MET E 208 -14.39 12.72 -33.34
CA MET E 208 -13.57 11.52 -33.26
C MET E 208 -14.41 10.26 -33.22
N SER E 209 -15.68 10.38 -32.84
CA SER E 209 -16.60 9.28 -33.06
C SER E 209 -17.14 9.25 -34.48
N GLY E 210 -16.76 10.23 -35.29
CA GLY E 210 -17.16 10.28 -36.70
C GLY E 210 -18.53 10.86 -36.97
N SER E 211 -19.56 10.29 -36.34
CA SER E 211 -20.94 10.64 -36.65
C SER E 211 -21.24 12.04 -36.12
N GLN E 212 -21.13 13.04 -36.98
CA GLN E 212 -21.43 14.40 -36.60
C GLN E 212 -22.94 14.59 -36.48
N VAL E 213 -23.33 15.59 -35.68
CA VAL E 213 -24.73 15.92 -35.46
C VAL E 213 -24.88 17.43 -35.53
N THR E 214 -26.11 17.88 -35.80
CA THR E 214 -26.38 19.31 -35.84
C THR E 214 -26.53 19.92 -34.47
N ALA E 215 -27.22 19.24 -33.56
CA ALA E 215 -27.51 19.79 -32.25
C ALA E 215 -26.79 18.98 -31.17
N PRO E 216 -26.06 19.65 -30.28
CA PRO E 216 -25.44 18.93 -29.16
C PRO E 216 -26.44 18.19 -28.29
N GLU E 217 -27.70 18.63 -28.28
CA GLU E 217 -28.73 17.88 -27.56
C GLU E 217 -28.91 16.49 -28.15
N GLN E 218 -28.76 16.37 -29.45
CA GLN E 218 -28.95 15.09 -30.13
C GLN E 218 -27.72 14.21 -30.08
N VAL E 219 -26.67 14.62 -29.38
CA VAL E 219 -25.49 13.78 -29.25
C VAL E 219 -25.81 12.59 -28.37
N SER E 220 -25.14 11.47 -28.63
CA SER E 220 -25.44 10.25 -27.90
C SER E 220 -24.86 10.31 -26.49
N MET E 221 -25.42 9.47 -25.62
CA MET E 221 -24.99 9.43 -24.23
C MET E 221 -23.53 9.02 -24.11
N ALA E 222 -23.19 7.85 -24.63
CA ALA E 222 -21.85 7.29 -24.51
C ALA E 222 -20.79 8.13 -25.21
N VAL E 223 -21.18 9.16 -25.95
CA VAL E 223 -20.19 10.04 -26.56
C VAL E 223 -20.17 11.40 -25.88
N LEU E 224 -21.29 11.83 -25.30
CA LEU E 224 -21.23 13.06 -24.51
C LEU E 224 -20.51 12.84 -23.20
N ILE E 225 -20.70 11.69 -22.56
CA ILE E 225 -20.09 11.42 -21.26
C ILE E 225 -18.58 11.61 -21.31
N PRO E 226 -17.86 11.03 -22.28
CA PRO E 226 -16.40 11.21 -22.27
C PRO E 226 -15.99 12.66 -22.41
N ALA E 227 -16.55 13.37 -23.38
CA ALA E 227 -16.28 14.80 -23.46
C ALA E 227 -16.69 15.53 -22.20
N PHE E 228 -17.68 15.01 -21.48
CA PHE E 228 -18.06 15.61 -20.21
C PHE E 228 -16.96 15.45 -19.18
N ILE E 229 -16.38 14.25 -19.09
CA ILE E 229 -15.42 13.98 -18.03
C ILE E 229 -14.14 14.77 -18.21
N THR E 230 -13.65 14.87 -19.44
CA THR E 230 -12.45 15.68 -19.67
C THR E 230 -12.72 17.15 -19.44
N SER E 231 -13.88 17.64 -19.87
CA SER E 231 -14.29 19.00 -19.60
C SER E 231 -14.41 19.28 -18.11
N GLU E 232 -14.82 18.28 -17.34
CA GLU E 232 -14.89 18.41 -15.89
C GLU E 232 -13.53 18.39 -15.24
N LEU E 233 -12.64 17.51 -15.68
CA LEU E 233 -11.29 17.50 -15.15
C LEU E 233 -10.59 18.83 -15.41
N LYS E 234 -10.74 19.36 -16.62
CA LYS E 234 -10.08 20.63 -16.93
C LYS E 234 -10.53 21.73 -15.98
N THR E 235 -11.84 21.89 -15.82
CA THR E 235 -12.31 22.94 -14.93
C THR E 235 -11.97 22.64 -13.49
N ALA E 236 -11.87 21.35 -13.14
CA ALA E 236 -11.45 20.99 -11.79
C ALA E 236 -10.03 21.47 -11.53
N PHE E 237 -9.15 21.31 -12.51
CA PHE E 237 -7.80 21.82 -12.38
C PHE E 237 -7.79 23.34 -12.35
N GLN E 238 -8.67 23.96 -13.14
CA GLN E 238 -8.80 25.41 -13.10
C GLN E 238 -9.17 25.89 -11.72
N ILE E 239 -9.99 25.12 -11.01
CA ILE E 239 -10.30 25.43 -9.62
C ILE E 239 -9.09 25.18 -8.75
N GLY E 240 -8.47 24.00 -8.90
CA GLY E 240 -7.43 23.59 -7.99
C GLY E 240 -6.23 24.52 -8.01
N PHE E 241 -5.96 25.12 -9.17
CA PHE E 241 -4.89 26.10 -9.24
C PHE E 241 -5.17 27.26 -8.30
N MET E 242 -6.40 27.77 -8.32
CA MET E 242 -6.81 28.79 -7.37
C MET E 242 -6.60 28.30 -5.94
N LEU E 243 -6.87 27.03 -5.67
CA LEU E 243 -6.76 26.52 -4.32
C LEU E 243 -5.31 26.52 -3.86
N PHE E 244 -4.40 26.08 -4.72
CA PHE E 244 -3.00 26.05 -4.35
C PHE E 244 -2.44 27.46 -4.20
N LEU E 245 -3.03 28.42 -4.91
CA LEU E 245 -2.47 29.76 -4.88
C LEU E 245 -2.23 30.29 -3.47
N PRO E 246 -3.22 30.38 -2.57
CA PRO E 246 -2.91 30.91 -1.23
C PRO E 246 -1.94 30.05 -0.46
N PHE E 247 -2.07 28.73 -0.54
CA PHE E 247 -1.18 27.88 0.23
C PHE E 247 0.26 27.99 -0.25
N LEU E 248 0.47 27.97 -1.56
CA LEU E 248 1.81 28.19 -2.07
C LEU E 248 2.32 29.56 -1.67
N ILE E 249 1.46 30.58 -1.68
CA ILE E 249 1.87 31.91 -1.24
C ILE E 249 2.37 31.85 0.19
N ILE E 250 1.63 31.15 1.05
CA ILE E 250 2.01 31.08 2.47
C ILE E 250 3.33 30.36 2.62
N ASP E 251 3.49 29.22 1.93
CA ASP E 251 4.75 28.50 2.01
C ASP E 251 5.91 29.37 1.56
N LEU E 252 5.72 30.10 0.47
CA LEU E 252 6.79 30.94 -0.03
C LEU E 252 7.12 32.04 0.95
N VAL E 253 6.12 32.72 1.50
CA VAL E 253 6.40 33.86 2.37
C VAL E 253 7.07 33.39 3.65
N VAL E 254 6.64 32.25 4.20
CA VAL E 254 7.28 31.78 5.43
C VAL E 254 8.70 31.33 5.14
N ALA E 255 8.91 30.64 4.02
CA ALA E 255 10.27 30.23 3.68
C ALA E 255 11.16 31.44 3.48
N SER E 256 10.62 32.51 2.89
CA SER E 256 11.41 33.70 2.65
C SER E 256 11.74 34.42 3.94
N VAL E 257 10.78 34.50 4.87
CA VAL E 257 11.07 35.07 6.17
C VAL E 257 12.18 34.28 6.85
N LEU E 258 12.07 32.96 6.81
CA LEU E 258 13.09 32.12 7.40
C LEU E 258 14.44 32.35 6.75
N MET E 259 14.47 32.52 5.44
CA MET E 259 15.74 32.70 4.74
C MET E 259 16.34 34.07 5.03
N ALA E 260 15.49 35.09 5.12
CA ALA E 260 15.95 36.39 5.60
C ALA E 260 16.61 36.24 6.96
N MET E 261 15.97 35.47 7.84
CA MET E 261 16.66 35.05 9.06
C MET E 261 17.77 34.07 8.75
N GLY E 262 17.52 33.16 7.80
CA GLY E 262 18.57 32.26 7.35
C GLY E 262 19.01 31.26 8.40
N MET E 263 18.06 30.63 9.07
CA MET E 263 18.40 29.81 10.24
C MET E 263 18.62 28.35 9.86
N MET E 264 17.84 27.85 8.90
CA MET E 264 17.98 26.57 8.21
C MET E 264 17.59 25.38 9.08
N MET E 265 17.38 25.56 10.38
CA MET E 265 16.80 24.50 11.20
C MET E 265 15.28 24.58 11.16
N LEU E 266 14.75 25.15 10.09
CA LEU E 266 13.33 25.46 10.05
C LEU E 266 12.56 24.44 9.22
N SER E 267 13.10 24.06 8.07
CA SER E 267 12.41 23.20 7.13
C SER E 267 11.01 23.76 6.88
N PRO E 268 10.90 24.86 6.12
CA PRO E 268 9.70 25.70 6.19
C PRO E 268 8.39 24.96 5.97
N MET E 269 8.41 23.73 5.46
CA MET E 269 7.15 23.02 5.29
C MET E 269 6.54 22.63 6.64
N ILE E 270 7.35 22.07 7.54
CA ILE E 270 6.81 21.56 8.80
C ILE E 270 6.46 22.72 9.73
N VAL E 271 7.18 23.85 9.61
CA VAL E 271 6.83 25.01 10.42
C VAL E 271 5.73 25.82 9.76
N SER E 272 5.46 25.57 8.48
CA SER E 272 4.44 26.29 7.75
C SER E 272 3.08 25.62 7.83
N LEU E 273 3.05 24.30 8.02
CA LEU E 273 1.76 23.62 8.15
C LEU E 273 0.86 24.22 9.22
N PRO E 274 1.33 24.54 10.43
CA PRO E 274 0.44 25.20 11.40
C PRO E 274 -0.11 26.52 10.89
N PHE E 275 0.72 27.28 10.16
CA PHE E 275 0.22 28.49 9.55
C PHE E 275 -0.81 28.20 8.48
N LYS E 276 -0.59 27.18 7.66
CA LYS E 276 -1.60 26.79 6.69
C LYS E 276 -2.93 26.53 7.37
N LEU E 277 -2.90 25.90 8.53
CA LEU E 277 -4.16 25.60 9.21
C LEU E 277 -4.77 26.84 9.85
N MET E 278 -3.99 27.56 10.66
CA MET E 278 -4.48 28.77 11.31
C MET E 278 -4.85 29.87 10.34
N LEU E 279 -4.59 29.69 9.04
CA LEU E 279 -5.04 30.61 8.03
C LEU E 279 -6.00 30.01 7.03
N PHE E 280 -6.29 28.71 7.13
CA PHE E 280 -7.44 28.17 6.42
C PHE E 280 -8.71 28.36 7.22
N VAL E 281 -8.68 27.97 8.50
CA VAL E 281 -9.88 28.10 9.32
C VAL E 281 -10.18 29.54 9.71
N LEU E 282 -9.15 30.39 9.85
CA LEU E 282 -9.35 31.78 10.20
C LEU E 282 -10.14 32.54 9.15
N VAL E 283 -10.06 32.11 7.89
CA VAL E 283 -10.81 32.73 6.82
C VAL E 283 -12.07 31.96 6.48
N ASP E 284 -12.59 31.17 7.43
CA ASP E 284 -13.86 30.45 7.29
C ASP E 284 -13.70 29.32 6.29
N GLY E 285 -12.56 29.28 5.62
CA GLY E 285 -12.11 28.09 4.92
C GLY E 285 -13.16 27.40 4.08
N TRP E 286 -13.56 26.21 4.54
CA TRP E 286 -14.39 25.33 3.73
C TRP E 286 -15.68 25.99 3.27
N ASN E 287 -16.20 26.95 4.02
CA ASN E 287 -17.44 27.60 3.59
C ASN E 287 -17.26 28.37 2.30
N LEU E 288 -16.10 29.01 2.10
CA LEU E 288 -15.89 29.78 0.88
C LEU E 288 -15.74 28.86 -0.32
N ILE E 289 -14.79 27.93 -0.27
CA ILE E 289 -14.61 26.99 -1.36
C ILE E 289 -15.90 26.23 -1.65
N LEU E 290 -16.62 25.82 -0.62
CA LEU E 290 -17.92 25.21 -0.86
C LEU E 290 -18.79 26.10 -1.73
N SER E 291 -18.90 27.38 -1.37
CA SER E 291 -19.68 28.31 -2.15
C SER E 291 -19.24 28.37 -3.60
N THR E 292 -17.95 28.19 -3.88
CA THR E 292 -17.49 28.12 -5.26
C THR E 292 -17.91 26.84 -5.94
N LEU E 293 -17.83 25.71 -5.25
CA LEU E 293 -18.31 24.46 -5.81
C LEU E 293 -19.82 24.42 -5.92
N ALA E 294 -20.52 25.34 -5.25
CA ALA E 294 -21.94 25.51 -5.48
C ALA E 294 -22.21 26.46 -6.62
N GLY E 295 -21.45 27.56 -6.71
CA GLY E 295 -21.59 28.48 -7.81
C GLY E 295 -20.93 28.03 -9.11
N SER E 296 -20.00 27.08 -9.02
CA SER E 296 -19.36 26.57 -10.24
C SER E 296 -20.37 25.91 -11.16
N PHE E 297 -21.38 25.27 -10.59
CA PHE E 297 -22.44 24.65 -11.39
C PHE E 297 -23.63 25.59 -11.54
N ALA E 298 -23.42 26.64 -12.30
CA ALA E 298 -24.52 27.45 -12.78
C ALA E 298 -25.26 26.66 -13.84
N LEU E 299 -26.33 25.98 -13.42
CA LEU E 299 -27.07 25.09 -14.30
C LEU E 299 -27.89 25.87 -15.32
N VAL F 8 -41.62 -20.92 2.61
CA VAL F 8 -42.71 -20.61 3.53
C VAL F 8 -42.25 -19.55 4.53
N LEU F 9 -43.19 -18.71 4.98
CA LEU F 9 -42.92 -17.63 5.92
C LEU F 9 -41.86 -16.67 5.38
N ASP F 10 -42.20 -16.00 4.29
CA ASP F 10 -41.30 -15.03 3.66
C ASP F 10 -41.36 -13.73 4.45
N PHE F 11 -40.79 -13.77 5.65
CA PHE F 11 -40.78 -12.61 6.53
C PHE F 11 -39.76 -11.56 6.12
N ILE F 12 -38.62 -11.98 5.56
CA ILE F 12 -37.53 -11.09 5.23
C ILE F 12 -38.01 -9.93 4.38
N ALA F 13 -39.07 -10.17 3.61
CA ALA F 13 -39.67 -9.10 2.83
C ALA F 13 -40.30 -8.03 3.69
N ASN F 14 -40.71 -8.36 4.91
CA ASN F 14 -41.41 -7.41 5.75
C ASN F 14 -40.47 -6.41 6.42
N TYR F 15 -39.24 -6.79 6.67
CA TYR F 15 -38.34 -5.99 7.49
C TYR F 15 -37.05 -5.68 6.75
N PHE F 16 -37.09 -5.71 5.42
CA PHE F 16 -35.85 -5.49 4.70
C PHE F 16 -35.33 -4.07 4.87
N TRP F 17 -36.20 -3.08 4.71
CA TRP F 17 -35.80 -1.68 4.76
C TRP F 17 -35.19 -1.28 6.10
N PRO F 18 -35.81 -1.61 7.24
CA PRO F 18 -35.16 -1.25 8.50
C PRO F 18 -33.82 -1.90 8.65
N TYR F 19 -33.70 -3.18 8.29
CA TYR F 19 -32.40 -3.83 8.33
C TYR F 19 -31.39 -3.12 7.46
N THR F 20 -31.81 -2.69 6.28
CA THR F 20 -30.88 -2.00 5.39
C THR F 20 -30.42 -0.70 6.00
N ARG F 21 -31.33 0.08 6.57
CA ARG F 21 -30.92 1.30 7.24
C ARG F 21 -29.94 1.00 8.35
N ILE F 22 -30.25 -0.01 9.17
CA ILE F 22 -29.37 -0.36 10.27
C ILE F 22 -27.98 -0.69 9.76
N ALA F 23 -27.88 -1.72 8.92
CA ALA F 23 -26.59 -2.18 8.45
C ALA F 23 -25.83 -1.11 7.69
N ALA F 24 -26.53 -0.26 6.94
CA ALA F 24 -25.85 0.82 6.26
C ALA F 24 -25.26 1.81 7.24
N MET F 25 -26.01 2.15 8.29
CA MET F 25 -25.39 2.91 9.37
C MET F 25 -24.18 2.18 9.92
N LEU F 26 -24.27 0.85 10.01
CA LEU F 26 -23.20 0.04 10.57
C LEU F 26 -21.97 0.02 9.70
N MET F 27 -22.10 -0.12 8.39
CA MET F 27 -20.95 -0.28 7.52
C MET F 27 -20.01 0.93 7.56
N VAL F 28 -20.36 1.97 8.31
CA VAL F 28 -19.54 3.18 8.34
C VAL F 28 -19.17 3.54 9.77
N MET F 29 -20.00 3.13 10.72
CA MET F 29 -19.79 3.53 12.10
C MET F 29 -18.39 3.16 12.56
N THR F 30 -17.77 4.05 13.32
CA THR F 30 -16.34 4.01 13.57
C THR F 30 -15.88 2.75 14.30
N VAL F 31 -16.77 2.04 14.99
CA VAL F 31 -16.39 0.84 15.70
C VAL F 31 -16.70 -0.41 14.90
N THR F 32 -17.97 -0.63 14.57
CA THR F 32 -18.32 -1.84 13.84
C THR F 32 -17.82 -1.78 12.40
N GLY F 33 -18.18 -0.73 11.68
CA GLY F 33 -17.89 -0.68 10.27
C GLY F 33 -16.44 -0.33 9.95
N ALA F 34 -15.56 -0.45 10.92
CA ALA F 34 -14.14 -0.30 10.67
C ALA F 34 -13.63 -1.62 10.14
N ARG F 35 -12.32 -1.73 10.02
CA ARG F 35 -11.71 -3.01 9.71
C ARG F 35 -11.69 -3.88 10.96
N PHE F 36 -10.86 -4.91 10.93
CA PHE F 36 -10.65 -5.79 12.08
C PHE F 36 -11.88 -6.68 12.29
N VAL F 37 -12.95 -6.41 11.56
CA VAL F 37 -14.22 -7.09 11.77
C VAL F 37 -14.68 -7.61 10.42
N PRO F 38 -14.70 -8.92 10.20
CA PRO F 38 -15.10 -9.44 8.89
C PRO F 38 -16.57 -9.16 8.62
N ALA F 39 -16.86 -8.89 7.34
CA ALA F 39 -18.18 -8.45 6.92
C ALA F 39 -19.30 -9.35 7.40
N ARG F 40 -19.05 -10.64 7.60
CA ARG F 40 -20.10 -11.50 8.12
C ARG F 40 -20.51 -11.06 9.52
N VAL F 41 -19.55 -10.65 10.34
CA VAL F 41 -19.89 -10.18 11.67
C VAL F 41 -20.85 -9.00 11.60
N ARG F 42 -20.50 -7.97 10.83
CA ARG F 42 -21.37 -6.80 10.73
C ARG F 42 -22.72 -7.16 10.14
N LEU F 43 -22.73 -8.06 9.16
CA LEU F 43 -24.00 -8.41 8.54
C LEU F 43 -24.91 -9.12 9.53
N TYR F 44 -24.39 -10.09 10.27
CA TYR F 44 -25.19 -10.80 11.24
C TYR F 44 -25.52 -9.95 12.45
N LEU F 45 -24.72 -8.92 12.72
CA LEU F 45 -25.03 -7.94 13.75
C LEU F 45 -26.23 -7.09 13.37
N GLY F 46 -26.17 -6.49 12.19
CA GLY F 46 -27.32 -5.78 11.70
C GLY F 46 -28.56 -6.64 11.60
N LEU F 47 -28.44 -7.86 11.11
CA LEU F 47 -29.62 -8.70 10.99
C LEU F 47 -30.18 -9.07 12.36
N ALA F 48 -29.32 -9.17 13.36
CA ALA F 48 -29.81 -9.46 14.70
C ALA F 48 -30.46 -8.26 15.36
N LEU F 49 -29.95 -7.04 15.10
CA LEU F 49 -30.54 -5.87 15.71
C LEU F 49 -32.00 -5.72 15.34
N THR F 50 -32.35 -6.02 14.09
CA THR F 50 -33.74 -5.91 13.66
C THR F 50 -34.67 -6.76 14.50
N PHE F 51 -34.32 -8.04 14.71
CA PHE F 51 -35.13 -8.87 15.60
C PHE F 51 -35.34 -8.23 16.94
N ALA F 52 -34.34 -7.54 17.47
CA ALA F 52 -34.48 -6.86 18.75
C ALA F 52 -35.40 -5.66 18.65
N VAL F 53 -35.17 -4.78 17.69
CA VAL F 53 -35.98 -3.56 17.56
C VAL F 53 -37.26 -3.80 16.78
N MET F 54 -37.54 -5.04 16.39
CA MET F 54 -38.77 -5.42 15.70
C MET F 54 -40.02 -4.80 16.33
N PRO F 55 -40.11 -4.69 17.66
CA PRO F 55 -41.25 -3.94 18.22
C PRO F 55 -41.24 -2.46 17.88
N ALA F 56 -40.08 -1.80 17.97
CA ALA F 56 -40.01 -0.35 17.84
C ALA F 56 -39.90 0.11 16.39
N ILE F 57 -40.34 -0.72 15.45
CA ILE F 57 -40.35 -0.38 14.04
C ILE F 57 -41.80 -0.29 13.59
N PRO F 58 -42.26 0.86 13.09
CA PRO F 58 -43.61 0.93 12.54
C PRO F 58 -43.72 0.04 11.32
N ALA F 59 -44.96 -0.28 10.96
CA ALA F 59 -45.19 -1.09 9.77
C ALA F 59 -44.66 -0.37 8.56
N VAL F 60 -43.77 -1.03 7.82
CA VAL F 60 -43.20 -0.43 6.61
C VAL F 60 -44.35 -0.20 5.65
N PRO F 61 -44.29 0.82 4.80
CA PRO F 61 -45.39 1.07 3.88
C PRO F 61 -45.57 -0.07 2.92
N SER F 62 -46.71 -0.75 3.02
CA SER F 62 -47.02 -1.86 2.13
C SER F 62 -47.16 -1.36 0.69
N ASP F 63 -47.41 -2.32 -0.21
CA ASP F 63 -47.62 -2.12 -1.64
C ASP F 63 -46.33 -1.75 -2.35
N ILE F 64 -45.25 -1.61 -1.59
CA ILE F 64 -43.94 -1.29 -2.13
C ILE F 64 -43.16 -2.58 -2.24
N ALA F 65 -43.29 -3.26 -3.37
CA ALA F 65 -42.51 -4.47 -3.56
C ALA F 65 -41.04 -4.12 -3.69
N LEU F 66 -40.19 -5.03 -3.20
CA LEU F 66 -38.75 -4.80 -3.30
C LEU F 66 -38.30 -4.86 -4.75
N LEU F 67 -38.81 -5.82 -5.50
CA LEU F 67 -38.46 -5.99 -6.91
C LEU F 67 -39.31 -5.08 -7.79
N SER F 68 -39.23 -3.78 -7.50
CA SER F 68 -39.87 -2.75 -8.31
C SER F 68 -39.15 -1.43 -8.09
N LEU F 69 -39.18 -0.59 -9.13
CA LEU F 69 -38.51 0.69 -9.08
C LEU F 69 -38.89 1.49 -7.84
N GLN F 70 -40.18 1.54 -7.53
CA GLN F 70 -40.64 2.24 -6.34
C GLN F 70 -39.87 1.79 -5.11
N GLY F 71 -39.55 0.50 -5.02
CA GLY F 71 -38.77 0.01 -3.89
C GLY F 71 -37.32 0.41 -3.94
N PHE F 72 -36.70 0.39 -5.12
CA PHE F 72 -35.31 0.76 -5.22
C PHE F 72 -35.08 2.22 -4.86
N MET F 73 -35.99 3.10 -5.27
CA MET F 73 -35.84 4.51 -4.91
C MET F 73 -35.74 4.68 -3.40
N ILE F 74 -36.69 4.12 -2.66
CA ILE F 74 -36.67 4.28 -1.22
C ILE F 74 -35.51 3.54 -0.57
N THR F 75 -35.16 2.35 -1.08
CA THR F 75 -34.02 1.63 -0.53
C THR F 75 -32.76 2.49 -0.61
N PHE F 76 -32.52 3.10 -1.76
CA PHE F 76 -31.44 4.08 -1.83
C PHE F 76 -31.67 5.23 -0.87
N GLU F 77 -32.91 5.67 -0.73
CA GLU F 77 -33.23 6.77 0.17
C GLU F 77 -33.00 6.43 1.62
N GLN F 78 -32.90 5.16 1.97
CA GLN F 78 -32.48 4.76 3.31
C GLN F 78 -30.99 4.52 3.42
N ILE F 79 -30.37 3.94 2.40
CA ILE F 79 -28.92 3.81 2.41
C ILE F 79 -28.28 5.17 2.60
N VAL F 80 -28.88 6.20 2.01
CA VAL F 80 -28.35 7.55 2.19
C VAL F 80 -28.36 7.93 3.66
N ILE F 81 -29.50 7.73 4.34
CA ILE F 81 -29.58 8.08 5.75
C ILE F 81 -28.57 7.28 6.55
N GLY F 82 -28.46 5.99 6.25
CA GLY F 82 -27.54 5.15 6.99
C GLY F 82 -26.11 5.62 6.87
N MET F 83 -25.65 5.83 5.64
CA MET F 83 -24.31 6.37 5.44
C MET F 83 -24.15 7.70 6.15
N ALA F 84 -25.16 8.55 6.09
CA ALA F 84 -25.09 9.86 6.70
C ALA F 84 -24.88 9.80 8.19
N MET F 85 -25.60 8.93 8.88
CA MET F 85 -25.47 8.83 10.32
C MET F 85 -24.07 8.42 10.74
N GLY F 86 -23.51 7.39 10.10
CA GLY F 86 -22.17 6.95 10.47
C GLY F 86 -21.08 7.90 10.06
N MET F 87 -21.21 8.53 8.89
CA MET F 87 -20.14 9.40 8.40
C MET F 87 -19.84 10.51 9.38
N VAL F 88 -20.83 10.93 10.17
CA VAL F 88 -20.57 11.95 11.18
C VAL F 88 -19.60 11.43 12.23
N THR F 89 -19.90 10.29 12.84
CA THR F 89 -18.94 9.65 13.74
C THR F 89 -17.58 9.47 13.12
N GLN F 90 -17.54 9.14 11.83
CA GLN F 90 -16.26 9.12 11.14
C GLN F 90 -15.57 10.46 11.26
N PHE F 91 -16.29 11.56 11.02
CA PHE F 91 -15.70 12.87 11.20
C PHE F 91 -15.21 13.05 12.63
N LEU F 92 -15.99 12.56 13.59
CA LEU F 92 -15.57 12.66 14.98
C LEU F 92 -14.19 12.07 15.16
N VAL F 93 -14.01 10.79 14.84
CA VAL F 93 -12.70 10.18 15.10
C VAL F 93 -11.63 10.80 14.22
N GLN F 94 -11.99 11.26 13.03
CA GLN F 94 -10.99 11.88 12.18
C GLN F 94 -10.51 13.21 12.74
N ILE F 95 -11.30 13.86 13.58
CA ILE F 95 -10.78 15.03 14.28
C ILE F 95 -9.49 14.66 15.02
N PHE F 96 -9.53 13.59 15.80
CA PHE F 96 -8.35 13.18 16.52
C PHE F 96 -7.29 12.60 15.61
N VAL F 97 -7.70 11.94 14.52
CA VAL F 97 -6.71 11.48 13.56
C VAL F 97 -5.89 12.65 13.04
N MET F 98 -6.56 13.74 12.69
CA MET F 98 -5.88 14.94 12.25
C MET F 98 -5.03 15.54 13.35
N LEU F 99 -5.53 15.54 14.59
CA LEU F 99 -4.68 15.95 15.70
C LEU F 99 -3.37 15.18 15.69
N GLY F 100 -3.46 13.85 15.60
CA GLY F 100 -2.29 13.02 15.56
C GLY F 100 -1.37 13.36 14.41
N GLN F 101 -1.89 13.46 13.19
CA GLN F 101 -1.07 13.69 12.02
C GLN F 101 -0.47 15.08 12.01
N ILE F 102 -1.15 16.06 12.60
CA ILE F 102 -0.57 17.39 12.74
C ILE F 102 0.60 17.37 13.71
N LEU F 103 0.37 16.79 14.89
CA LEU F 103 1.44 16.76 15.88
C LEU F 103 2.59 15.86 15.47
N GLY F 104 2.34 14.90 14.58
CA GLY F 104 3.42 14.09 14.08
C GLY F 104 4.22 14.87 13.07
N MET F 105 3.59 15.22 11.96
CA MET F 105 4.27 15.99 10.92
C MET F 105 4.88 17.27 11.43
N GLN F 106 4.46 17.74 12.61
CA GLN F 106 5.15 18.87 13.23
C GLN F 106 6.36 18.40 14.01
N SER F 107 6.35 17.17 14.51
CA SER F 107 7.50 16.63 15.20
C SER F 107 8.60 16.19 14.26
N SER F 108 8.38 16.37 12.96
CA SER F 108 9.26 15.86 11.91
C SER F 108 9.29 14.34 11.88
N LEU F 109 8.46 13.69 12.68
CA LEU F 109 8.35 12.24 12.59
C LEU F 109 7.84 11.84 11.21
N GLY F 110 6.64 12.26 10.85
CA GLY F 110 6.22 12.11 9.48
C GLY F 110 6.86 13.17 8.64
N PHE F 111 7.82 12.79 7.81
CA PHE F 111 8.56 13.75 7.03
C PHE F 111 8.68 13.37 5.56
N ALA F 112 8.56 12.10 5.22
CA ALA F 112 8.72 11.68 3.84
C ALA F 112 7.61 12.22 2.95
N SER F 113 6.39 12.31 3.46
CA SER F 113 5.30 12.85 2.66
C SER F 113 5.16 14.36 2.78
N MET F 114 5.89 14.99 3.69
CA MET F 114 5.88 16.45 3.75
C MET F 114 6.88 17.06 2.77
N VAL F 115 7.95 16.34 2.46
CA VAL F 115 8.86 16.82 1.43
C VAL F 115 8.38 16.39 0.06
N ASP F 116 7.67 15.27 -0.02
CA ASP F 116 7.16 14.74 -1.28
C ASP F 116 5.70 14.35 -1.09
N PRO F 117 4.76 15.21 -1.47
CA PRO F 117 3.34 14.81 -1.43
C PRO F 117 3.00 13.72 -2.43
N ALA F 118 3.95 13.32 -3.26
CA ALA F 118 3.69 12.26 -4.23
C ALA F 118 3.71 10.93 -3.53
N ASN F 119 3.80 9.84 -4.29
CA ASN F 119 3.84 8.49 -3.73
C ASN F 119 4.66 8.45 -2.45
N GLY F 120 5.89 8.96 -2.50
CA GLY F 120 6.72 9.16 -1.33
C GLY F 120 6.64 8.07 -0.30
N GLN F 121 6.31 8.46 0.93
CA GLN F 121 6.17 7.50 2.02
C GLN F 121 5.39 8.20 3.14
N ASN F 122 4.35 7.54 3.63
CA ASN F 122 3.55 8.06 4.73
C ASN F 122 3.79 7.26 5.99
N THR F 123 3.78 7.94 7.13
CA THR F 123 4.00 7.33 8.44
C THR F 123 2.79 7.56 9.32
N PRO F 124 1.70 6.83 9.12
CA PRO F 124 0.55 6.98 10.02
C PRO F 124 0.78 6.22 11.32
N LEU F 125 1.50 6.85 12.25
CA LEU F 125 1.77 6.22 13.53
C LEU F 125 1.07 6.93 14.68
N LEU F 126 1.41 8.20 14.93
CA LEU F 126 0.70 8.96 15.95
C LEU F 126 -0.77 9.06 15.62
N GLY F 127 -1.11 9.29 14.35
CA GLY F 127 -2.50 9.29 13.96
C GLY F 127 -3.15 7.94 14.18
N GLN F 128 -2.44 6.87 13.85
CA GLN F 128 -2.97 5.55 14.12
C GLN F 128 -3.17 5.32 15.61
N MET F 129 -2.40 5.99 16.46
CA MET F 129 -2.62 5.85 17.89
C MET F 129 -3.84 6.63 18.34
N PHE F 130 -3.90 7.92 18.01
CA PHE F 130 -5.04 8.72 18.41
C PHE F 130 -6.35 8.17 17.87
N MET F 131 -6.32 7.45 16.74
CA MET F 131 -7.54 6.78 16.33
C MET F 131 -7.96 5.73 17.35
N LEU F 132 -6.99 5.10 18.02
CA LEU F 132 -7.36 4.18 19.09
C LEU F 132 -8.07 4.91 20.21
N LEU F 133 -7.55 6.06 20.63
CA LEU F 133 -8.25 6.88 21.60
C LEU F 133 -9.67 7.13 21.15
N ALA F 134 -9.84 7.78 19.99
CA ALA F 134 -11.17 8.15 19.54
C ALA F 134 -12.07 6.93 19.37
N THR F 135 -11.52 5.76 19.14
CA THR F 135 -12.37 4.58 19.04
C THR F 135 -12.60 3.98 20.41
N LEU F 136 -11.84 4.41 21.41
CA LEU F 136 -12.07 4.03 22.79
C LEU F 136 -12.99 5.01 23.50
N PHE F 137 -12.72 6.30 23.41
CA PHE F 137 -13.64 7.30 23.92
C PHE F 137 -15.05 7.09 23.40
N PHE F 138 -15.19 6.81 22.11
CA PHE F 138 -16.50 6.45 21.59
C PHE F 138 -16.99 5.14 22.18
N LEU F 139 -16.10 4.36 22.79
CA LEU F 139 -16.51 3.10 23.39
C LEU F 139 -16.55 3.16 24.91
N SER F 140 -15.58 3.81 25.54
CA SER F 140 -15.61 3.94 26.99
C SER F 140 -16.90 4.59 27.45
N SER F 141 -17.12 5.84 27.07
CA SER F 141 -18.47 6.40 27.07
C SER F 141 -19.23 5.78 25.92
N ASP F 142 -20.28 5.02 26.23
CA ASP F 142 -20.82 4.07 25.26
C ASP F 142 -21.48 4.84 24.13
N GLY F 143 -20.65 5.28 23.20
CA GLY F 143 -21.15 5.99 22.05
C GLY F 143 -22.03 5.10 21.20
N HIS F 144 -21.54 3.90 20.85
CA HIS F 144 -22.26 3.01 19.96
C HIS F 144 -23.66 2.68 20.44
N LEU F 145 -23.86 2.59 21.76
CA LEU F 145 -25.21 2.41 22.26
C LEU F 145 -26.09 3.60 21.90
N LYS F 146 -25.63 4.82 22.18
CA LYS F 146 -26.40 6.00 21.80
C LYS F 146 -26.64 6.02 20.31
N MET F 147 -25.62 5.65 19.53
CA MET F 147 -25.75 5.66 18.08
C MET F 147 -26.79 4.68 17.59
N ILE F 148 -26.89 3.51 18.23
CA ILE F 148 -27.93 2.57 17.86
C ILE F 148 -29.31 3.05 18.33
N GLN F 149 -29.39 3.63 19.53
CA GLN F 149 -30.66 4.18 19.97
C GLN F 149 -31.16 5.26 19.03
N LEU F 150 -30.24 6.04 18.46
CA LEU F 150 -30.66 7.05 17.50
C LEU F 150 -31.27 6.40 16.28
N VAL F 151 -30.69 5.31 15.80
CA VAL F 151 -31.29 4.61 14.67
C VAL F 151 -32.65 4.06 15.05
N VAL F 152 -32.79 3.60 16.29
CA VAL F 152 -34.10 3.15 16.74
C VAL F 152 -35.11 4.28 16.64
N PHE F 153 -34.81 5.42 17.26
CA PHE F 153 -35.71 6.57 17.17
C PHE F 153 -35.95 7.01 15.75
N SER F 154 -34.98 6.79 14.86
CA SER F 154 -35.12 7.20 13.47
C SER F 154 -36.33 6.59 12.80
N PHE F 155 -36.69 5.36 13.15
CA PHE F 155 -37.88 4.78 12.58
C PHE F 155 -39.15 5.49 13.03
N LYS F 156 -39.03 6.46 13.94
CA LYS F 156 -40.18 7.22 14.41
C LYS F 156 -40.03 8.72 14.20
N SER F 157 -38.91 9.17 13.67
CA SER F 157 -38.73 10.57 13.30
C SER F 157 -38.55 10.77 11.80
N LEU F 158 -37.78 9.90 11.14
CA LEU F 158 -37.63 9.94 9.71
C LEU F 158 -38.15 8.63 9.13
N PRO F 159 -39.46 8.37 9.26
CA PRO F 159 -39.96 7.01 9.05
C PRO F 159 -39.78 6.54 7.61
N ILE F 160 -39.94 5.23 7.45
CA ILE F 160 -39.80 4.59 6.15
C ILE F 160 -40.90 5.08 5.22
N GLY F 161 -40.53 5.42 4.00
CA GLY F 161 -41.49 5.85 3.01
C GLY F 161 -42.02 7.25 3.19
N SER F 162 -41.50 8.01 4.15
CA SER F 162 -41.95 9.38 4.41
C SER F 162 -40.71 10.27 4.44
N GLY F 163 -40.29 10.72 3.27
CA GLY F 163 -39.21 11.69 3.18
C GLY F 163 -37.86 11.10 3.56
N SER F 164 -36.85 11.96 3.42
CA SER F 164 -35.47 11.65 3.74
C SER F 164 -34.80 12.96 4.14
N LEU F 165 -33.47 12.99 4.10
CA LEU F 165 -32.76 14.23 4.29
C LEU F 165 -33.16 15.22 3.21
N THR F 166 -33.16 16.51 3.54
CA THR F 166 -33.45 17.55 2.56
C THR F 166 -32.15 18.17 2.08
N THR F 167 -32.27 19.05 1.07
CA THR F 167 -31.09 19.67 0.50
C THR F 167 -30.32 20.48 1.53
N VAL F 168 -31.02 21.17 2.42
CA VAL F 168 -30.33 21.95 3.44
C VAL F 168 -29.57 21.06 4.41
N ASP F 169 -29.98 19.80 4.54
CA ASP F 169 -29.27 18.88 5.41
C ASP F 169 -27.91 18.52 4.84
N TYR F 170 -27.86 18.11 3.58
CA TYR F 170 -26.59 17.78 2.94
C TYR F 170 -25.58 18.92 3.06
N ARG F 171 -25.99 20.14 2.71
CA ARG F 171 -25.07 21.26 2.76
C ARG F 171 -24.49 21.43 4.16
N GLU F 172 -25.35 21.43 5.17
CA GLU F 172 -24.83 21.52 6.53
C GLU F 172 -23.87 20.39 6.83
N LEU F 173 -24.18 19.19 6.34
CA LEU F 173 -23.32 18.05 6.58
C LEU F 173 -21.97 18.17 5.90
N ALA F 174 -21.92 18.64 4.66
CA ALA F 174 -20.64 18.79 3.98
C ALA F 174 -19.82 19.94 4.51
N LEU F 175 -20.39 20.77 5.40
CA LEU F 175 -19.59 21.75 6.11
C LEU F 175 -18.69 21.13 7.14
N TRP F 176 -19.02 19.92 7.58
CA TRP F 176 -18.26 19.25 8.63
C TRP F 176 -16.77 19.22 8.39
N LEU F 177 -16.32 19.29 7.14
CA LEU F 177 -14.88 19.33 6.96
C LEU F 177 -14.28 20.59 7.56
N GLY F 178 -14.97 21.72 7.42
CA GLY F 178 -14.52 22.90 8.13
C GLY F 178 -14.55 22.75 9.64
N ILE F 179 -15.61 22.12 10.16
CA ILE F 179 -15.69 21.85 11.59
C ILE F 179 -14.52 21.00 12.06
N MET F 180 -14.10 20.03 11.24
CA MET F 180 -13.01 19.16 11.64
C MET F 180 -11.71 19.93 11.78
N PHE F 181 -11.36 20.73 10.77
CA PHE F 181 -10.19 21.57 10.88
C PHE F 181 -10.28 22.55 12.04
N LYS F 182 -11.47 23.09 12.31
CA LYS F 182 -11.60 24.01 13.43
C LYS F 182 -11.37 23.30 14.75
N ALA F 183 -11.94 22.10 14.90
CA ALA F 183 -11.79 21.37 16.15
C ALA F 183 -10.35 20.93 16.36
N SER F 184 -9.71 20.43 15.30
CA SER F 184 -8.33 19.98 15.41
C SER F 184 -7.39 21.11 15.81
N LEU F 185 -7.73 22.34 15.46
CA LEU F 185 -6.93 23.45 15.94
C LEU F 185 -7.32 23.88 17.35
N ALA F 186 -8.62 23.91 17.65
CA ALA F 186 -9.04 24.27 19.00
C ALA F 186 -8.41 23.36 20.03
N VAL F 187 -8.21 22.09 19.68
CA VAL F 187 -7.61 21.15 20.63
C VAL F 187 -6.11 21.33 20.71
N SER F 188 -5.45 21.47 19.56
CA SER F 188 -4.01 21.36 19.49
C SER F 188 -3.30 22.70 19.48
N LEU F 189 -4.01 23.80 19.68
CA LEU F 189 -3.38 25.11 19.59
C LEU F 189 -2.26 25.28 20.62
N SER F 190 -2.50 24.85 21.85
CA SER F 190 -1.48 25.00 22.88
C SER F 190 -0.17 24.32 22.50
N GLY F 191 -0.24 23.09 22.01
CA GLY F 191 0.96 22.38 21.66
C GLY F 191 1.60 22.93 20.40
N ILE F 192 0.76 23.34 19.45
CA ILE F 192 1.28 23.87 18.20
C ILE F 192 2.10 25.13 18.47
N ILE F 193 1.54 26.05 19.24
CA ILE F 193 2.24 27.31 19.53
C ILE F 193 3.54 27.02 20.25
N ALA F 194 3.52 26.12 21.22
CA ALA F 194 4.74 25.81 21.96
C ALA F 194 5.81 25.24 21.05
N LEU F 195 5.43 24.25 20.23
CA LEU F 195 6.40 23.64 19.33
C LEU F 195 6.97 24.68 18.38
N LEU F 196 6.14 25.60 17.91
CA LEU F 196 6.64 26.62 17.00
C LEU F 196 7.62 27.55 17.71
N THR F 197 7.31 27.94 18.95
CA THR F 197 8.23 28.77 19.71
C THR F 197 9.56 28.06 19.90
N VAL F 198 9.53 26.76 20.14
CA VAL F 198 10.78 26.02 20.30
C VAL F 198 11.53 25.96 18.97
N ASN F 199 10.81 25.87 17.86
CA ASN F 199 11.48 25.90 16.57
C ASN F 199 12.12 27.26 16.32
N LEU F 200 11.51 28.33 16.82
CA LEU F 200 12.13 29.63 16.71
C LEU F 200 13.37 29.73 17.59
N SER F 201 13.32 29.09 18.76
CA SER F 201 14.52 29.00 19.59
C SER F 201 15.64 28.29 18.85
N PHE F 202 15.31 27.16 18.20
CA PHE F 202 16.23 26.53 17.27
C PHE F 202 16.83 27.58 16.35
N GLY F 203 15.97 28.25 15.60
CA GLY F 203 16.43 29.20 14.59
C GLY F 203 17.37 30.24 15.13
N VAL F 204 17.11 30.73 16.35
CA VAL F 204 18.04 31.66 16.99
C VAL F 204 19.39 30.99 17.19
N MET F 205 19.39 29.81 17.81
CA MET F 205 20.65 29.13 18.12
C MET F 205 21.41 28.76 16.85
N THR F 206 20.71 28.62 15.73
CA THR F 206 21.38 28.30 14.48
C THR F 206 21.87 29.56 13.78
N ARG F 207 21.12 30.66 13.89
CA ARG F 207 21.62 31.93 13.39
C ARG F 207 22.88 32.33 14.13
N ALA F 208 23.07 31.83 15.34
CA ALA F 208 24.33 32.02 16.04
C ALA F 208 25.52 31.53 15.20
N ALA F 209 25.36 30.39 14.54
CA ALA F 209 26.42 29.82 13.72
C ALA F 209 25.83 28.97 12.60
N PRO F 210 26.13 29.26 11.34
CA PRO F 210 25.48 28.55 10.22
C PRO F 210 25.92 27.11 10.05
N GLN F 211 26.77 26.58 10.93
CA GLN F 211 27.19 25.18 10.85
C GLN F 211 26.05 24.21 11.11
N LEU F 212 25.18 24.53 12.06
CA LEU F 212 24.14 23.59 12.47
C LEU F 212 23.12 23.43 11.35
N ASN F 213 22.98 22.20 10.85
CA ASN F 213 22.22 21.93 9.65
C ASN F 213 21.23 20.81 9.92
N ILE F 214 20.46 20.45 8.90
CA ILE F 214 19.52 19.35 9.00
C ILE F 214 20.22 18.02 9.25
N PHE F 215 21.50 17.91 8.94
CA PHE F 215 22.25 16.69 9.22
C PHE F 215 23.37 16.93 10.23
N SER F 216 23.15 17.85 11.17
CA SER F 216 24.03 17.99 12.32
C SER F 216 23.29 17.70 13.62
N LEU F 217 22.19 18.39 13.87
CA LEU F 217 21.26 18.07 14.95
C LEU F 217 19.85 17.97 14.39
N GLY F 218 19.71 17.25 13.28
CA GLY F 218 18.45 17.22 12.57
C GLY F 218 17.36 16.60 13.40
N PHE F 219 16.31 17.36 13.70
CA PHE F 219 15.03 16.92 14.25
C PHE F 219 15.11 16.44 15.69
N SER F 220 16.27 16.43 16.33
CA SER F 220 16.38 15.87 17.67
C SER F 220 15.43 16.56 18.63
N PHE F 221 15.65 17.86 18.86
CA PHE F 221 14.72 18.60 19.70
C PHE F 221 13.32 18.59 19.11
N ALA F 222 13.22 18.55 17.78
CA ALA F 222 11.91 18.49 17.15
C ALA F 222 11.16 17.23 17.57
N LEU F 223 11.78 16.07 17.41
CA LEU F 223 11.16 14.83 17.85
C LEU F 223 10.81 14.88 19.33
N LEU F 224 11.78 15.28 20.17
CA LEU F 224 11.55 15.29 21.61
C LEU F 224 10.35 16.14 21.98
N VAL F 225 10.33 17.40 21.57
CA VAL F 225 9.25 18.26 21.99
C VAL F 225 7.94 17.87 21.34
N GLY F 226 7.97 17.37 20.10
CA GLY F 226 6.74 16.95 19.47
C GLY F 226 6.09 15.80 20.21
N LEU F 227 6.89 14.88 20.72
CA LEU F 227 6.33 13.79 21.51
C LEU F 227 5.90 14.29 22.88
N LEU F 228 6.67 15.20 23.47
CA LEU F 228 6.40 15.63 24.83
C LEU F 228 5.10 16.42 24.90
N LEU F 229 4.93 17.39 23.99
CA LEU F 229 3.69 18.16 23.96
C LEU F 229 2.52 17.29 23.56
N CYS F 230 2.76 16.22 22.80
CA CYS F 230 1.68 15.28 22.51
C CYS F 230 1.24 14.57 23.78
N TRP F 231 2.19 14.08 24.56
CA TRP F 231 1.85 13.50 25.86
C TRP F 231 1.11 14.52 26.72
N TYR F 232 1.51 15.78 26.64
CA TYR F 232 0.85 16.82 27.42
C TYR F 232 -0.60 16.99 26.98
N ILE F 233 -0.83 17.14 25.67
CA ILE F 233 -2.18 17.25 25.15
C ILE F 233 -3.01 16.04 25.57
N LEU F 234 -2.37 14.89 25.68
CA LEU F 234 -3.09 13.69 26.12
C LEU F 234 -3.75 13.90 27.47
N SER F 235 -3.21 14.80 28.31
CA SER F 235 -3.67 14.91 29.69
C SER F 235 -5.15 15.20 29.79
N GLY F 236 -5.61 16.31 29.21
CA GLY F 236 -7.00 16.68 29.36
C GLY F 236 -7.80 16.50 28.09
N LEU F 237 -7.52 15.42 27.36
CA LEU F 237 -8.11 15.25 26.04
C LEU F 237 -9.56 14.79 26.08
N TYR F 238 -10.01 14.17 27.17
CA TYR F 238 -11.39 13.73 27.20
C TYR F 238 -12.39 14.86 27.22
N THR F 239 -12.02 16.00 27.80
CA THR F 239 -12.95 17.14 27.86
C THR F 239 -13.36 17.60 26.48
N HIS F 240 -12.41 17.89 25.60
CA HIS F 240 -12.75 18.29 24.24
C HIS F 240 -13.57 17.25 23.52
N TYR F 241 -13.23 15.97 23.70
CA TYR F 241 -14.03 14.94 23.06
C TYR F 241 -15.46 14.98 23.56
N GLU F 242 -15.65 15.29 24.84
CA GLU F 242 -17.01 15.39 25.34
C GLU F 242 -17.77 16.53 24.66
N ILE F 243 -17.12 17.68 24.50
CA ILE F 243 -17.77 18.81 23.83
C ILE F 243 -18.17 18.43 22.41
N TYR F 244 -17.21 17.94 21.63
CA TYR F 244 -17.48 17.60 20.24
C TYR F 244 -18.45 16.45 20.10
N TRP F 245 -18.55 15.57 21.09
CA TRP F 245 -19.57 14.55 21.04
C TRP F 245 -20.95 15.17 21.10
N GLN F 246 -21.10 16.26 21.85
CA GLN F 246 -22.40 16.94 21.87
C GLN F 246 -22.76 17.47 20.50
N GLU F 247 -21.80 18.09 19.81
CA GLU F 247 -22.10 18.61 18.48
C GLU F 247 -22.45 17.49 17.52
N THR F 248 -21.63 16.43 17.48
CA THR F 248 -21.92 15.35 16.56
C THR F 248 -23.16 14.57 16.95
N GLU F 249 -23.64 14.72 18.17
CA GLU F 249 -24.89 14.11 18.60
C GLU F 249 -26.10 14.95 18.21
N GLU F 250 -26.06 16.25 18.49
CA GLU F 250 -27.13 17.13 18.03
C GLU F 250 -27.25 17.10 16.52
N GLN F 251 -26.12 16.97 15.82
CA GLN F 251 -26.14 16.93 14.37
C GLN F 251 -26.94 15.74 13.86
N ILE F 252 -26.70 14.58 14.44
CA ILE F 252 -27.50 13.42 14.08
C ILE F 252 -28.95 13.65 14.50
N CYS F 253 -29.15 14.39 15.59
CA CYS F 253 -30.49 14.80 15.94
C CYS F 253 -31.10 15.72 14.90
N ARG F 254 -30.27 16.51 14.22
CA ARG F 254 -30.81 17.36 13.16
C ARG F 254 -31.33 16.53 12.00
N LEU F 255 -30.61 15.47 11.63
CA LEU F 255 -31.05 14.63 10.53
C LEU F 255 -32.40 14.00 10.83
N ILE F 256 -32.41 13.07 11.77
CA ILE F 256 -33.67 12.57 12.32
C ILE F 256 -34.09 13.54 13.41
N ARG F 257 -35.03 14.42 13.05
CA ARG F 257 -35.32 15.64 13.82
C ARG F 257 -35.44 15.39 15.32
N LEU F 258 -36.40 14.57 15.74
CA LEU F 258 -36.33 13.91 17.05
C LEU F 258 -36.45 14.84 18.25
N ASN F 259 -36.44 16.15 18.05
CA ASN F 259 -36.72 17.07 19.14
C ASN F 259 -35.80 16.88 20.33
N CYS F 260 -34.51 17.24 20.19
CA CYS F 260 -33.50 16.98 21.20
C CYS F 260 -33.84 17.54 22.58
N GLU F 261 -33.03 17.17 23.57
CA GLU F 261 -33.20 17.58 24.97
C GLU F 261 -34.38 16.86 25.61
N ASN F 262 -34.57 15.60 25.27
CA ASN F 262 -35.64 14.79 25.83
C ASN F 262 -35.12 13.53 26.51
N LEU F 263 -34.08 12.92 25.94
CA LEU F 263 -33.49 11.71 26.51
C LEU F 263 -32.01 11.67 26.16
N TYR F 264 -31.47 10.46 26.22
CA TYR F 264 -30.05 10.22 25.96
C TYR F 264 -29.71 10.46 24.49
N MET G 1 -11.99 0.65 31.96
CA MET G 1 -13.35 0.79 31.46
C MET G 1 -13.82 2.23 31.65
N THR G 2 -12.94 3.08 32.14
CA THR G 2 -13.25 4.49 32.25
C THR G 2 -12.43 5.29 31.25
N PRO G 3 -12.91 6.46 30.84
CA PRO G 3 -12.11 7.30 29.95
C PRO G 3 -10.79 7.70 30.57
N GLU G 4 -10.80 8.13 31.83
CA GLU G 4 -9.57 8.55 32.48
C GLU G 4 -8.55 7.43 32.61
N ILE G 5 -8.99 6.19 32.86
CA ILE G 5 -8.04 5.09 32.96
C ILE G 5 -7.39 4.78 31.62
N PHE G 6 -8.07 5.00 30.50
CA PHE G 6 -7.47 4.83 29.19
C PHE G 6 -6.42 5.88 28.92
N VAL G 7 -6.71 7.15 29.17
CA VAL G 7 -5.75 8.21 28.96
C VAL G 7 -4.56 8.04 29.88
N GLU G 8 -4.77 7.61 31.12
CA GLU G 8 -3.63 7.30 31.96
C GLU G 8 -2.80 6.17 31.38
N LEU G 9 -3.48 5.10 30.94
CA LEU G 9 -2.80 3.98 30.32
C LEU G 9 -1.99 4.40 29.10
N PHE G 10 -2.43 5.42 28.36
CA PHE G 10 -1.70 5.87 27.19
C PHE G 10 -0.58 6.84 27.52
N LYS G 11 -0.80 7.74 28.47
CA LYS G 11 0.30 8.60 28.92
C LYS G 11 1.44 7.77 29.49
N GLU G 12 1.13 6.63 30.11
CA GLU G 12 2.20 5.72 30.49
C GLU G 12 3.04 5.31 29.29
N SER G 13 2.39 4.87 28.22
CA SER G 13 3.12 4.39 27.05
C SER G 13 3.92 5.51 26.42
N LEU G 14 3.32 6.69 26.32
CA LEU G 14 4.07 7.82 25.78
C LEU G 14 5.26 8.17 26.64
N TRP G 15 5.16 8.04 27.97
CA TRP G 15 6.32 8.27 28.80
C TRP G 15 7.41 7.24 28.51
N LEU G 16 7.01 5.98 28.36
CA LEU G 16 7.98 4.96 27.96
C LEU G 16 8.67 5.34 26.67
N VAL G 17 7.88 5.69 25.66
CA VAL G 17 8.44 6.08 24.37
C VAL G 17 9.43 7.20 24.55
N LEU G 18 9.06 8.22 25.31
CA LEU G 18 9.89 9.41 25.38
C LEU G 18 11.20 9.10 26.11
N ILE G 19 11.15 8.32 27.17
CA ILE G 19 12.39 8.01 27.88
C ILE G 19 13.29 7.14 27.01
N MET G 20 12.70 6.22 26.23
CA MET G 20 13.52 5.43 25.31
C MET G 20 14.19 6.32 24.28
N VAL G 21 13.42 7.23 23.69
CA VAL G 21 13.96 8.05 22.62
C VAL G 21 15.02 9.00 23.15
N CYS G 22 14.84 9.52 24.36
CA CYS G 22 15.91 10.33 24.95
C CYS G 22 17.15 9.49 25.19
N ALA G 23 16.99 8.32 25.81
CA ALA G 23 18.13 7.44 26.07
C ALA G 23 18.92 7.21 24.80
N ILE G 24 18.23 7.03 23.68
CA ILE G 24 18.93 6.72 22.43
C ILE G 24 19.53 7.97 21.81
N ILE G 25 18.80 9.09 21.85
CA ILE G 25 19.14 10.22 21.00
C ILE G 25 20.13 11.14 21.70
N ILE G 26 19.95 11.36 23.01
CA ILE G 26 20.80 12.32 23.73
C ILE G 26 22.29 12.08 23.48
N PRO G 27 22.79 10.84 23.42
CA PRO G 27 24.17 10.67 22.96
C PRO G 27 24.38 11.19 21.55
N SER G 28 23.47 10.87 20.63
CA SER G 28 23.55 11.41 19.28
C SER G 28 23.47 12.93 19.30
N LEU G 29 22.60 13.47 20.15
CA LEU G 29 22.47 14.91 20.25
C LEU G 29 23.78 15.55 20.68
N LEU G 30 24.38 15.03 21.76
CA LEU G 30 25.62 15.61 22.27
C LEU G 30 26.76 15.46 21.26
N ILE G 31 26.84 14.31 20.59
CA ILE G 31 27.92 14.12 19.64
C ILE G 31 27.75 15.01 18.41
N GLY G 32 26.52 15.20 17.93
CA GLY G 32 26.30 16.17 16.88
C GLY G 32 26.64 17.57 17.33
N LEU G 33 26.30 17.90 18.58
CA LEU G 33 26.63 19.21 19.11
C LEU G 33 28.13 19.45 19.09
N VAL G 34 28.90 18.50 19.62
CA VAL G 34 30.34 18.73 19.74
C VAL G 34 31.00 18.73 18.37
N VAL G 35 30.51 17.89 17.45
CA VAL G 35 31.11 17.89 16.13
C VAL G 35 30.78 19.18 15.39
N ALA G 36 29.58 19.72 15.60
CA ALA G 36 29.24 21.02 15.03
C ALA G 36 30.08 22.13 15.64
N ILE G 37 30.35 22.05 16.94
CA ILE G 37 31.22 23.05 17.57
C ILE G 37 32.62 22.98 16.99
N PHE G 38 33.13 21.76 16.79
CA PHE G 38 34.43 21.62 16.15
C PHE G 38 34.41 22.16 14.73
N GLN G 39 33.29 21.98 14.01
CA GLN G 39 33.15 22.58 12.70
C GLN G 39 33.27 24.09 12.77
N ALA G 40 32.46 24.72 13.63
CA ALA G 40 32.44 26.18 13.71
C ALA G 40 33.74 26.73 14.27
N ALA G 41 34.51 25.90 14.98
CA ALA G 41 35.76 26.37 15.56
C ALA G 41 36.76 26.75 14.48
N THR G 42 36.98 25.85 13.52
CA THR G 42 37.88 26.10 12.41
C THR G 42 37.17 26.47 11.13
N SER G 43 35.91 26.91 11.23
CA SER G 43 35.11 27.31 10.08
C SER G 43 35.04 26.22 9.02
N ILE G 44 35.05 24.97 9.45
CA ILE G 44 34.88 23.85 8.52
C ILE G 44 33.40 23.65 8.28
N ASN G 45 32.91 24.09 7.13
CA ASN G 45 31.49 24.11 6.83
C ASN G 45 31.17 22.91 5.94
N GLU G 46 30.83 21.79 6.57
CA GLU G 46 30.45 20.59 5.85
C GLU G 46 29.11 20.10 6.38
N GLN G 47 28.26 19.61 5.48
CA GLN G 47 26.93 19.22 5.89
C GLN G 47 26.87 17.82 6.48
N THR G 48 27.37 16.82 5.77
CA THR G 48 27.17 15.42 6.18
C THR G 48 28.42 14.81 6.79
N LEU G 49 29.41 15.63 7.14
CA LEU G 49 30.49 15.15 8.00
C LEU G 49 29.93 14.58 9.30
N SER G 50 28.97 15.26 9.90
CA SER G 50 28.44 14.91 11.21
C SER G 50 27.51 13.72 11.18
N PHE G 51 27.48 12.96 10.09
CA PHE G 51 26.61 11.80 10.01
C PHE G 51 27.32 10.50 10.39
N LEU G 52 28.63 10.44 10.17
CA LEU G 52 29.38 9.28 10.64
C LEU G 52 29.37 9.18 12.17
N PRO G 53 29.85 10.16 12.93
CA PRO G 53 29.96 9.96 14.37
C PRO G 53 28.60 9.80 15.03
N ARG G 54 27.59 10.52 14.56
CA ARG G 54 26.28 10.43 15.18
C ARG G 54 25.70 9.04 15.00
N LEU G 55 25.79 8.50 13.79
CA LEU G 55 25.33 7.15 13.55
C LEU G 55 26.12 6.14 14.37
N ILE G 56 27.44 6.34 14.46
CA ILE G 56 28.27 5.44 15.26
C ILE G 56 27.81 5.43 16.71
N ILE G 57 27.56 6.61 17.27
CA ILE G 57 27.18 6.68 18.67
C ILE G 57 25.80 6.09 18.88
N THR G 58 24.89 6.27 17.91
CA THR G 58 23.58 5.64 18.05
C THR G 58 23.69 4.13 18.04
N LEU G 59 24.54 3.58 17.16
CA LEU G 59 24.74 2.14 17.16
C LEU G 59 25.35 1.66 18.48
N LEU G 60 26.33 2.40 19.00
CA LEU G 60 26.95 2.00 20.25
C LEU G 60 25.94 2.05 21.39
N ALA G 61 25.06 3.04 21.40
CA ALA G 61 24.06 3.12 22.45
C ALA G 61 23.04 2.00 22.32
N LEU G 62 22.65 1.67 21.09
CA LEU G 62 21.80 0.49 20.88
C LEU G 62 22.45 -0.76 21.45
N MET G 63 23.77 -0.89 21.29
CA MET G 63 24.47 -1.97 21.97
C MET G 63 24.34 -1.82 23.49
N PHE G 64 24.48 -0.59 23.98
CA PHE G 64 24.58 -0.36 25.42
C PHE G 64 23.25 -0.58 26.11
N PHE G 65 22.21 0.12 25.66
CA PHE G 65 20.89 0.06 26.25
C PHE G 65 20.08 -1.12 25.74
N GLY G 66 20.74 -2.10 25.12
CA GLY G 66 19.99 -3.19 24.50
C GLY G 66 19.14 -3.95 25.49
N HIS G 67 19.64 -4.13 26.72
CA HIS G 67 18.93 -4.97 27.67
C HIS G 67 17.92 -4.17 28.49
N TRP G 68 18.31 -2.98 28.95
CA TRP G 68 17.42 -2.20 29.80
C TRP G 68 16.14 -1.86 29.06
N MET G 69 16.24 -1.47 27.79
CA MET G 69 15.05 -1.12 27.04
C MET G 69 14.09 -2.28 26.92
N THR G 70 14.58 -3.44 26.49
CA THR G 70 13.69 -4.57 26.31
C THR G 70 13.11 -5.03 27.63
N GLN G 71 13.88 -4.92 28.70
CA GLN G 71 13.34 -5.29 30.01
C GLN G 71 12.22 -4.36 30.41
N MET G 72 12.43 -3.06 30.23
CA MET G 72 11.40 -2.07 30.49
C MET G 72 10.13 -2.38 29.71
N LEU G 73 10.28 -2.57 28.40
CA LEU G 73 9.09 -2.72 27.57
C LEU G 73 8.37 -4.01 27.88
N MET G 74 9.13 -5.06 28.18
CA MET G 74 8.51 -6.33 28.56
C MET G 74 7.75 -6.20 29.86
N ASP G 75 8.33 -5.52 30.85
CA ASP G 75 7.60 -5.23 32.08
C ASP G 75 6.31 -4.50 31.77
N PHE G 76 6.37 -3.53 30.86
CA PHE G 76 5.17 -2.78 30.53
C PHE G 76 4.12 -3.68 29.91
N PHE G 77 4.52 -4.55 28.98
CA PHE G 77 3.55 -5.42 28.34
C PHE G 77 2.95 -6.39 29.34
N TYR G 78 3.76 -6.85 30.29
CA TYR G 78 3.23 -7.68 31.37
C TYR G 78 2.18 -6.94 32.16
N SER G 79 2.49 -5.71 32.59
CA SER G 79 1.52 -4.92 33.32
C SER G 79 0.24 -4.73 32.52
N MET G 80 0.39 -4.51 31.21
CA MET G 80 -0.78 -4.42 30.34
C MET G 80 -1.63 -5.67 30.45
N ILE G 81 -1.01 -6.84 30.36
CA ILE G 81 -1.79 -8.07 30.40
C ILE G 81 -2.39 -8.29 31.77
N GLU G 82 -1.78 -7.71 32.81
CA GLU G 82 -2.33 -7.83 34.15
C GLU G 82 -3.63 -7.06 34.28
N ARG G 83 -3.74 -5.92 33.60
CA ARG G 83 -4.87 -5.02 33.75
C ARG G 83 -6.10 -5.45 32.96
N LEU G 84 -5.98 -6.50 32.14
CA LEU G 84 -7.09 -6.89 31.27
C LEU G 84 -8.36 -7.29 32.00
N PRO G 85 -8.33 -8.06 33.09
CA PRO G 85 -9.60 -8.46 33.71
C PRO G 85 -10.43 -7.28 34.17
N GLN G 86 -9.80 -6.30 34.81
CA GLN G 86 -10.55 -5.12 35.26
C GLN G 86 -11.09 -4.34 34.07
N VAL G 87 -10.47 -4.51 32.91
CA VAL G 87 -10.99 -3.88 31.69
C VAL G 87 -12.24 -4.62 31.24
N LEU G 88 -12.25 -5.94 31.39
CA LEU G 88 -13.48 -6.67 31.12
C LEU G 88 -14.60 -6.18 32.03
N TYR G 89 -14.28 -5.81 33.26
CA TYR G 89 -15.27 -5.38 34.22
C TYR G 89 -14.62 -4.60 35.36
N MET H 1 15.27 -17.96 22.30
CA MET H 1 14.02 -17.91 23.05
C MET H 1 14.19 -17.11 24.33
N THR H 2 15.45 -16.93 24.74
CA THR H 2 15.71 -16.24 25.99
C THR H 2 15.94 -14.75 25.75
N PRO H 3 15.57 -13.91 26.72
CA PRO H 3 15.87 -12.48 26.62
C PRO H 3 17.35 -12.17 26.52
N GLU H 4 18.22 -13.16 26.62
CA GLU H 4 19.65 -12.95 26.48
C GLU H 4 20.19 -13.44 25.15
N ILE H 5 19.72 -14.59 24.67
CA ILE H 5 20.13 -15.07 23.35
C ILE H 5 19.60 -14.20 22.23
N PHE H 6 18.50 -13.47 22.45
CA PHE H 6 18.00 -12.55 21.46
C PHE H 6 18.60 -11.16 21.57
N VAL H 7 19.17 -10.82 22.73
CA VAL H 7 19.95 -9.60 22.83
C VAL H 7 21.33 -9.78 22.23
N GLU H 8 21.93 -10.96 22.42
CA GLU H 8 23.23 -11.21 21.82
C GLU H 8 23.14 -11.40 20.31
N LEU H 9 22.13 -12.16 19.86
CA LEU H 9 21.87 -12.28 18.44
C LEU H 9 21.66 -10.92 17.80
N PHE H 10 21.14 -9.97 18.56
CA PHE H 10 21.00 -8.60 18.15
C PHE H 10 22.32 -7.85 18.09
N LYS H 11 23.14 -7.96 19.15
CA LYS H 11 24.43 -7.31 19.17
C LYS H 11 25.30 -7.77 18.01
N GLU H 12 25.17 -9.02 17.59
CA GLU H 12 25.94 -9.48 16.43
C GLU H 12 25.66 -8.63 15.19
N SER H 13 24.38 -8.52 14.82
CA SER H 13 24.03 -7.77 13.63
C SER H 13 24.36 -6.31 13.79
N LEU H 14 24.16 -5.75 14.98
CA LEU H 14 24.59 -4.38 15.19
C LEU H 14 26.08 -4.19 14.98
N TRP H 15 26.89 -5.14 15.44
CA TRP H 15 28.33 -5.02 15.23
C TRP H 15 28.67 -5.10 13.74
N LEU H 16 28.00 -6.00 13.02
CA LEU H 16 28.22 -6.06 11.58
C LEU H 16 27.88 -4.74 10.90
N VAL H 17 26.73 -4.17 11.25
CA VAL H 17 26.33 -2.90 10.65
C VAL H 17 27.38 -1.84 10.96
N LEU H 18 27.83 -1.79 12.20
CA LEU H 18 28.83 -0.80 12.57
C LEU H 18 30.09 -0.94 11.73
N ILE H 19 30.63 -2.15 11.65
CA ILE H 19 31.91 -2.31 10.96
C ILE H 19 31.77 -2.07 9.47
N MET H 20 30.68 -2.59 8.87
CA MET H 20 30.44 -2.33 7.45
C MET H 20 30.38 -0.84 7.17
N VAL H 21 29.57 -0.13 7.95
CA VAL H 21 29.38 1.30 7.70
C VAL H 21 30.69 2.05 7.85
N CYS H 22 31.42 1.79 8.95
CA CYS H 22 32.64 2.57 9.14
C CYS H 22 33.64 2.26 8.05
N ALA H 23 33.82 0.98 7.72
CA ALA H 23 34.72 0.62 6.63
C ALA H 23 34.39 1.38 5.36
N ILE H 24 33.10 1.48 5.05
CA ILE H 24 32.72 2.18 3.82
C ILE H 24 32.97 3.68 3.93
N ILE H 25 32.70 4.25 5.10
CA ILE H 25 32.51 5.69 5.16
C ILE H 25 33.79 6.42 5.56
N ILE H 26 34.58 5.86 6.49
CA ILE H 26 35.77 6.56 6.97
C ILE H 26 36.63 7.14 5.85
N PRO H 27 36.84 6.44 4.73
CA PRO H 27 37.54 7.10 3.62
C PRO H 27 36.80 8.33 3.13
N SER H 28 35.47 8.26 3.04
CA SER H 28 34.70 9.41 2.59
C SER H 28 34.84 10.57 3.57
N LEU H 29 34.69 10.30 4.86
CA LEU H 29 34.86 11.36 5.84
C LEU H 29 36.25 11.96 5.76
N LEU H 30 37.28 11.13 5.62
CA LEU H 30 38.64 11.63 5.59
C LEU H 30 38.89 12.50 4.37
N ILE H 31 38.47 12.04 3.19
CA ILE H 31 38.64 12.85 2.00
C ILE H 31 37.83 14.14 2.06
N GLY H 32 36.60 14.09 2.58
CA GLY H 32 35.87 15.32 2.76
C GLY H 32 36.58 16.27 3.71
N LEU H 33 37.14 15.73 4.78
CA LEU H 33 37.82 16.56 5.76
C LEU H 33 39.05 17.23 5.18
N VAL H 34 39.83 16.49 4.38
CA VAL H 34 40.99 17.10 3.78
C VAL H 34 40.57 18.10 2.71
N VAL H 35 39.46 17.85 2.02
CA VAL H 35 38.94 18.85 1.10
C VAL H 35 38.59 20.13 1.84
N ALA H 36 37.93 20.01 2.99
CA ALA H 36 37.60 21.18 3.79
C ALA H 36 38.83 21.89 4.32
N ILE H 37 39.85 21.12 4.72
CA ILE H 37 41.11 21.71 5.14
C ILE H 37 41.72 22.52 4.00
N PHE H 38 41.71 21.95 2.79
CA PHE H 38 42.20 22.68 1.63
C PHE H 38 41.38 23.93 1.38
N GLN H 39 40.07 23.85 1.55
CA GLN H 39 39.22 25.02 1.42
C GLN H 39 39.66 26.11 2.38
N ALA H 40 39.85 25.75 3.65
CA ALA H 40 40.26 26.72 4.65
C ALA H 40 41.63 27.29 4.33
N ALA H 41 42.55 26.47 3.81
CA ALA H 41 43.88 26.95 3.46
C ALA H 41 43.86 27.81 2.20
N THR H 42 42.75 27.80 1.48
CA THR H 42 42.59 28.57 0.26
C THR H 42 41.47 29.58 0.32
N SER H 43 40.89 29.80 1.51
CA SER H 43 39.76 30.71 1.70
C SER H 43 38.59 30.36 0.78
N ILE H 44 38.44 29.08 0.48
CA ILE H 44 37.38 28.62 -0.41
C ILE H 44 36.15 28.28 0.43
N ASN H 45 35.02 28.87 0.10
CA ASN H 45 33.76 28.56 0.75
C ASN H 45 32.80 28.00 -0.29
N GLU H 46 32.91 26.70 -0.55
CA GLU H 46 32.02 26.01 -1.46
C GLU H 46 31.23 24.97 -0.70
N GLN H 47 30.00 24.73 -1.12
CA GLN H 47 29.13 23.81 -0.40
C GLN H 47 29.13 22.42 -1.00
N THR H 48 28.96 22.29 -2.30
CA THR H 48 28.95 20.98 -2.93
C THR H 48 30.26 20.68 -3.64
N LEU H 49 31.35 21.31 -3.21
CA LEU H 49 32.65 21.02 -3.80
C LEU H 49 33.11 19.62 -3.44
N SER H 50 32.98 19.24 -2.17
CA SER H 50 33.51 17.98 -1.68
C SER H 50 32.57 16.82 -1.92
N PHE H 51 31.66 16.94 -2.90
CA PHE H 51 30.79 15.83 -3.20
C PHE H 51 31.48 14.80 -4.07
N LEU H 52 31.93 15.22 -5.26
CA LEU H 52 32.51 14.27 -6.20
C LEU H 52 33.71 13.55 -5.61
N PRO H 53 34.68 14.24 -5.01
CA PRO H 53 35.80 13.50 -4.41
C PRO H 53 35.33 12.53 -3.36
N ARG H 54 34.27 12.87 -2.64
CA ARG H 54 33.77 11.99 -1.60
C ARG H 54 33.01 10.80 -2.16
N LEU H 55 32.24 11.00 -3.22
CA LEU H 55 31.58 9.85 -3.83
C LEU H 55 32.57 8.95 -4.56
N ILE H 56 33.63 9.54 -5.13
CA ILE H 56 34.66 8.73 -5.77
C ILE H 56 35.19 7.68 -4.81
N ILE H 57 35.59 8.11 -3.60
CA ILE H 57 36.14 7.14 -2.67
C ILE H 57 35.04 6.25 -2.12
N THR H 58 33.87 6.80 -1.86
CA THR H 58 32.75 5.98 -1.37
C THR H 58 32.41 4.88 -2.35
N LEU H 59 32.75 5.04 -3.62
CA LEU H 59 32.55 3.97 -4.58
C LEU H 59 33.78 3.09 -4.75
N LEU H 60 34.97 3.69 -4.84
CA LEU H 60 36.19 2.89 -4.97
C LEU H 60 36.33 1.91 -3.82
N ALA H 61 36.02 2.34 -2.61
CA ALA H 61 36.05 1.43 -1.48
C ALA H 61 35.03 0.31 -1.62
N LEU H 62 33.85 0.60 -2.13
CA LEU H 62 32.84 -0.44 -2.28
C LEU H 62 33.24 -1.50 -3.29
N MET H 63 34.11 -1.16 -4.25
CA MET H 63 34.67 -2.15 -5.15
C MET H 63 35.91 -2.83 -4.58
N PHE H 64 36.71 -2.10 -3.82
CA PHE H 64 37.87 -2.67 -3.16
C PHE H 64 37.47 -3.57 -2.01
N PHE H 65 36.40 -3.23 -1.30
CA PHE H 65 35.89 -4.04 -0.21
C PHE H 65 34.73 -4.93 -0.61
N GLY H 66 34.52 -5.14 -1.91
CA GLY H 66 33.35 -5.90 -2.33
C GLY H 66 33.36 -7.32 -1.80
N HIS H 67 34.39 -8.08 -2.14
CA HIS H 67 34.42 -9.50 -1.77
C HIS H 67 34.47 -9.70 -0.26
N TRP H 68 35.26 -8.90 0.45
CA TRP H 68 35.32 -9.05 1.90
C TRP H 68 33.97 -8.81 2.53
N MET H 69 33.25 -7.79 2.08
CA MET H 69 31.94 -7.49 2.65
C MET H 69 30.94 -8.59 2.35
N THR H 70 30.83 -9.00 1.09
CA THR H 70 29.86 -10.04 0.79
C THR H 70 30.21 -11.37 1.41
N GLN H 71 31.49 -11.61 1.72
CA GLN H 71 31.87 -12.80 2.44
C GLN H 71 31.53 -12.72 3.92
N MET H 72 31.80 -11.56 4.53
CA MET H 72 31.47 -11.38 5.94
C MET H 72 29.97 -11.52 6.17
N LEU H 73 29.18 -10.78 5.41
CA LEU H 73 27.74 -10.87 5.59
C LEU H 73 27.21 -12.26 5.27
N MET H 74 27.79 -12.92 4.26
CA MET H 74 27.36 -14.27 3.94
C MET H 74 27.63 -15.21 5.10
N ASP H 75 28.87 -15.21 5.61
CA ASP H 75 29.20 -16.00 6.79
C ASP H 75 28.26 -15.72 7.95
N PHE H 76 27.91 -14.45 8.18
CA PHE H 76 26.94 -14.17 9.22
C PHE H 76 25.61 -14.85 8.95
N PHE H 77 25.04 -14.64 7.77
CA PHE H 77 23.78 -15.28 7.45
C PHE H 77 23.85 -16.78 7.66
N TYR H 78 25.01 -17.37 7.40
CA TYR H 78 25.18 -18.79 7.67
C TYR H 78 25.03 -19.09 9.15
N SER H 79 25.71 -18.35 10.00
CA SER H 79 25.63 -18.56 11.44
C SER H 79 24.26 -18.24 12.01
N MET H 80 23.43 -17.50 11.27
CA MET H 80 22.06 -17.27 11.70
C MET H 80 21.19 -18.50 11.55
N ILE H 81 21.71 -19.57 10.96
CA ILE H 81 20.91 -20.76 10.72
C ILE H 81 21.45 -21.99 11.43
N GLU H 82 22.76 -22.07 11.66
CA GLU H 82 23.29 -23.16 12.47
C GLU H 82 22.64 -23.17 13.84
N ARG H 83 22.41 -21.99 14.42
CA ARG H 83 21.79 -21.87 15.74
C ARG H 83 20.28 -21.87 15.67
N LEU H 84 19.71 -21.99 14.48
CA LEU H 84 18.27 -21.99 14.35
C LEU H 84 17.61 -23.15 15.10
N PRO H 85 18.12 -24.38 14.98
CA PRO H 85 17.48 -25.47 15.73
C PRO H 85 17.66 -25.34 17.23
N GLN H 86 18.82 -24.85 17.68
CA GLN H 86 19.03 -24.67 19.11
C GLN H 86 18.10 -23.63 19.71
N VAL H 87 17.63 -22.66 18.90
CA VAL H 87 16.78 -21.61 19.42
C VAL H 87 15.31 -21.97 19.25
N LEU H 88 14.96 -22.71 18.20
CA LEU H 88 13.59 -23.15 18.04
C LEU H 88 13.12 -23.98 19.23
N TYR H 89 14.04 -24.59 19.96
CA TYR H 89 13.71 -25.31 21.18
C TYR H 89 14.88 -25.30 22.15
N MET I 1 26.14 -17.31 -10.27
CA MET I 1 25.80 -18.22 -9.17
C MET I 1 26.96 -18.33 -8.20
N THR I 2 28.16 -18.03 -8.69
CA THR I 2 29.34 -18.05 -7.83
C THR I 2 29.55 -16.68 -7.19
N PRO I 3 30.08 -16.66 -5.96
CA PRO I 3 30.25 -15.37 -5.27
C PRO I 3 31.14 -14.40 -6.01
N GLU I 4 31.94 -14.84 -6.96
CA GLU I 4 32.84 -13.92 -7.66
C GLU I 4 32.24 -13.36 -8.94
N ILE I 5 31.40 -14.10 -9.65
CA ILE I 5 30.74 -13.52 -10.82
C ILE I 5 29.78 -12.41 -10.43
N PHE I 6 29.13 -12.51 -9.27
CA PHE I 6 28.21 -11.48 -8.85
C PHE I 6 28.92 -10.29 -8.21
N VAL I 7 30.14 -10.46 -7.74
CA VAL I 7 30.89 -9.32 -7.23
C VAL I 7 31.63 -8.62 -8.36
N GLU I 8 32.04 -9.34 -9.39
CA GLU I 8 32.70 -8.67 -10.51
C GLU I 8 31.68 -8.00 -11.41
N LEU I 9 30.56 -8.66 -11.69
CA LEU I 9 29.46 -7.99 -12.36
C LEU I 9 29.01 -6.74 -11.60
N PHE I 10 29.10 -6.77 -10.28
CA PHE I 10 28.80 -5.61 -9.48
C PHE I 10 29.85 -4.52 -9.61
N LYS I 11 31.13 -4.90 -9.63
CA LYS I 11 32.18 -3.95 -9.95
C LYS I 11 31.93 -3.28 -11.28
N GLU I 12 31.39 -4.02 -12.25
CA GLU I 12 31.11 -3.40 -13.55
C GLU I 12 30.10 -2.28 -13.43
N SER I 13 28.99 -2.52 -12.73
CA SER I 13 27.99 -1.47 -12.56
C SER I 13 28.57 -0.30 -11.78
N LEU I 14 29.32 -0.58 -10.72
CA LEU I 14 29.92 0.52 -9.99
C LEU I 14 30.92 1.30 -10.84
N TRP I 15 31.66 0.63 -11.70
CA TRP I 15 32.55 1.33 -12.62
C TRP I 15 31.79 2.21 -13.58
N LEU I 16 30.69 1.71 -14.12
CA LEU I 16 29.80 2.55 -14.92
C LEU I 16 29.39 3.79 -14.16
N VAL I 17 28.89 3.61 -12.94
CA VAL I 17 28.46 4.76 -12.16
C VAL I 17 29.60 5.74 -12.01
N LEU I 18 30.80 5.25 -11.70
CA LEU I 18 31.90 6.16 -11.45
C LEU I 18 32.25 6.94 -12.70
N ILE I 19 32.39 6.27 -13.84
CA ILE I 19 32.80 6.96 -15.06
C ILE I 19 31.74 7.92 -15.56
N MET I 20 30.46 7.53 -15.54
CA MET I 20 29.41 8.47 -15.90
C MET I 20 29.41 9.69 -15.00
N VAL I 21 29.48 9.47 -13.68
CA VAL I 21 29.40 10.58 -12.74
C VAL I 21 30.58 11.52 -12.93
N CYS I 22 31.80 10.98 -13.04
CA CYS I 22 32.94 11.88 -13.18
C CYS I 22 32.90 12.59 -14.53
N ALA I 23 32.39 11.93 -15.57
CA ALA I 23 32.23 12.61 -16.84
C ALA I 23 31.30 13.81 -16.71
N ILE I 24 30.17 13.64 -16.03
CA ILE I 24 29.18 14.69 -15.94
C ILE I 24 29.60 15.79 -14.96
N ILE I 25 30.36 15.45 -13.91
CA ILE I 25 30.48 16.36 -12.78
C ILE I 25 31.79 17.14 -12.76
N ILE I 26 32.89 16.52 -13.16
CA ILE I 26 34.20 17.19 -13.08
C ILE I 26 34.17 18.59 -13.67
N PRO I 27 33.55 18.85 -14.82
CA PRO I 27 33.47 20.25 -15.27
C PRO I 27 32.73 21.14 -14.30
N SER I 28 31.73 20.61 -13.61
CA SER I 28 31.03 21.41 -12.60
C SER I 28 31.96 21.74 -11.44
N LEU I 29 32.81 20.78 -11.04
CA LEU I 29 33.81 21.08 -10.03
C LEU I 29 34.75 22.17 -10.51
N LEU I 30 35.15 22.11 -11.79
CA LEU I 30 36.06 23.11 -12.31
C LEU I 30 35.44 24.49 -12.27
N ILE I 31 34.19 24.62 -12.73
CA ILE I 31 33.57 25.94 -12.74
C ILE I 31 33.33 26.42 -11.31
N GLY I 32 32.91 25.54 -10.41
CA GLY I 32 32.74 25.96 -9.04
C GLY I 32 34.05 26.42 -8.41
N LEU I 33 35.13 25.69 -8.67
CA LEU I 33 36.43 26.07 -8.16
C LEU I 33 36.82 27.45 -8.66
N VAL I 34 36.71 27.69 -9.96
CA VAL I 34 37.18 28.97 -10.49
C VAL I 34 36.28 30.09 -10.01
N VAL I 35 34.99 29.80 -9.80
CA VAL I 35 34.08 30.83 -9.28
C VAL I 35 34.45 31.18 -7.85
N ALA I 36 34.75 30.18 -7.03
CA ALA I 36 35.15 30.46 -5.66
C ALA I 36 36.48 31.22 -5.62
N ILE I 37 37.40 30.87 -6.50
CA ILE I 37 38.65 31.61 -6.61
C ILE I 37 38.38 33.06 -6.98
N PHE I 38 37.43 33.26 -7.90
CA PHE I 38 37.05 34.62 -8.28
C PHE I 38 36.52 35.39 -7.08
N GLN I 39 35.63 34.77 -6.31
CA GLN I 39 35.11 35.42 -5.12
C GLN I 39 36.23 35.76 -4.16
N ALA I 40 37.15 34.83 -3.92
CA ALA I 40 38.20 35.04 -2.94
C ALA I 40 39.15 36.15 -3.36
N ALA I 41 39.54 36.16 -4.64
CA ALA I 41 40.39 37.23 -5.13
C ALA I 41 39.66 38.57 -5.08
N THR I 42 38.36 38.56 -5.35
CA THR I 42 37.55 39.76 -5.31
C THR I 42 36.97 40.04 -3.93
N SER I 43 37.28 39.22 -2.93
CA SER I 43 36.73 39.36 -1.58
C SER I 43 35.20 39.42 -1.63
N ILE I 44 34.59 38.42 -2.25
CA ILE I 44 33.14 38.34 -2.41
C ILE I 44 32.65 37.16 -1.59
N ASN I 45 31.81 37.45 -0.60
CA ASN I 45 31.25 36.39 0.25
C ASN I 45 29.80 36.10 -0.15
N GLU I 46 29.66 35.44 -1.30
CA GLU I 46 28.35 35.06 -1.81
C GLU I 46 28.24 33.55 -1.79
N GLN I 47 27.05 33.05 -1.46
CA GLN I 47 26.86 31.62 -1.35
C GLN I 47 26.39 31.02 -2.67
N THR I 48 25.24 31.45 -3.16
CA THR I 48 24.65 30.83 -4.34
C THR I 48 25.03 31.55 -5.62
N LEU I 49 26.12 32.32 -5.59
CA LEU I 49 26.66 32.87 -6.82
C LEU I 49 27.06 31.73 -7.76
N SER I 50 27.78 30.75 -7.22
CA SER I 50 28.35 29.67 -8.00
C SER I 50 27.29 28.84 -8.73
N PHE I 51 26.07 28.79 -8.21
CA PHE I 51 25.12 27.80 -8.72
C PHE I 51 24.71 28.07 -10.15
N LEU I 52 24.66 29.33 -10.54
CA LEU I 52 24.21 29.62 -11.90
C LEU I 52 25.24 29.15 -12.93
N PRO I 53 26.50 29.58 -12.86
CA PRO I 53 27.47 29.07 -13.83
C PRO I 53 27.68 27.57 -13.70
N ARG I 54 27.63 27.04 -12.49
CA ARG I 54 27.81 25.61 -12.30
C ARG I 54 26.67 24.81 -12.92
N LEU I 55 25.44 25.26 -12.79
CA LEU I 55 24.34 24.61 -13.48
C LEU I 55 24.49 24.74 -14.98
N ILE I 56 24.95 25.89 -15.45
CA ILE I 56 25.24 26.05 -16.87
C ILE I 56 26.15 24.92 -17.35
N ILE I 57 27.22 24.65 -16.62
CA ILE I 57 28.19 23.65 -17.04
C ILE I 57 27.56 22.27 -17.09
N THR I 58 26.89 21.85 -16.02
CA THR I 58 26.35 20.50 -16.00
C THR I 58 25.22 20.32 -17.00
N LEU I 59 24.53 21.39 -17.38
CA LEU I 59 23.54 21.26 -18.42
C LEU I 59 24.15 21.29 -19.81
N LEU I 60 25.31 21.92 -19.96
CA LEU I 60 26.02 21.80 -21.23
C LEU I 60 26.58 20.40 -21.41
N ALA I 61 27.11 19.82 -20.35
CA ALA I 61 27.71 18.50 -20.44
C ALA I 61 26.70 17.42 -20.77
N LEU I 62 25.49 17.49 -20.23
CA LEU I 62 24.44 16.55 -20.54
C LEU I 62 24.11 16.49 -22.02
N MET I 63 24.42 17.55 -22.77
CA MET I 63 24.24 17.55 -24.21
C MET I 63 25.53 17.26 -24.96
N PHE I 64 26.68 17.59 -24.36
CA PHE I 64 27.95 17.26 -24.98
C PHE I 64 28.18 15.75 -24.98
N PHE I 65 27.87 15.09 -23.86
CA PHE I 65 28.15 13.67 -23.67
C PHE I 65 26.92 12.79 -23.77
N GLY I 66 25.80 13.34 -24.22
CA GLY I 66 24.56 12.59 -24.16
C GLY I 66 24.62 11.28 -24.91
N HIS I 67 24.90 11.34 -26.21
CA HIS I 67 24.91 10.13 -27.02
C HIS I 67 25.93 9.12 -26.52
N TRP I 68 27.13 9.58 -26.15
CA TRP I 68 28.15 8.67 -25.63
C TRP I 68 27.66 7.95 -24.39
N MET I 69 27.02 8.67 -23.47
CA MET I 69 26.53 8.06 -22.24
C MET I 69 25.43 7.05 -22.52
N THR I 70 24.41 7.45 -23.27
CA THR I 70 23.33 6.53 -23.56
C THR I 70 23.78 5.37 -24.42
N GLN I 71 24.89 5.50 -25.12
CA GLN I 71 25.49 4.38 -25.83
C GLN I 71 26.21 3.42 -24.89
N MET I 72 27.02 3.98 -23.99
CA MET I 72 27.69 3.17 -22.98
C MET I 72 26.69 2.34 -22.18
N LEU I 73 25.64 3.00 -21.69
CA LEU I 73 24.72 2.29 -20.81
C LEU I 73 23.93 1.25 -21.59
N MET I 74 23.59 1.56 -22.83
CA MET I 74 22.92 0.58 -23.68
C MET I 74 23.81 -0.64 -23.90
N ASP I 75 25.07 -0.42 -24.23
CA ASP I 75 25.99 -1.53 -24.42
C ASP I 75 26.12 -2.34 -23.14
N PHE I 76 26.11 -1.67 -21.99
CA PHE I 76 26.18 -2.39 -20.73
C PHE I 76 24.99 -3.31 -20.56
N PHE I 77 23.78 -2.77 -20.72
CA PHE I 77 22.59 -3.60 -20.64
C PHE I 77 22.67 -4.77 -21.60
N TYR I 78 23.20 -4.52 -22.79
CA TYR I 78 23.32 -5.59 -23.78
C TYR I 78 24.25 -6.68 -23.31
N SER I 79 25.41 -6.30 -22.76
CA SER I 79 26.34 -7.29 -22.23
C SER I 79 25.73 -8.04 -21.06
N MET I 80 24.91 -7.35 -20.27
CA MET I 80 24.20 -8.01 -19.18
C MET I 80 23.33 -9.14 -19.71
N ILE I 81 22.47 -8.82 -20.67
CA ILE I 81 21.63 -9.86 -21.26
C ILE I 81 22.49 -10.96 -21.85
N GLU I 82 23.58 -10.59 -22.55
CA GLU I 82 24.40 -11.59 -23.21
C GLU I 82 24.99 -12.58 -22.21
N ARG I 83 25.49 -12.08 -21.08
CA ARG I 83 26.14 -12.95 -20.12
C ARG I 83 25.16 -13.62 -19.18
N LEU I 84 23.89 -13.21 -19.18
CA LEU I 84 22.91 -13.87 -18.34
C LEU I 84 22.91 -15.39 -18.46
N PRO I 85 22.87 -15.99 -19.66
CA PRO I 85 22.74 -17.46 -19.70
C PRO I 85 23.92 -18.20 -19.12
N GLN I 86 25.10 -17.59 -19.11
CA GLN I 86 26.25 -18.22 -18.48
C GLN I 86 26.22 -18.11 -16.96
N VAL I 87 25.30 -17.33 -16.41
CA VAL I 87 25.14 -17.25 -14.97
C VAL I 87 23.94 -18.05 -14.49
N LEU I 88 22.89 -18.09 -15.30
CA LEU I 88 21.74 -18.94 -14.99
C LEU I 88 22.11 -20.40 -14.83
N TYR I 89 23.15 -20.84 -15.54
CA TYR I 89 23.58 -22.24 -15.52
C TYR I 89 24.92 -22.40 -16.22
N MET J 1 12.06 6.15 -32.38
CA MET J 1 12.48 4.80 -32.06
C MET J 1 14.00 4.67 -32.05
N THR J 2 14.67 5.51 -32.83
CA THR J 2 16.12 5.47 -32.88
C THR J 2 16.73 6.22 -31.69
N PRO J 3 17.87 5.76 -31.20
CA PRO J 3 18.53 6.47 -30.09
C PRO J 3 18.75 7.94 -30.36
N GLU J 4 19.12 8.31 -31.58
CA GLU J 4 19.44 9.70 -31.88
C GLU J 4 18.23 10.61 -31.83
N ILE J 5 17.06 10.16 -32.29
CA ILE J 5 15.84 10.96 -32.16
C ILE J 5 15.44 11.13 -30.71
N PHE J 6 15.85 10.22 -29.83
CA PHE J 6 15.61 10.36 -28.41
C PHE J 6 16.68 11.19 -27.72
N VAL J 7 17.91 11.17 -28.22
CA VAL J 7 18.97 11.98 -27.65
C VAL J 7 18.78 13.44 -27.99
N GLU J 8 18.39 13.73 -29.22
CA GLU J 8 18.16 15.12 -29.60
C GLU J 8 16.92 15.68 -28.93
N LEU J 9 15.85 14.89 -28.86
CA LEU J 9 14.64 15.28 -28.16
C LEU J 9 14.89 15.60 -26.70
N PHE J 10 15.88 14.97 -26.10
CA PHE J 10 16.32 15.26 -24.74
C PHE J 10 17.23 16.47 -24.66
N LYS J 11 18.17 16.60 -25.60
CA LYS J 11 19.03 17.76 -25.66
C LYS J 11 18.22 19.04 -25.78
N GLU J 12 17.12 19.01 -26.54
CA GLU J 12 16.31 20.22 -26.66
C GLU J 12 15.61 20.57 -25.36
N SER J 13 15.09 19.58 -24.65
CA SER J 13 14.50 19.86 -23.35
C SER J 13 15.53 20.47 -22.41
N LEU J 14 16.75 19.93 -22.43
CA LEU J 14 17.81 20.54 -21.64
C LEU J 14 18.09 21.98 -22.04
N TRP J 15 18.18 22.26 -23.34
CA TRP J 15 18.33 23.61 -23.82
C TRP J 15 17.24 24.52 -23.29
N LEU J 16 16.00 24.05 -23.31
CA LEU J 16 14.89 24.78 -22.72
C LEU J 16 15.14 25.10 -21.27
N VAL J 17 15.48 24.08 -20.48
CA VAL J 17 15.72 24.31 -19.06
C VAL J 17 16.77 25.38 -18.88
N LEU J 18 17.85 25.30 -19.66
CA LEU J 18 18.94 26.24 -19.49
C LEU J 18 18.51 27.67 -19.81
N ILE J 19 18.01 27.89 -21.02
CA ILE J 19 17.59 29.22 -21.43
C ILE J 19 16.46 29.76 -20.57
N MET J 20 15.68 28.89 -19.94
CA MET J 20 14.59 29.35 -19.10
C MET J 20 15.11 29.79 -17.75
N VAL J 21 15.93 28.95 -17.11
CA VAL J 21 16.40 29.29 -15.77
C VAL J 21 17.29 30.52 -15.81
N CYS J 22 18.11 30.66 -16.86
CA CYS J 22 19.03 31.79 -16.87
C CYS J 22 18.26 33.10 -16.95
N ALA J 23 17.27 33.16 -17.85
CA ALA J 23 16.43 34.36 -17.96
C ALA J 23 15.92 34.79 -16.60
N ILE J 24 15.69 33.83 -15.71
CA ILE J 24 15.18 34.15 -14.39
C ILE J 24 16.29 34.61 -13.46
N ILE J 25 17.43 33.92 -13.50
CA ILE J 25 18.39 34.07 -12.41
C ILE J 25 19.41 35.16 -12.70
N ILE J 26 19.74 35.37 -13.97
CA ILE J 26 20.74 36.39 -14.32
C ILE J 26 20.50 37.72 -13.64
N PRO J 27 19.27 38.26 -13.57
CA PRO J 27 19.11 39.53 -12.85
C PRO J 27 19.52 39.44 -11.39
N SER J 28 19.12 38.37 -10.71
CA SER J 28 19.60 38.13 -9.36
C SER J 28 21.11 38.06 -9.34
N LEU J 29 21.70 37.39 -10.32
CA LEU J 29 23.15 37.29 -10.41
C LEU J 29 23.78 38.68 -10.43
N LEU J 30 23.28 39.56 -11.30
CA LEU J 30 23.92 40.85 -11.49
C LEU J 30 23.73 41.75 -10.27
N ILE J 31 22.52 41.74 -9.70
CA ILE J 31 22.30 42.57 -8.51
C ILE J 31 23.16 42.07 -7.36
N GLY J 32 23.30 40.75 -7.21
CA GLY J 32 24.18 40.23 -6.20
C GLY J 32 25.62 40.63 -6.44
N LEU J 33 26.05 40.58 -7.69
CA LEU J 33 27.41 40.99 -8.03
C LEU J 33 27.66 42.43 -7.63
N VAL J 34 26.74 43.32 -7.96
CA VAL J 34 26.94 44.73 -7.64
C VAL J 34 26.90 44.95 -6.13
N VAL J 35 25.94 44.35 -5.44
CA VAL J 35 25.82 44.59 -4.01
C VAL J 35 27.03 44.02 -3.27
N ALA J 36 27.59 42.92 -3.77
CA ALA J 36 28.81 42.38 -3.18
C ALA J 36 30.03 43.22 -3.52
N ILE J 37 30.07 43.82 -4.71
CA ILE J 37 31.07 44.84 -4.99
C ILE J 37 30.99 45.96 -3.96
N PHE J 38 29.77 46.29 -3.53
CA PHE J 38 29.63 47.26 -2.44
C PHE J 38 30.03 46.69 -1.10
N GLN J 39 29.64 45.44 -0.82
CA GLN J 39 29.92 44.82 0.48
C GLN J 39 31.41 44.56 0.66
N LEU J 49 21.01 40.30 4.00
CA LEU J 49 21.23 41.60 3.40
C LEU J 49 20.93 41.58 1.91
N SER J 50 21.62 40.68 1.20
CA SER J 50 21.51 40.59 -0.24
C SER J 50 20.56 39.49 -0.70
N PHE J 51 19.61 39.10 0.14
CA PHE J 51 18.65 38.08 -0.25
C PHE J 51 17.27 38.65 -0.54
N LEU J 52 16.76 39.49 0.36
CA LEU J 52 15.45 40.09 0.13
C LEU J 52 15.44 40.90 -1.16
N PRO J 53 16.46 41.73 -1.43
CA PRO J 53 16.56 42.28 -2.79
C PRO J 53 16.65 41.19 -3.84
N ARG J 54 17.49 40.18 -3.62
CA ARG J 54 17.59 39.07 -4.56
C ARG J 54 16.26 38.37 -4.79
N LEU J 55 15.30 38.54 -3.88
CA LEU J 55 13.98 37.96 -4.08
C LEU J 55 13.07 38.92 -4.83
N ILE J 56 13.17 40.21 -4.51
CA ILE J 56 12.44 41.24 -5.24
C ILE J 56 12.67 41.10 -6.73
N ILE J 57 13.94 41.09 -7.14
CA ILE J 57 14.26 41.12 -8.56
C ILE J 57 13.88 39.80 -9.23
N THR J 58 13.95 38.70 -8.49
CA THR J 58 13.48 37.44 -9.06
C THR J 58 11.99 37.49 -9.36
N LEU J 59 11.20 38.04 -8.42
CA LEU J 59 9.78 38.20 -8.68
C LEU J 59 9.54 39.16 -9.85
N LEU J 60 10.38 40.19 -9.97
CA LEU J 60 10.23 41.13 -11.07
C LEU J 60 10.50 40.44 -12.40
N ALA J 61 11.56 39.64 -12.48
CA ALA J 61 11.83 38.90 -13.70
C ALA J 61 10.72 37.91 -13.99
N LEU J 62 10.18 37.28 -12.94
CA LEU J 62 9.00 36.43 -13.10
C LEU J 62 7.88 37.17 -13.81
N MET J 63 7.42 38.27 -13.20
CA MET J 63 6.27 38.97 -13.77
C MET J 63 6.59 39.54 -15.14
N PHE J 64 7.86 39.82 -15.41
CA PHE J 64 8.24 40.37 -16.70
C PHE J 64 8.19 39.32 -17.79
N PHE J 65 8.93 38.22 -17.62
CA PHE J 65 9.13 37.24 -18.67
C PHE J 65 8.18 36.06 -18.57
N GLY J 66 7.18 36.12 -17.68
CA GLY J 66 6.31 34.96 -17.51
C GLY J 66 5.54 34.62 -18.77
N HIS J 67 5.00 35.63 -19.44
CA HIS J 67 4.23 35.36 -20.65
C HIS J 67 5.09 34.67 -21.70
N TRP J 68 6.30 35.17 -21.91
CA TRP J 68 7.19 34.55 -22.88
C TRP J 68 7.58 33.15 -22.45
N MET J 69 7.80 32.94 -21.15
CA MET J 69 8.19 31.62 -20.68
C MET J 69 7.08 30.61 -20.91
N THR J 70 5.87 30.92 -20.48
CA THR J 70 4.77 29.99 -20.68
C THR J 70 4.48 29.79 -22.16
N GLN J 71 4.67 30.84 -22.97
CA GLN J 71 4.47 30.70 -24.40
C GLN J 71 5.50 29.75 -25.00
N MET J 72 6.76 29.89 -24.61
CA MET J 72 7.81 29.01 -25.09
C MET J 72 7.54 27.57 -24.68
N LEU J 73 7.15 27.36 -23.42
CA LEU J 73 6.83 26.01 -22.98
C LEU J 73 5.62 25.43 -23.66
N MET J 74 4.58 26.22 -23.91
CA MET J 74 3.42 25.71 -24.63
C MET J 74 3.81 25.32 -26.05
N ASP J 75 4.61 26.17 -26.71
CA ASP J 75 5.18 25.81 -27.99
C ASP J 75 5.92 24.49 -27.94
N PHE J 76 6.76 24.28 -26.93
CA PHE J 76 7.50 23.04 -26.82
C PHE J 76 6.57 21.85 -26.62
N PHE J 77 5.54 22.01 -25.80
CA PHE J 77 4.56 20.94 -25.62
C PHE J 77 3.88 20.59 -26.92
N TYR J 78 3.45 21.60 -27.68
CA TYR J 78 2.77 21.36 -28.93
C TYR J 78 3.69 20.65 -29.93
N SER J 79 4.94 21.11 -30.02
CA SER J 79 5.88 20.45 -30.92
C SER J 79 6.13 19.01 -30.50
N MET J 80 6.27 18.78 -29.18
CA MET J 80 6.36 17.42 -28.67
C MET J 80 5.21 16.58 -29.17
N ILE J 81 3.99 17.09 -29.03
CA ILE J 81 2.82 16.37 -29.53
C ILE J 81 2.93 16.12 -31.02
N GLU J 82 3.53 17.07 -31.75
CA GLU J 82 3.55 16.98 -33.20
C GLU J 82 4.48 15.86 -33.68
N ARG J 83 5.69 15.82 -33.15
CA ARG J 83 6.66 14.81 -33.56
C ARG J 83 6.37 13.43 -33.00
N LEU J 84 5.20 13.23 -32.41
CA LEU J 84 4.91 11.95 -31.78
C LEU J 84 4.59 10.85 -32.78
N PRO J 85 3.62 10.99 -33.70
CA PRO J 85 3.24 9.84 -34.52
C PRO J 85 4.35 9.34 -35.43
N GLN J 86 5.30 10.20 -35.77
CA GLN J 86 6.46 9.71 -36.53
C GLN J 86 7.34 8.83 -35.67
N VAL J 87 7.44 9.13 -34.37
CA VAL J 87 8.27 8.31 -33.48
C VAL J 87 7.57 7.00 -33.17
N LEU J 88 6.26 7.06 -32.94
CA LEU J 88 5.51 5.82 -32.69
C LEU J 88 5.68 4.85 -33.84
N TYR J 89 5.53 5.33 -35.07
CA TYR J 89 5.71 4.51 -36.26
C TYR J 89 5.74 5.40 -37.50
#